data_3AX7
#
_entry.id   3AX7
#
_cell.length_a   133.477
_cell.length_b   73.151
_cell.length_c   146.267
_cell.angle_alpha   90.00
_cell.angle_beta   98.18
_cell.angle_gamma   90.00
#
_symmetry.space_group_name_H-M   'P 1 21 1'
#
loop_
_entity.id
_entity.type
_entity.pdbx_description
1 polymer 'Xanthine dehydrogenase/oxidase'
2 non-polymer 'FE2/S2 (INORGANIC) CLUSTER'
3 non-polymer 'FLAVIN-ADENINE DINUCLEOTIDE'
4 non-polymer '{[(5aR,8R,9aR)-2-amino-4-oxo-6,7-di(sulfanyl-kappaS)-3,5,5a,8,9a,10-hexahydro-4H-pyrano[3,2-g]pteridin-8-yl]methyl dihydrogenato(2-) phosphate}(hydroxy)oxo(thioxo)molybdenum'
5 non-polymer '2-HYDROXYBENZOIC ACID'
6 non-polymer 'BICARBONATE ION'
7 non-polymer GLYCEROL
8 non-polymer 'CALCIUM ION'
9 water water
#
_entity_poly.entity_id   1
_entity_poly.type   'polypeptide(L)'
_entity_poly.pdbx_seq_one_letter_code
;MTADELVFFVNGKKVVEKNADPETTLLAYLRRKLGLRGTKLGCGEGGCGACTVMLSKYDRLQDKIIHFSANACLAPICTL
HHVAVTTVEGIGSTKTRLHPVQERIAKSHGSQCGFCTPGIVMSMYTLLRNQPEPTVEEIEDAFQGNLCRCTGYRPILQGF
RTFAKNGGCCGGNGNNPNCCMNQKKDHTVTLSPSLFNPEEFMPLDPTQEPIFPPELLRLKDVPPKQLRFEGERVTWIQAS
TLKELLDLKAQHPEAKLVVGNTEIGIEMKFKNQLFPMIICPAWIPELNAVEHGPEGISFGAACALSSVEKTLLEAVAKLP
TQKTEVFRGVLEQLRWFAGKQVKSVASLGGNIITASPISDLNPVFMASGTKLTIVSRGTRRTVPMDHTFFPSYRKTLLGP
EEILLSIEIPYSREDEFFSAFKQASRREDDIAKVTCGMRVLFQPGSMQVKELALCYGGMADRTISALKTTQKQLSKFWNE
KLLQDVCAGLAEELSLSPDAPGGMIEFRRTLTLSFFFKFYLTVLKKLGKDSKDKCGKLDPTYTSATLLFQKHPPANIQLF
QEVPNGQSKEDTVGRPLPHLAAAMQASGEAVYCDDIPRYENELFLRLVTSTRAHAKIKSIDVSEAQKVPGFVCFLSADDI
PGSNETGLFNDETVFAKDTVTCVGHIIGAVVADTPEHAERAAHVVKVTYEDLPAIITIEDAIKNNSFYGSELKIEKGDLK
KGFSEADNVVSGELYIGGQDHFYLETHCTIAIPKGEEGEMELFVSTQNAMKTQSFVAKMLGVPVNRILVRVKRMGGGFGG
KETRSTLVSVAVALAAYKTGHPVRCMLDRNEDMLITGGRHPFLARYKVGFMKTGTIVALEVDHYSNAGNSRDLSHSIMER
ALFHMDNCYKIPNIRGTGRLCKTNLSSNTAFRGFGGPQALFIAENWMSEVAVTCGLPAEEVRWKNMYKEGDLTHFNQRLE
GFSVPRCWDECLKSSQYYARKSEVDKFNKENCWKKRGLCIIPTKFGISFTVPFLNQAGALIHVYTDGSVLVSHGGTEMGQ
GLHTKMVQVASKALKIPISKIYISETSTNTVPNSSPTAASVSTDIYGQAVYEACQTILKRLEPFKKKNPDGSWEDWVMAA
YQDRVSLSTTGFYRTPNLGYSFETNSGNAFHYFTYGVACSEVEIDCLTGDHKNLRTDIVMDVGSSLNPAIDIGQVEGAFV
QGLGLFTLEELHYSPEGSLHTRGPSTYKIPAFGSIPTEFRVSLLRDCPNKKAIYASKAVGEPPLFLGASVFFAIKDAIRA
ARAQHTNNNTKELFRLDSPATPEKIRNACVDKFTTLCVTGAPGNCKPWSLRV
;
_entity_poly.pdbx_strand_id   A,B
#
loop_
_chem_comp.id
_chem_comp.type
_chem_comp.name
_chem_comp.formula
BCT non-polymer 'BICARBONATE ION' 'C H O3 -1'
CA non-polymer 'CALCIUM ION' 'Ca 2'
FAD non-polymer 'FLAVIN-ADENINE DINUCLEOTIDE' 'C27 H33 N9 O15 P2'
FES non-polymer 'FE2/S2 (INORGANIC) CLUSTER' 'Fe2 S2'
GOL non-polymer GLYCEROL 'C3 H8 O3'
SAL non-polymer '2-HYDROXYBENZOIC ACID' 'C7 H6 O3'
XAX non-polymer '{[(5aR,8R,9aR)-2-amino-4-oxo-6,7-di(sulfanyl-kappaS)-3,5,5a,8,9a,10-hexahydro-4H-pyrano[3,2-g]pteridin-8-yl]methyl dihydrogenato(2-) phosphate}(hydroxy)oxo(thioxo)molybdenum' 'C10 H13 Mo N5 O8 P S3'
#
# COMPACT_ATOMS: atom_id res chain seq x y z
N THR A 2 -22.39 27.16 15.12
CA THR A 2 -22.58 27.82 16.46
C THR A 2 -21.45 27.50 17.46
N ALA A 3 -20.62 26.52 17.11
CA ALA A 3 -19.35 26.27 17.79
C ALA A 3 -18.30 27.26 17.31
N ASP A 4 -17.40 27.67 18.20
CA ASP A 4 -16.27 28.52 17.85
C ASP A 4 -15.16 27.72 17.16
N GLU A 5 -14.28 28.41 16.45
CA GLU A 5 -13.16 27.76 15.81
C GLU A 5 -12.05 27.56 16.82
N LEU A 6 -11.45 26.37 16.82
CA LEU A 6 -10.24 26.11 17.60
C LEU A 6 -9.00 26.49 16.80
N VAL A 7 -8.20 27.38 17.32
CA VAL A 7 -7.05 27.88 16.58
C VAL A 7 -5.80 27.66 17.41
N PHE A 8 -4.86 26.91 16.84
CA PHE A 8 -3.57 26.64 17.46
C PHE A 8 -2.44 26.53 16.43
N PHE A 9 -1.24 26.15 16.88
CA PHE A 9 -0.06 26.07 16.00
C PHE A 9 0.70 24.78 16.21
N VAL A 10 1.12 24.18 15.08
CA VAL A 10 1.96 23.00 15.10
C VAL A 10 3.21 23.24 14.25
N ASN A 11 4.38 23.17 14.90
CA ASN A 11 5.65 23.43 14.22
C ASN A 11 5.65 24.71 13.39
N GLY A 12 5.11 25.77 13.97
CA GLY A 12 5.07 27.07 13.31
C GLY A 12 3.84 27.34 12.46
N LYS A 13 3.03 26.31 12.22
CA LYS A 13 1.96 26.43 11.24
C LYS A 13 0.59 26.51 11.86
N LYS A 14 -0.18 27.52 11.47
CA LYS A 14 -1.49 27.75 12.04
C LYS A 14 -2.46 26.63 11.69
N VAL A 15 -3.19 26.15 12.70
CA VAL A 15 -4.23 25.15 12.50
C VAL A 15 -5.56 25.76 12.93
N VAL A 16 -6.54 25.70 12.02
CA VAL A 16 -7.88 26.18 12.28
C VAL A 16 -8.81 24.97 12.21
N GLU A 17 -9.41 24.58 13.32
CA GLU A 17 -10.26 23.40 13.32
C GLU A 17 -11.68 23.82 13.64
N LYS A 18 -12.55 23.80 12.64
CA LYS A 18 -13.88 24.40 12.75
C LYS A 18 -14.89 23.53 13.49
N ASN A 19 -14.54 22.25 13.66
CA ASN A 19 -15.47 21.27 14.23
C ASN A 19 -14.74 20.42 15.28
N ALA A 20 -14.15 21.11 16.25
CA ALA A 20 -13.33 20.48 17.29
C ALA A 20 -14.14 19.63 18.21
N ASP A 21 -13.81 18.35 18.27
CA ASP A 21 -14.45 17.49 19.23
C ASP A 21 -13.67 17.49 20.57
N PRO A 22 -14.34 17.88 21.66
CA PRO A 22 -13.79 17.82 23.01
C PRO A 22 -13.07 16.50 23.33
N GLU A 23 -13.48 15.40 22.70
CA GLU A 23 -12.92 14.09 22.99
C GLU A 23 -11.62 13.79 22.22
N THR A 24 -11.21 14.66 21.29
CA THR A 24 -10.01 14.41 20.49
C THR A 24 -8.73 14.79 21.25
N THR A 25 -7.84 13.82 21.41
CA THR A 25 -6.53 14.04 22.00
C THR A 25 -5.60 14.69 20.98
N LEU A 26 -4.66 15.48 21.46
CA LEU A 26 -3.58 15.94 20.59
C LEU A 26 -2.88 14.83 19.80
N LEU A 27 -2.57 13.72 20.45
CA LEU A 27 -1.90 12.63 19.74
C LEU A 27 -2.74 12.12 18.57
N ALA A 28 -4.02 11.96 18.80
CA ALA A 28 -4.91 11.54 17.73
C ALA A 28 -4.92 12.58 16.59
N TYR A 29 -5.00 13.85 16.92
CA TYR A 29 -5.03 14.91 15.89
C TYR A 29 -3.71 14.99 15.09
N LEU A 30 -2.57 14.98 15.79
CA LEU A 30 -1.28 14.99 15.11
C LEU A 30 -1.17 13.83 14.13
N ARG A 31 -1.55 12.64 14.60
CA ARG A 31 -1.33 11.45 13.77
C ARG A 31 -2.36 11.27 12.67
N ARG A 32 -3.61 11.61 12.93
CA ARG A 32 -4.70 11.25 12.00
C ARG A 32 -5.34 12.41 11.23
N LYS A 33 -5.08 13.65 11.66
CA LYS A 33 -5.41 14.82 10.86
C LYS A 33 -4.20 15.51 10.26
N LEU A 34 -3.08 15.56 10.97
CA LEU A 34 -1.98 16.36 10.41
C LEU A 34 -0.90 15.55 9.71
N GLY A 35 -1.04 14.23 9.73
CA GLY A 35 -0.05 13.32 9.14
C GLY A 35 1.36 13.40 9.74
N LEU A 36 1.48 13.76 11.01
CA LEU A 36 2.78 13.83 11.66
C LEU A 36 2.92 12.62 12.59
N ARG A 37 3.58 11.56 12.12
CA ARG A 37 3.54 10.32 12.88
C ARG A 37 4.81 10.01 13.65
N GLY A 38 5.68 11.01 13.77
CA GLY A 38 6.82 10.93 14.70
C GLY A 38 6.44 10.70 16.16
N THR A 39 5.41 11.41 16.63
CA THR A 39 4.85 11.26 17.99
C THR A 39 4.09 9.92 18.06
N LYS A 40 4.39 9.09 19.06
CA LYS A 40 3.88 7.71 19.10
C LYS A 40 2.88 7.42 20.23
N LEU A 41 2.07 6.39 20.07
CA LEU A 41 1.23 5.89 21.16
C LEU A 41 1.92 4.71 21.80
N GLY A 42 2.24 4.83 23.08
CA GLY A 42 2.82 3.74 23.84
C GLY A 42 2.02 3.24 25.03
N CYS A 43 1.07 4.04 25.55
CA CYS A 43 0.26 3.61 26.68
C CYS A 43 -1.09 4.33 26.78
N GLY A 44 -1.14 5.61 26.41
CA GLY A 44 -2.39 6.38 26.51
C GLY A 44 -2.84 6.71 27.93
N GLU A 45 -1.95 6.51 28.90
CA GLU A 45 -2.27 6.76 30.31
C GLU A 45 -1.25 7.60 31.05
N GLY A 46 -0.31 8.19 30.33
CA GLY A 46 0.58 9.18 30.91
C GLY A 46 1.90 8.64 31.43
N GLY A 47 2.11 7.33 31.40
CA GLY A 47 3.32 6.75 32.00
C GLY A 47 4.61 6.60 31.19
N CYS A 48 4.53 6.69 29.87
CA CYS A 48 5.62 6.18 29.05
C CYS A 48 6.36 7.26 28.26
N GLY A 49 5.68 8.35 27.94
CA GLY A 49 6.35 9.51 27.36
C GLY A 49 6.65 9.40 25.87
N ALA A 50 6.27 8.28 25.27
CA ALA A 50 6.40 8.09 23.82
C ALA A 50 5.73 9.20 23.06
N CYS A 51 4.74 9.85 23.68
CA CYS A 51 3.93 10.84 22.99
C CYS A 51 4.34 12.28 23.32
N THR A 52 5.50 12.43 23.94
CA THR A 52 5.97 13.75 24.42
C THR A 52 6.04 14.74 23.29
N VAL A 53 5.54 15.95 23.52
CA VAL A 53 5.70 17.08 22.60
C VAL A 53 6.11 18.26 23.47
N MET A 54 6.59 19.34 22.85
CA MET A 54 6.72 20.60 23.55
C MET A 54 5.45 21.45 23.34
N LEU A 55 5.02 22.16 24.38
CA LEU A 55 3.94 23.12 24.27
C LEU A 55 4.44 24.53 24.64
N SER A 56 4.11 25.52 23.82
CA SER A 56 4.45 26.90 24.15
C SER A 56 3.17 27.75 24.26
N LYS A 57 3.02 28.45 25.39
CA LYS A 57 1.91 29.39 25.59
C LYS A 57 2.31 30.60 26.42
N TYR A 58 1.61 31.70 26.19
CA TYR A 58 1.85 32.91 26.92
C TYR A 58 1.13 32.80 28.23
N ASP A 59 1.89 32.69 29.31
CA ASP A 59 1.38 33.03 30.62
C ASP A 59 1.16 34.54 30.55
N ARG A 60 -0.08 34.97 30.27
CA ARG A 60 -0.48 36.36 30.46
C ARG A 60 -0.01 36.76 31.87
N LEU A 61 -0.36 35.92 32.86
CA LEU A 61 0.01 36.07 34.30
C LEU A 61 1.30 35.32 34.57
N GLN A 62 2.29 36.02 35.15
CA GLN A 62 3.76 35.70 35.10
C GLN A 62 4.45 36.23 33.80
N ASP A 63 3.60 36.56 32.82
CA ASP A 63 3.90 37.59 31.82
C ASP A 63 5.01 37.27 30.84
N LYS A 64 4.95 36.10 30.22
CA LYS A 64 6.06 35.55 29.42
C LYS A 64 5.58 34.34 28.61
N ILE A 65 6.26 34.06 27.51
CA ILE A 65 6.06 32.78 26.84
C ILE A 65 6.84 31.72 27.61
N ILE A 66 6.13 30.64 27.97
CA ILE A 66 6.75 29.50 28.63
C ILE A 66 6.77 28.27 27.74
N HIS A 67 7.80 27.44 27.87
CA HIS A 67 7.90 26.19 27.13
C HIS A 67 7.96 25.02 28.13
N PHE A 68 7.17 23.98 27.90
CA PHE A 68 7.15 22.81 28.78
C PHE A 68 6.74 21.55 27.99
N SER A 69 7.06 20.38 28.51
CA SER A 69 6.72 19.14 27.82
C SER A 69 5.37 18.65 28.27
N ALA A 70 4.74 17.80 27.46
CA ALA A 70 3.43 17.26 27.79
C ALA A 70 3.18 15.92 27.11
N ASN A 71 2.32 15.11 27.72
CA ASN A 71 1.92 13.87 27.09
C ASN A 71 0.79 14.15 26.13
N ALA A 72 1.06 14.03 24.82
CA ALA A 72 0.03 14.28 23.79
C ALA A 72 -1.15 13.32 23.87
N CYS A 73 -0.96 12.13 24.46
CA CYS A 73 -2.05 11.14 24.57
C CYS A 73 -3.12 11.59 25.55
N LEU A 74 -2.82 12.62 26.34
CA LEU A 74 -3.71 13.10 27.39
C LEU A 74 -4.15 14.56 27.22
N ALA A 75 -3.61 15.25 26.22
CA ALA A 75 -3.91 16.66 26.03
C ALA A 75 -5.10 16.76 25.10
N PRO A 76 -6.24 17.22 25.62
CA PRO A 76 -7.38 17.54 24.76
C PRO A 76 -7.00 18.70 23.85
N ILE A 77 -7.34 18.60 22.55
CA ILE A 77 -7.05 19.70 21.63
C ILE A 77 -7.85 20.93 22.07
N CYS A 78 -9.03 20.73 22.67
CA CYS A 78 -9.80 21.85 23.24
C CYS A 78 -9.14 22.65 24.40
N THR A 79 -8.11 22.10 25.04
CA THR A 79 -7.25 22.92 25.92
C THR A 79 -6.21 23.79 25.17
N LEU A 80 -6.07 23.59 23.86
CA LEU A 80 -4.91 24.12 23.15
C LEU A 80 -5.11 25.44 22.39
N HIS A 81 -6.27 26.08 22.54
CA HIS A 81 -6.53 27.34 21.85
C HIS A 81 -5.43 28.35 22.17
N HIS A 82 -4.82 28.88 21.11
CA HIS A 82 -3.65 29.79 21.16
C HIS A 82 -2.35 29.21 21.77
N VAL A 83 -2.24 27.89 21.77
CA VAL A 83 -1.00 27.21 22.15
C VAL A 83 -0.25 26.74 20.91
N ALA A 84 1.07 26.67 21.04
CA ALA A 84 1.96 26.20 20.00
C ALA A 84 2.56 24.88 20.41
N VAL A 85 2.51 23.92 19.49
CA VAL A 85 2.98 22.58 19.70
C VAL A 85 4.18 22.40 18.83
N THR A 86 5.24 21.82 19.39
CA THR A 86 6.40 21.39 18.64
C THR A 86 6.52 19.87 18.76
N THR A 87 6.59 19.17 17.63
CA THR A 87 6.82 17.72 17.64
C THR A 87 8.24 17.43 17.15
N VAL A 88 8.61 16.15 17.14
CA VAL A 88 9.94 15.73 16.71
C VAL A 88 10.26 16.26 15.30
N GLU A 89 9.25 16.27 14.41
CA GLU A 89 9.41 16.78 13.03
C GLU A 89 9.73 18.27 13.05
N GLY A 90 9.22 18.98 14.07
CA GLY A 90 9.39 20.43 14.20
C GLY A 90 10.85 20.88 14.35
N ILE A 91 11.73 20.01 14.86
CA ILE A 91 13.06 20.45 15.24
C ILE A 91 14.19 20.06 14.28
N GLY A 92 13.88 19.15 13.35
CA GLY A 92 14.88 18.71 12.42
C GLY A 92 14.58 17.34 11.86
N SER A 93 15.26 17.00 10.78
CA SER A 93 15.10 15.71 10.10
C SER A 93 16.24 15.46 9.13
N THR A 94 16.36 14.22 8.68
CA THR A 94 17.40 13.81 7.75
C THR A 94 17.25 14.47 6.38
N LYS A 95 16.05 14.94 6.06
CA LYS A 95 15.81 15.59 4.76
C LYS A 95 16.33 17.02 4.72
N THR A 96 16.36 17.70 5.88
CA THR A 96 16.97 19.02 6.00
C THR A 96 18.26 18.86 6.80
N ARG A 97 18.20 19.18 8.09
CA ARG A 97 19.33 19.01 8.99
C ARG A 97 18.77 18.47 10.30
N LEU A 98 19.50 17.56 10.93
CA LEU A 98 19.10 17.04 12.24
C LEU A 98 19.45 18.03 13.33
N HIS A 99 18.54 18.21 14.28
CA HIS A 99 18.88 18.94 15.49
C HIS A 99 20.02 18.22 16.22
N PRO A 100 20.88 18.98 16.95
CA PRO A 100 21.97 18.32 17.69
C PRO A 100 21.49 17.23 18.66
N VAL A 101 20.34 17.46 19.29
CA VAL A 101 19.77 16.45 20.19
C VAL A 101 19.55 15.13 19.45
N GLN A 102 18.95 15.20 18.26
CA GLN A 102 18.68 14.05 17.40
C GLN A 102 19.97 13.34 16.92
N GLU A 103 20.93 14.12 16.44
CA GLU A 103 22.18 13.54 15.95
C GLU A 103 22.86 12.83 17.10
N ARG A 104 22.88 13.47 18.26
CA ARG A 104 23.60 12.99 19.42
C ARG A 104 23.09 11.65 19.95
N ILE A 105 21.76 11.53 20.08
CA ILE A 105 21.19 10.30 20.59
C ILE A 105 21.40 9.17 19.60
N ALA A 106 21.37 9.49 18.31
CA ALA A 106 21.61 8.51 17.27
C ALA A 106 23.06 7.99 17.32
N LYS A 107 24.02 8.92 17.33
CA LYS A 107 25.42 8.50 17.32
C LYS A 107 25.90 7.89 18.63
N SER A 108 25.23 8.16 19.75
CA SER A 108 25.68 7.61 21.03
C SER A 108 25.13 6.21 21.31
N HIS A 109 24.46 5.62 20.33
CA HIS A 109 23.79 4.31 20.48
C HIS A 109 22.67 4.35 21.53
N GLY A 110 22.02 5.50 21.67
CA GLY A 110 20.86 5.64 22.52
C GLY A 110 19.53 5.18 21.89
N SER A 111 19.56 4.65 20.67
CA SER A 111 18.34 4.19 20.00
C SER A 111 18.55 2.78 19.43
N GLN A 112 17.71 1.85 19.85
CA GLN A 112 17.72 0.51 19.27
C GLN A 112 16.43 0.34 18.46
N CYS A 113 15.33 -0.11 19.07
CA CYS A 113 14.11 -0.24 18.31
C CYS A 113 13.67 1.13 17.79
N GLY A 114 14.00 2.18 18.54
CA GLY A 114 13.69 3.56 18.14
C GLY A 114 12.34 4.11 18.51
N PHE A 115 11.45 3.28 19.07
CA PHE A 115 10.05 3.71 19.28
C PHE A 115 9.91 4.77 20.37
N CYS A 116 10.77 4.68 21.39
CA CYS A 116 10.81 5.69 22.46
C CYS A 116 11.60 6.96 22.13
N THR A 117 12.33 6.94 21.01
CA THR A 117 13.41 7.92 20.79
C THR A 117 12.85 9.32 20.54
N PRO A 118 11.73 9.40 19.77
CA PRO A 118 11.15 10.73 19.54
C PRO A 118 10.69 11.41 20.83
N GLY A 119 10.11 10.64 21.74
CA GLY A 119 9.66 11.20 23.02
C GLY A 119 10.81 11.71 23.86
N ILE A 120 11.89 10.94 23.90
CA ILE A 120 13.08 11.35 24.62
C ILE A 120 13.72 12.59 24.00
N VAL A 121 13.80 12.61 22.67
CA VAL A 121 14.32 13.78 21.95
C VAL A 121 13.56 15.04 22.39
N MET A 122 12.24 14.94 22.49
CA MET A 122 11.42 16.09 22.81
C MET A 122 11.55 16.54 24.25
N SER A 123 11.63 15.59 25.18
CA SER A 123 11.97 15.92 26.56
C SER A 123 13.29 16.74 26.70
N MET A 124 14.36 16.23 26.09
CA MET A 124 15.68 16.88 26.07
C MET A 124 15.60 18.25 25.39
N TYR A 125 14.92 18.29 24.25
CA TYR A 125 14.76 19.54 23.52
C TYR A 125 14.09 20.60 24.39
N THR A 126 13.06 20.19 25.13
CA THR A 126 12.28 21.11 25.97
C THR A 126 13.11 21.63 27.13
N LEU A 127 13.82 20.73 27.81
CA LEU A 127 14.86 21.12 28.74
C LEU A 127 15.80 22.22 28.15
N LEU A 128 16.38 21.98 26.99
CA LEU A 128 17.37 22.93 26.44
C LEU A 128 16.77 24.31 26.11
N ARG A 129 15.47 24.33 25.85
CA ARG A 129 14.79 25.58 25.54
C ARG A 129 14.53 26.43 26.79
N ASN A 130 14.49 25.78 27.96
CA ASN A 130 14.40 26.48 29.24
C ASN A 130 15.77 26.79 29.88
N GLN A 131 16.71 25.87 29.67
CA GLN A 131 18.02 25.95 30.30
C GLN A 131 19.06 25.48 29.30
N PRO A 132 19.66 26.42 28.56
CA PRO A 132 20.58 26.03 27.47
C PRO A 132 21.80 25.28 27.96
N GLU A 133 22.08 25.32 29.25
CA GLU A 133 23.27 24.67 29.81
C GLU A 133 22.88 23.93 31.09
N PRO A 134 22.22 22.75 30.92
CA PRO A 134 21.69 22.02 32.07
C PRO A 134 22.77 21.27 32.85
N THR A 135 22.53 21.00 34.13
CA THR A 135 23.34 20.05 34.87
C THR A 135 22.89 18.63 34.54
N VAL A 136 23.78 17.67 34.81
CA VAL A 136 23.51 16.23 34.71
C VAL A 136 22.20 15.84 35.43
N GLU A 137 21.99 16.37 36.63
CA GLU A 137 20.78 16.13 37.39
C GLU A 137 19.55 16.56 36.62
N GLU A 138 19.62 17.73 35.97
CA GLU A 138 18.46 18.27 35.25
C GLU A 138 18.17 17.40 34.03
N ILE A 139 19.22 16.90 33.41
CA ILE A 139 19.09 16.02 32.25
C ILE A 139 18.36 14.73 32.65
N GLU A 140 18.81 14.09 33.72
CA GLU A 140 18.20 12.82 34.18
C GLU A 140 16.75 13.07 34.59
N ASP A 141 16.51 14.16 35.31
CA ASP A 141 15.15 14.49 35.72
C ASP A 141 14.19 14.76 34.57
N ALA A 142 14.72 15.26 33.45
CA ALA A 142 13.92 15.54 32.26
C ALA A 142 13.23 14.29 31.70
N PHE A 143 13.83 13.12 31.97
CA PHE A 143 13.42 11.83 31.40
C PHE A 143 12.62 10.91 32.32
N GLN A 144 12.31 11.40 33.51
CA GLN A 144 11.47 10.69 34.47
C GLN A 144 10.16 10.11 33.89
N GLY A 145 9.57 10.77 32.89
CA GLY A 145 8.33 10.29 32.29
C GLY A 145 8.54 9.62 30.93
N ASN A 146 9.78 9.22 30.65
CA ASN A 146 10.10 8.56 29.39
C ASN A 146 10.65 7.16 29.62
N LEU A 147 9.98 6.15 29.04
CA LEU A 147 10.41 4.76 29.19
C LEU A 147 11.08 4.20 27.94
N CYS A 148 12.18 3.48 28.14
CA CYS A 148 12.86 2.72 27.09
C CYS A 148 13.04 1.26 27.53
N ARG A 149 12.62 0.34 26.69
CA ARG A 149 12.69 -1.08 26.98
C ARG A 149 13.97 -1.72 26.43
N CYS A 150 14.62 -1.04 25.49
CA CYS A 150 15.70 -1.65 24.71
C CYS A 150 17.12 -1.42 25.27
N THR A 151 17.42 -0.18 25.61
CA THR A 151 18.81 0.27 25.76
C THR A 151 19.47 0.09 27.12
N GLY A 152 18.68 -0.07 28.18
CA GLY A 152 19.23 0.05 29.53
C GLY A 152 19.59 1.47 29.96
N TYR A 153 19.19 2.46 29.16
CA TYR A 153 19.34 3.90 29.48
C TYR A 153 20.75 4.50 29.50
N ARG A 154 21.76 3.74 29.93
CA ARG A 154 23.13 4.28 30.05
C ARG A 154 23.59 5.11 28.83
N PRO A 155 23.49 4.56 27.61
CA PRO A 155 23.99 5.35 26.47
C PRO A 155 23.26 6.64 26.17
N ILE A 156 22.02 6.82 26.65
CA ILE A 156 21.27 8.05 26.35
C ILE A 156 21.79 9.18 27.24
N LEU A 157 21.95 8.86 28.52
CA LEU A 157 22.47 9.81 29.49
C LEU A 157 23.94 10.16 29.19
N GLN A 158 24.77 9.15 28.91
CA GLN A 158 26.14 9.40 28.47
C GLN A 158 26.14 10.33 27.27
N GLY A 159 25.33 10.03 26.27
CA GLY A 159 25.31 10.80 25.05
C GLY A 159 24.87 12.24 25.29
N PHE A 160 23.91 12.46 26.19
CA PHE A 160 23.41 13.80 26.43
C PHE A 160 24.23 14.56 27.45
N ARG A 161 25.12 13.85 28.13
CA ARG A 161 26.05 14.47 29.09
C ARG A 161 26.82 15.62 28.46
N THR A 162 27.05 15.51 27.15
CA THR A 162 27.80 16.50 26.37
C THR A 162 27.13 17.89 26.30
N PHE A 163 25.90 17.99 26.79
CA PHE A 163 25.16 19.27 26.83
C PHE A 163 25.28 19.98 28.17
N ALA A 164 25.86 19.30 29.16
CA ALA A 164 26.01 19.83 30.52
C ALA A 164 27.20 20.77 30.68
N LYS A 165 27.00 21.82 31.49
CA LYS A 165 28.09 22.71 32.00
C LYS A 165 28.83 23.55 30.94
N PRO A 224 -9.58 37.55 25.73
CA PRO A 224 -10.08 36.18 25.79
C PRO A 224 -11.60 36.12 26.03
N LYS A 225 -12.36 35.71 25.02
CA LYS A 225 -13.79 35.53 25.21
C LYS A 225 -14.08 34.04 25.40
N GLN A 226 -15.18 33.73 26.07
CA GLN A 226 -15.66 32.36 26.24
C GLN A 226 -15.78 31.61 24.88
N LEU A 227 -15.23 30.40 24.81
CA LEU A 227 -15.31 29.59 23.59
C LEU A 227 -16.22 28.40 23.83
N ARG A 228 -16.81 27.91 22.75
CA ARG A 228 -17.69 26.76 22.83
C ARG A 228 -17.36 25.76 21.72
N PHE A 229 -17.11 24.51 22.13
CA PHE A 229 -16.86 23.41 21.19
C PHE A 229 -17.91 22.30 21.35
N GLU A 230 -18.29 21.70 20.24
CA GLU A 230 -19.39 20.72 20.24
C GLU A 230 -18.94 19.48 19.51
N GLY A 231 -18.85 18.37 20.25
CA GLY A 231 -18.41 17.12 19.64
C GLY A 231 -19.60 16.23 19.37
N GLU A 232 -19.34 14.97 19.07
CA GLU A 232 -20.37 13.97 18.92
C GLU A 232 -21.16 13.72 20.20
N ARG A 233 -20.51 13.85 21.34
CA ARG A 233 -21.13 13.47 22.60
C ARG A 233 -20.97 14.55 23.66
N VAL A 234 -19.96 15.41 23.50
CA VAL A 234 -19.53 16.30 24.56
C VAL A 234 -19.61 17.74 24.12
N THR A 235 -20.03 18.61 25.03
CA THR A 235 -19.99 20.03 24.81
C THR A 235 -18.96 20.57 25.78
N TRP A 236 -18.06 21.39 25.25
CA TRP A 236 -16.95 21.91 26.04
C TRP A 236 -17.03 23.44 26.06
N ILE A 237 -16.92 24.01 27.26
CA ILE A 237 -16.91 25.46 27.43
C ILE A 237 -15.58 25.95 28.03
N GLN A 238 -14.87 26.75 27.27
CA GLN A 238 -13.65 27.35 27.77
C GLN A 238 -14.04 28.68 28.44
N ALA A 239 -14.08 28.68 29.78
CA ALA A 239 -14.47 29.84 30.56
C ALA A 239 -13.35 30.85 30.63
N SER A 240 -13.67 32.13 30.47
CA SER A 240 -12.64 33.20 30.52
C SER A 240 -12.56 33.95 31.85
N THR A 241 -13.65 33.92 32.64
CA THR A 241 -13.68 34.63 33.93
C THR A 241 -14.29 33.78 35.05
N LEU A 242 -13.90 34.11 36.29
CA LEU A 242 -14.51 33.55 37.47
C LEU A 242 -16.06 33.67 37.48
N LYS A 243 -16.60 34.87 37.18
CA LYS A 243 -18.07 35.03 37.00
C LYS A 243 -18.67 33.96 36.10
N GLU A 244 -18.11 33.80 34.91
CA GLU A 244 -18.62 32.83 33.94
C GLU A 244 -18.64 31.43 34.55
N LEU A 245 -17.52 31.05 35.17
CA LEU A 245 -17.39 29.75 35.81
C LEU A 245 -18.54 29.51 36.80
N LEU A 246 -18.71 30.43 37.74
CA LEU A 246 -19.74 30.28 38.77
C LEU A 246 -21.14 30.25 38.18
N ASP A 247 -21.39 31.06 37.13
CA ASP A 247 -22.69 31.10 36.48
C ASP A 247 -23.00 29.77 35.76
N LEU A 248 -22.07 29.36 34.91
CA LEU A 248 -22.19 28.09 34.21
C LEU A 248 -22.49 26.94 35.17
N LYS A 249 -21.66 26.80 36.21
CA LYS A 249 -21.87 25.79 37.24
C LYS A 249 -23.25 25.87 37.92
N ALA A 250 -23.90 27.02 37.86
CA ALA A 250 -25.21 27.19 38.47
C ALA A 250 -26.29 26.75 37.49
N GLN A 251 -26.15 27.14 36.22
CA GLN A 251 -27.03 26.66 35.16
C GLN A 251 -26.93 25.12 34.98
N HIS A 252 -25.72 24.57 35.13
CA HIS A 252 -25.50 23.11 35.00
C HIS A 252 -24.47 22.60 36.04
N PRO A 253 -24.95 22.28 37.27
CA PRO A 253 -24.11 21.79 38.40
C PRO A 253 -23.41 20.46 38.16
N GLU A 254 -23.93 19.68 37.22
CA GLU A 254 -23.41 18.37 36.87
C GLU A 254 -22.19 18.48 35.95
N ALA A 255 -22.03 19.63 35.31
CA ALA A 255 -20.92 19.90 34.40
C ALA A 255 -19.58 19.53 35.03
N LYS A 256 -18.72 18.85 34.29
CA LYS A 256 -17.42 18.43 34.82
C LYS A 256 -16.33 19.44 34.49
N LEU A 257 -15.56 19.86 35.48
CA LEU A 257 -14.40 20.71 35.22
C LEU A 257 -13.27 19.86 34.65
N VAL A 258 -12.51 20.42 33.69
CA VAL A 258 -11.25 19.80 33.22
C VAL A 258 -10.16 20.85 33.12
N VAL A 259 -9.02 20.58 33.72
CA VAL A 259 -7.87 21.47 33.60
C VAL A 259 -6.80 20.72 32.83
N GLY A 260 -6.01 19.88 33.49
CA GLY A 260 -4.98 19.09 32.81
C GLY A 260 -5.48 17.79 32.21
N ASN A 261 -6.71 17.38 32.54
CA ASN A 261 -7.28 16.15 31.98
C ASN A 261 -6.52 14.83 32.28
N THR A 262 -5.56 14.85 33.19
CA THR A 262 -4.78 13.67 33.48
C THR A 262 -5.52 12.68 34.37
N GLU A 263 -6.63 13.11 34.95
CA GLU A 263 -7.53 12.19 35.64
C GLU A 263 -8.80 11.95 34.83
N ILE A 264 -9.43 13.01 34.33
CA ILE A 264 -10.62 12.88 33.47
C ILE A 264 -10.38 12.02 32.23
N GLY A 265 -9.26 12.26 31.56
CA GLY A 265 -8.87 11.44 30.42
C GLY A 265 -8.87 9.95 30.73
N ILE A 266 -8.29 9.57 31.85
CA ILE A 266 -8.29 8.18 32.30
C ILE A 266 -9.72 7.66 32.55
N GLU A 267 -10.53 8.45 33.26
CA GLU A 267 -11.93 8.06 33.49
C GLU A 267 -12.70 7.86 32.21
N MET A 268 -12.52 8.74 31.24
CA MET A 268 -13.22 8.62 29.97
C MET A 268 -12.72 7.45 29.15
N LYS A 269 -11.40 7.25 29.09
CA LYS A 269 -10.88 6.19 28.22
C LYS A 269 -10.95 4.80 28.85
N PHE A 270 -10.55 4.68 30.11
CA PHE A 270 -10.35 3.37 30.71
C PHE A 270 -11.49 2.92 31.60
N LYS A 271 -12.25 3.87 32.13
CA LYS A 271 -13.28 3.60 33.13
C LYS A 271 -14.66 3.80 32.52
N ASN A 272 -14.69 4.23 31.26
CA ASN A 272 -15.93 4.35 30.47
C ASN A 272 -16.95 5.42 30.87
N GLN A 273 -16.47 6.50 31.50
CA GLN A 273 -17.34 7.61 31.86
C GLN A 273 -17.65 8.46 30.63
N LEU A 274 -18.75 9.20 30.71
CA LEU A 274 -19.09 10.20 29.72
C LEU A 274 -19.71 11.40 30.41
N PHE A 275 -19.05 12.53 30.31
CA PHE A 275 -19.56 13.77 30.88
C PHE A 275 -19.97 14.66 29.71
N PRO A 276 -21.30 14.80 29.50
CA PRO A 276 -21.84 15.43 28.30
C PRO A 276 -21.52 16.91 28.22
N MET A 277 -21.31 17.54 29.38
CA MET A 277 -20.86 18.92 29.43
C MET A 277 -19.59 19.08 30.24
N ILE A 278 -18.61 19.75 29.64
CA ILE A 278 -17.31 20.01 30.29
C ILE A 278 -16.99 21.51 30.35
N ILE A 279 -16.49 21.98 31.48
CA ILE A 279 -16.03 23.36 31.60
C ILE A 279 -14.54 23.38 31.89
N CYS A 280 -13.76 23.97 31.00
CA CYS A 280 -12.33 24.13 31.29
C CYS A 280 -12.10 25.55 31.79
N PRO A 281 -11.56 25.68 33.02
CA PRO A 281 -11.39 27.00 33.60
C PRO A 281 -9.94 27.47 33.65
N ALA A 282 -9.05 26.81 32.90
CA ALA A 282 -7.60 27.10 32.92
C ALA A 282 -7.23 28.56 32.69
N TRP A 283 -7.99 29.28 31.87
CA TRP A 283 -7.65 30.67 31.54
C TRP A 283 -7.85 31.68 32.66
N ILE A 284 -8.68 31.32 33.65
CA ILE A 284 -9.17 32.25 34.67
C ILE A 284 -8.03 32.67 35.56
N PRO A 285 -7.80 33.98 35.72
CA PRO A 285 -6.63 34.46 36.45
C PRO A 285 -6.62 34.07 37.93
N GLU A 286 -7.78 34.10 38.58
CA GLU A 286 -7.83 33.78 40.01
C GLU A 286 -7.46 32.31 40.25
N LEU A 287 -7.78 31.41 39.31
CA LEU A 287 -7.35 30.02 39.46
C LEU A 287 -5.85 29.79 39.17
N ASN A 288 -5.14 30.87 38.83
CA ASN A 288 -3.71 30.79 38.49
C ASN A 288 -2.79 31.68 39.32
N ALA A 289 -3.35 32.40 40.28
CA ALA A 289 -2.55 33.29 41.11
C ALA A 289 -1.63 32.54 42.11
N VAL A 290 -0.40 33.02 42.26
CA VAL A 290 0.46 32.61 43.37
C VAL A 290 0.61 33.79 44.30
N GLU A 291 0.19 33.64 45.56
CA GLU A 291 0.12 34.77 46.48
C GLU A 291 0.82 34.47 47.78
N HIS A 292 1.77 35.31 48.14
CA HIS A 292 2.46 35.21 49.44
C HIS A 292 1.71 35.96 50.55
N GLY A 293 1.37 35.23 51.61
CA GLY A 293 0.66 35.78 52.75
C GLY A 293 1.50 35.68 54.01
N PRO A 294 1.00 36.24 55.13
CA PRO A 294 1.74 36.13 56.40
C PRO A 294 1.72 34.70 56.95
N GLU A 295 0.65 33.96 56.63
CA GLU A 295 0.44 32.59 57.11
C GLU A 295 1.02 31.51 56.18
N GLY A 296 1.18 31.82 54.91
CA GLY A 296 1.73 30.85 53.95
C GLY A 296 1.66 31.32 52.51
N ILE A 297 1.88 30.38 51.59
CA ILE A 297 1.78 30.66 50.15
C ILE A 297 0.53 30.04 49.54
N SER A 298 -0.25 30.87 48.87
CA SER A 298 -1.51 30.43 48.28
C SER A 298 -1.36 30.20 46.78
N PHE A 299 -1.96 29.12 46.28
CA PHE A 299 -1.91 28.74 44.89
C PHE A 299 -3.31 28.63 44.35
N GLY A 300 -3.56 29.21 43.18
CA GLY A 300 -4.87 29.04 42.53
C GLY A 300 -5.04 27.57 42.12
N ALA A 301 -6.27 27.08 42.16
CA ALA A 301 -6.56 25.66 41.98
C ALA A 301 -6.11 25.09 40.65
N ALA A 302 -5.99 25.94 39.63
CA ALA A 302 -5.57 25.50 38.29
C ALA A 302 -4.06 25.47 38.06
N CYS A 303 -3.28 25.96 39.02
CA CYS A 303 -1.80 25.96 38.92
C CYS A 303 -1.20 24.56 38.73
N ALA A 304 -0.27 24.43 37.80
CA ALA A 304 0.38 23.16 37.52
C ALA A 304 1.31 22.77 38.66
N LEU A 305 1.38 21.47 38.93
CA LEU A 305 2.26 20.95 39.97
C LEU A 305 3.70 21.46 39.78
N SER A 306 4.08 21.72 38.54
CA SER A 306 5.42 22.20 38.27
C SER A 306 5.58 23.64 38.78
N SER A 307 4.51 24.46 38.68
CA SER A 307 4.51 25.81 39.31
C SER A 307 4.56 25.73 40.83
N VAL A 308 3.86 24.74 41.39
CA VAL A 308 3.88 24.56 42.84
C VAL A 308 5.30 24.16 43.28
N GLU A 309 5.87 23.17 42.59
CA GLU A 309 7.24 22.72 42.83
C GLU A 309 8.25 23.87 42.76
N LYS A 310 8.19 24.65 41.69
CA LYS A 310 9.12 25.76 41.48
C LYS A 310 8.98 26.86 42.56
N THR A 311 7.75 27.37 42.78
CA THR A 311 7.49 28.31 43.88
C THR A 311 8.00 27.81 45.23
N LEU A 312 7.72 26.55 45.56
CA LEU A 312 8.12 25.98 46.86
C LEU A 312 9.62 25.78 46.97
N LEU A 313 10.28 25.43 45.88
CA LEU A 313 11.73 25.30 45.92
C LEU A 313 12.39 26.63 46.18
N GLU A 314 11.80 27.69 45.61
CA GLU A 314 12.34 29.04 45.77
C GLU A 314 12.15 29.53 47.21
N ALA A 315 11.03 29.14 47.82
CA ALA A 315 10.80 29.45 49.22
C ALA A 315 11.76 28.69 50.14
N VAL A 316 12.03 27.42 49.84
CA VAL A 316 12.93 26.61 50.65
C VAL A 316 14.36 27.12 50.58
N ALA A 317 14.79 27.58 49.40
CA ALA A 317 16.13 28.14 49.22
C ALA A 317 16.26 29.46 49.99
N LYS A 318 15.21 30.27 49.97
CA LYS A 318 15.24 31.61 50.52
C LYS A 318 15.09 31.59 52.04
N LEU A 319 13.95 31.10 52.52
CA LEU A 319 13.53 31.27 53.91
C LEU A 319 14.33 30.42 54.92
N PRO A 320 14.23 30.76 56.22
CA PRO A 320 14.92 29.92 57.20
C PRO A 320 14.23 28.54 57.35
N THR A 321 15.05 27.51 57.57
CA THR A 321 14.58 26.14 57.66
C THR A 321 13.30 26.00 58.48
N GLN A 322 13.25 26.69 59.61
CA GLN A 322 12.13 26.51 60.53
C GLN A 322 10.78 26.94 59.96
N LYS A 323 10.79 27.82 58.96
CA LYS A 323 9.54 28.19 58.28
C LYS A 323 9.07 27.21 57.18
N THR A 324 9.97 26.33 56.70
CA THR A 324 9.66 25.55 55.48
C THR A 324 9.46 24.02 55.66
N GLU A 325 9.07 23.59 56.85
CA GLU A 325 8.87 22.16 57.12
C GLU A 325 7.79 21.55 56.22
N VAL A 326 6.70 22.30 56.01
CA VAL A 326 5.60 21.78 55.23
C VAL A 326 5.95 21.80 53.74
N PHE A 327 6.60 22.89 53.32
CA PHE A 327 7.00 23.04 51.93
C PHE A 327 7.85 21.86 51.55
N ARG A 328 8.75 21.45 52.43
CA ARG A 328 9.64 20.32 52.16
C ARG A 328 8.91 18.97 52.19
N GLY A 329 7.78 18.91 52.89
CA GLY A 329 6.93 17.74 52.82
C GLY A 329 6.34 17.64 51.43
N VAL A 330 5.67 18.72 51.00
CA VAL A 330 5.09 18.82 49.64
C VAL A 330 6.11 18.40 48.57
N LEU A 331 7.29 19.01 48.64
CA LEU A 331 8.35 18.77 47.67
C LEU A 331 8.79 17.32 47.65
N GLU A 332 8.90 16.68 48.82
CA GLU A 332 9.27 15.25 48.87
C GLU A 332 8.25 14.41 48.13
N GLN A 333 6.97 14.69 48.31
CA GLN A 333 5.91 13.89 47.67
C GLN A 333 5.96 14.13 46.18
N LEU A 334 6.32 15.35 45.79
CA LEU A 334 6.48 15.67 44.37
C LEU A 334 7.76 15.12 43.74
N ARG A 335 8.72 14.64 44.55
CA ARG A 335 10.02 14.18 44.02
C ARG A 335 9.83 13.09 42.99
N TRP A 336 9.48 11.89 43.43
CA TRP A 336 9.37 10.76 42.50
C TRP A 336 7.90 10.54 42.20
N PHE A 337 7.40 11.42 41.35
CA PHE A 337 5.98 11.60 41.10
C PHE A 337 5.91 11.67 39.58
N ALA A 338 5.42 10.63 38.93
CA ALA A 338 5.28 10.65 37.46
C ALA A 338 6.56 11.12 36.75
N GLY A 339 6.42 12.05 35.80
CA GLY A 339 7.52 12.80 35.22
C GLY A 339 7.19 14.27 34.94
N LYS A 340 8.10 14.95 34.22
CA LYS A 340 7.91 16.37 33.83
C LYS A 340 6.63 16.63 33.02
N GLN A 341 6.29 15.71 32.11
CA GLN A 341 5.11 15.86 31.26
C GLN A 341 3.82 16.01 32.09
N VAL A 342 3.61 15.06 33.00
CA VAL A 342 2.48 15.08 33.91
C VAL A 342 2.53 16.30 34.83
N LYS A 343 3.67 16.54 35.47
CA LYS A 343 3.79 17.66 36.42
C LYS A 343 3.53 19.03 35.80
N SER A 344 3.83 19.18 34.53
CA SER A 344 3.59 20.43 33.83
C SER A 344 2.15 20.65 33.42
N VAL A 345 1.33 19.59 33.37
CA VAL A 345 -0.12 19.77 33.04
C VAL A 345 -1.11 19.46 34.17
N ALA A 346 -0.72 18.63 35.13
CA ALA A 346 -1.58 18.30 36.27
C ALA A 346 -1.77 19.50 37.17
N SER A 347 -3.02 19.80 37.51
CA SER A 347 -3.26 20.94 38.39
C SER A 347 -3.30 20.47 39.82
N LEU A 348 -3.03 21.40 40.74
CA LEU A 348 -3.10 21.19 42.19
C LEU A 348 -4.49 20.74 42.60
N GLY A 349 -5.49 21.53 42.23
CA GLY A 349 -6.87 21.25 42.61
C GLY A 349 -7.38 19.96 42.02
N GLY A 350 -6.88 19.62 40.84
CA GLY A 350 -7.20 18.35 40.22
C GLY A 350 -6.82 17.20 41.12
N ASN A 351 -5.60 17.24 41.67
CA ASN A 351 -5.18 16.18 42.55
C ASN A 351 -6.08 16.16 43.79
N ILE A 352 -6.24 17.31 44.45
CA ILE A 352 -7.06 17.40 45.67
C ILE A 352 -8.48 16.90 45.43
N ILE A 353 -9.13 17.35 44.37
CA ILE A 353 -10.55 17.03 44.19
C ILE A 353 -10.76 15.62 43.63
N THR A 354 -9.79 15.08 42.90
CA THR A 354 -9.85 13.68 42.48
C THR A 354 -10.07 12.79 43.72
N ALA A 355 -9.40 13.12 44.81
CA ALA A 355 -9.63 12.47 46.09
C ALA A 355 -9.33 10.97 46.03
N SER A 356 -8.20 10.64 45.42
CA SER A 356 -7.81 9.25 45.30
C SER A 356 -7.37 8.77 46.67
N PRO A 357 -7.67 7.51 47.01
CA PRO A 357 -7.09 6.94 48.23
C PRO A 357 -5.55 7.00 48.24
N ILE A 358 -4.89 6.96 47.08
CA ILE A 358 -3.41 6.98 47.09
C ILE A 358 -2.79 8.31 46.62
N SER A 359 -3.58 9.40 46.70
CA SER A 359 -3.08 10.73 46.46
C SER A 359 -1.91 10.94 47.39
N ASP A 360 -0.79 11.40 46.83
CA ASP A 360 0.39 11.68 47.64
C ASP A 360 0.31 13.05 48.30
N LEU A 361 -0.55 13.91 47.78
CA LEU A 361 -0.64 15.27 48.28
C LEU A 361 -1.67 15.44 49.38
N ASN A 362 -2.84 14.81 49.24
CA ASN A 362 -3.90 14.97 50.24
C ASN A 362 -3.47 14.63 51.69
N PRO A 363 -2.67 13.56 51.90
CA PRO A 363 -2.25 13.31 53.27
C PRO A 363 -1.45 14.45 53.86
N VAL A 364 -0.61 15.10 53.02
CA VAL A 364 0.24 16.21 53.46
C VAL A 364 -0.59 17.48 53.76
N PHE A 365 -1.59 17.74 52.94
CA PHE A 365 -2.44 18.88 53.13
C PHE A 365 -3.29 18.71 54.38
N MET A 366 -3.74 17.49 54.64
CA MET A 366 -4.57 17.21 55.80
C MET A 366 -3.77 17.33 57.09
N ALA A 367 -2.56 16.79 57.09
CA ALA A 367 -1.74 16.81 58.29
C ALA A 367 -1.29 18.23 58.68
N SER A 368 -1.23 19.14 57.70
CA SER A 368 -0.76 20.50 57.92
C SER A 368 -1.87 21.58 58.01
N GLY A 369 -3.14 21.18 57.90
CA GLY A 369 -4.25 22.12 57.94
C GLY A 369 -4.19 23.16 56.82
N THR A 370 -3.92 22.66 55.61
CA THR A 370 -3.82 23.48 54.41
C THR A 370 -5.21 24.02 54.12
N LYS A 371 -5.27 25.33 53.93
CA LYS A 371 -6.56 26.03 53.83
C LYS A 371 -7.12 26.01 52.41
N LEU A 372 -8.38 25.64 52.29
CA LEU A 372 -9.04 25.55 51.00
C LEU A 372 -10.12 26.61 50.86
N THR A 373 -10.00 27.48 49.84
CA THR A 373 -10.97 28.51 49.58
C THR A 373 -11.87 28.00 48.48
N ILE A 374 -13.17 27.95 48.80
CA ILE A 374 -14.16 27.27 48.02
C ILE A 374 -15.30 28.22 47.73
N VAL A 375 -15.83 28.14 46.51
CA VAL A 375 -16.61 29.21 45.95
C VAL A 375 -17.67 28.63 45.01
N SER A 376 -18.85 29.22 45.08
CA SER A 376 -19.89 29.06 44.07
C SER A 376 -20.59 30.43 43.93
N ARG A 377 -21.64 30.51 43.12
CA ARG A 377 -22.31 31.80 42.89
C ARG A 377 -22.79 32.39 44.22
N GLY A 378 -22.21 33.52 44.61
CA GLY A 378 -22.53 34.14 45.90
C GLY A 378 -21.74 33.63 47.11
N THR A 379 -21.47 32.34 47.14
CA THR A 379 -20.85 31.71 48.30
C THR A 379 -19.30 31.76 48.28
N ARG A 380 -18.71 31.95 49.46
CA ARG A 380 -17.27 31.85 49.65
C ARG A 380 -16.96 31.43 51.07
N ARG A 381 -16.14 30.39 51.23
CA ARG A 381 -15.70 29.88 52.55
C ARG A 381 -14.25 29.44 52.52
N THR A 382 -13.56 29.48 53.65
CA THR A 382 -12.21 28.95 53.74
C THR A 382 -12.05 27.94 54.89
N VAL A 383 -12.08 26.63 54.58
CA VAL A 383 -11.87 25.60 55.61
C VAL A 383 -10.45 25.03 55.57
N PRO A 384 -9.89 24.70 56.75
CA PRO A 384 -8.64 23.92 56.67
C PRO A 384 -8.97 22.46 56.37
N MET A 385 -8.10 21.79 55.63
CA MET A 385 -8.34 20.40 55.29
C MET A 385 -8.19 19.59 56.56
N ASP A 386 -9.23 18.83 56.89
CA ASP A 386 -9.21 17.92 58.01
C ASP A 386 -9.82 16.58 57.62
N HIS A 387 -9.96 15.67 58.57
CA HIS A 387 -10.46 14.35 58.27
C HIS A 387 -11.86 14.34 57.64
N THR A 388 -12.69 15.35 57.95
CA THR A 388 -14.06 15.40 57.44
C THR A 388 -14.16 15.76 55.96
N PHE A 389 -13.10 16.35 55.40
CA PHE A 389 -13.11 16.74 53.98
C PHE A 389 -13.34 15.59 52.95
N PHE A 390 -13.00 14.37 53.35
CA PHE A 390 -13.24 13.20 52.51
C PHE A 390 -14.25 12.21 53.14
N PRO A 391 -15.57 12.50 53.04
CA PRO A 391 -16.53 11.61 53.68
C PRO A 391 -16.46 10.16 53.16
N SER A 392 -16.27 9.96 51.84
CA SER A 392 -16.32 8.62 51.25
C SER A 392 -15.45 8.46 49.97
N TYR A 393 -15.40 7.24 49.42
CA TYR A 393 -14.67 6.97 48.18
C TYR A 393 -14.88 8.03 47.08
N ARG A 394 -13.77 8.64 46.66
CA ARG A 394 -13.76 9.63 45.56
C ARG A 394 -14.73 10.82 45.75
N LYS A 395 -15.01 11.19 46.98
CA LYS A 395 -15.88 12.34 47.23
C LYS A 395 -15.19 13.31 48.15
N THR A 396 -15.47 14.60 47.95
CA THR A 396 -15.00 15.63 48.88
C THR A 396 -16.21 16.35 49.46
N LEU A 397 -15.97 17.23 50.43
CA LEU A 397 -17.01 18.02 51.06
C LEU A 397 -17.34 19.34 50.29
N LEU A 398 -17.58 19.26 48.99
CA LEU A 398 -18.09 20.39 48.23
C LEU A 398 -19.49 20.05 47.78
N GLY A 399 -20.39 21.04 47.79
CA GLY A 399 -21.68 20.93 47.10
C GLY A 399 -21.46 20.89 45.60
N PRO A 400 -22.49 20.49 44.81
CA PRO A 400 -22.26 20.30 43.37
C PRO A 400 -22.06 21.61 42.60
N GLU A 401 -22.38 22.75 43.23
CA GLU A 401 -22.12 24.07 42.63
C GLU A 401 -20.70 24.58 42.90
N GLU A 402 -20.02 23.97 43.87
CA GLU A 402 -18.80 24.54 44.37
C GLU A 402 -17.56 24.12 43.58
N ILE A 403 -16.65 25.09 43.42
CA ILE A 403 -15.34 24.86 42.82
C ILE A 403 -14.24 25.25 43.81
N LEU A 404 -13.14 24.51 43.79
CA LEU A 404 -12.01 24.86 44.63
C LEU A 404 -11.30 26.04 43.94
N LEU A 405 -11.10 27.13 44.67
CA LEU A 405 -10.47 28.35 44.11
C LEU A 405 -8.97 28.44 44.34
N SER A 406 -8.55 28.34 45.60
CA SER A 406 -7.14 28.40 45.94
C SER A 406 -6.81 27.49 47.13
N ILE A 407 -5.51 27.33 47.36
CA ILE A 407 -4.98 26.42 48.35
C ILE A 407 -3.81 27.13 49.04
N GLU A 408 -4.00 27.50 50.30
CA GLU A 408 -2.93 28.13 51.08
C GLU A 408 -2.15 27.08 51.88
N ILE A 409 -0.90 26.86 51.46
CA ILE A 409 0.01 25.92 52.11
C ILE A 409 0.81 26.66 53.18
N PRO A 410 0.72 26.22 54.45
CA PRO A 410 1.23 27.03 55.56
C PRO A 410 2.73 27.02 55.77
N TYR A 411 3.25 28.15 56.28
CA TYR A 411 4.58 28.19 56.87
C TYR A 411 4.56 27.35 58.14
N SER A 412 5.69 26.73 58.45
CA SER A 412 5.80 26.05 59.74
C SER A 412 6.26 27.05 60.79
N ARG A 413 5.69 26.91 61.99
CA ARG A 413 6.01 27.77 63.12
C ARG A 413 7.20 27.23 63.88
N GLU A 414 7.55 27.94 64.96
CA GLU A 414 8.54 27.52 65.94
C GLU A 414 8.05 26.26 66.65
N ASP A 415 8.98 25.34 66.93
CA ASP A 415 8.64 24.03 67.54
C ASP A 415 7.54 23.29 66.77
N GLU A 416 7.65 23.29 65.45
CA GLU A 416 6.70 22.60 64.60
C GLU A 416 7.51 21.86 63.54
N PHE A 417 7.29 20.56 63.42
CA PHE A 417 8.08 19.75 62.50
C PHE A 417 7.21 18.90 61.59
N PHE A 418 7.75 18.57 60.42
CA PHE A 418 6.97 17.90 59.41
C PHE A 418 7.79 16.92 58.59
N SER A 419 7.19 15.78 58.30
CA SER A 419 7.76 14.80 57.36
C SER A 419 6.64 14.25 56.49
N ALA A 420 7.01 13.84 55.27
CA ALA A 420 6.14 13.10 54.35
C ALA A 420 6.91 11.90 53.85
N PHE A 421 6.22 10.78 53.62
CA PHE A 421 6.85 9.58 53.07
C PHE A 421 5.89 8.87 52.14
N LYS A 422 6.44 8.12 51.18
CA LYS A 422 5.61 7.23 50.37
C LYS A 422 6.29 5.89 50.03
N GLN A 423 5.44 4.86 49.94
CA GLN A 423 5.76 3.51 49.51
C GLN A 423 6.38 3.50 48.12
N ALA A 424 7.48 2.76 48.01
CA ALA A 424 8.22 2.62 46.78
C ALA A 424 7.62 1.57 45.81
N SER A 425 6.37 1.16 46.01
CA SER A 425 5.68 0.30 45.03
C SER A 425 4.23 0.73 44.78
N ARG A 426 3.71 0.39 43.62
CA ARG A 426 2.29 0.51 43.37
C ARG A 426 1.79 -0.62 42.53
N ARG A 427 0.76 -1.29 43.00
CA ARG A 427 0.32 -2.52 42.39
C ARG A 427 -1.16 -2.48 41.95
N GLU A 428 -1.86 -1.40 42.29
CA GLU A 428 -3.30 -1.28 42.07
C GLU A 428 -3.64 0.11 41.55
N ASP A 429 -4.77 0.23 40.86
CA ASP A 429 -5.12 1.51 40.23
C ASP A 429 -5.29 2.66 41.22
N ASP A 430 -5.96 2.43 42.35
CA ASP A 430 -6.07 3.55 43.28
C ASP A 430 -6.18 3.18 44.75
N ILE A 431 -5.56 2.07 45.14
CA ILE A 431 -5.60 1.64 46.54
C ILE A 431 -4.26 1.07 46.94
N ALA A 432 -4.04 1.01 48.25
CA ALA A 432 -3.03 0.14 48.86
C ALA A 432 -1.62 0.56 48.56
N LYS A 433 -1.43 1.85 48.33
CA LYS A 433 -0.09 2.40 48.29
C LYS A 433 0.00 3.35 49.46
N VAL A 434 0.84 3.00 50.44
CA VAL A 434 0.95 3.79 51.67
C VAL A 434 1.72 5.09 51.45
N THR A 435 1.06 6.18 51.82
CA THR A 435 1.64 7.50 51.68
C THR A 435 1.10 8.39 52.82
N CYS A 436 1.93 9.30 53.33
CA CYS A 436 1.55 10.03 54.53
C CYS A 436 2.16 11.42 54.74
N GLY A 437 1.47 12.18 55.59
CA GLY A 437 1.97 13.46 56.07
C GLY A 437 1.99 13.38 57.57
N MET A 438 3.06 13.89 58.19
CA MET A 438 3.20 13.86 59.64
C MET A 438 3.70 15.18 60.18
N ARG A 439 3.00 15.66 61.20
CA ARG A 439 3.26 16.96 61.77
C ARG A 439 3.18 16.87 63.30
N VAL A 440 4.14 17.52 63.97
CA VAL A 440 4.12 17.70 65.41
C VAL A 440 4.36 19.17 65.81
N LEU A 441 3.59 19.65 66.77
CA LEU A 441 3.86 20.96 67.37
C LEU A 441 4.01 20.76 68.89
N PHE A 442 5.15 21.19 69.41
CA PHE A 442 5.44 21.11 70.84
C PHE A 442 5.12 22.44 71.55
N GLN A 443 5.06 22.41 72.89
CA GLN A 443 4.96 23.63 73.69
C GLN A 443 6.26 24.42 73.50
N PRO A 444 6.17 25.78 73.51
CA PRO A 444 7.34 26.60 73.19
C PRO A 444 8.66 26.11 73.82
N GLY A 445 9.66 25.85 72.97
CA GLY A 445 10.97 25.34 73.39
C GLY A 445 11.02 23.97 74.07
N SER A 446 9.91 23.25 74.08
CA SER A 446 9.85 21.99 74.83
C SER A 446 9.91 20.74 73.94
N MET A 447 9.71 19.57 74.53
CA MET A 447 9.45 18.34 73.79
C MET A 447 8.09 17.78 74.19
N GLN A 448 7.24 18.63 74.73
CA GLN A 448 5.90 18.22 75.11
C GLN A 448 4.95 18.47 73.93
N VAL A 449 4.33 17.40 73.45
CA VAL A 449 3.35 17.46 72.35
C VAL A 449 2.17 18.36 72.67
N LYS A 450 1.98 19.40 71.88
CA LYS A 450 0.73 20.19 71.87
C LYS A 450 -0.22 19.78 70.73
N GLU A 451 0.36 19.48 69.56
CA GLU A 451 -0.42 18.93 68.43
C GLU A 451 0.36 17.84 67.70
N LEU A 452 -0.37 16.82 67.26
CA LEU A 452 0.17 15.73 66.49
C LEU A 452 -0.86 15.30 65.45
N ALA A 453 -0.44 15.31 64.19
CA ALA A 453 -1.28 14.82 63.09
C ALA A 453 -0.54 13.72 62.29
N LEU A 454 -1.23 12.62 62.04
CA LEU A 454 -0.66 11.54 61.23
C LEU A 454 -1.73 11.16 60.24
N CYS A 455 -1.49 11.47 58.96
CA CYS A 455 -2.50 11.26 57.93
C CYS A 455 -1.97 10.34 56.85
N TYR A 456 -2.81 9.38 56.47
CA TYR A 456 -2.38 8.27 55.62
C TYR A 456 -3.28 8.03 54.41
N GLY A 457 -2.64 7.87 53.26
CA GLY A 457 -3.30 7.37 52.06
C GLY A 457 -3.03 5.88 51.92
N GLY A 458 -3.82 5.20 51.11
CA GLY A 458 -3.55 3.79 50.85
C GLY A 458 -3.77 2.82 51.99
N MET A 459 -4.48 3.26 53.03
CA MET A 459 -4.83 2.39 54.16
C MET A 459 -6.33 2.20 54.30
N ALA A 460 -7.08 2.82 53.39
CA ALA A 460 -8.55 2.77 53.34
C ALA A 460 -8.97 3.29 51.97
N ASP A 461 -10.28 3.43 51.76
CA ASP A 461 -10.80 3.94 50.50
C ASP A 461 -10.82 5.50 50.41
N ARG A 462 -10.06 6.15 51.28
CA ARG A 462 -9.92 7.60 51.30
C ARG A 462 -8.73 7.93 52.20
N THR A 463 -8.18 9.14 52.02
CA THR A 463 -7.18 9.69 52.94
C THR A 463 -7.77 9.73 54.34
N ILE A 464 -7.04 9.21 55.32
CA ILE A 464 -7.53 9.21 56.70
C ILE A 464 -6.52 9.75 57.69
N SER A 465 -7.02 10.10 58.87
CA SER A 465 -6.16 10.60 59.93
C SER A 465 -6.21 9.66 61.14
N ALA A 466 -5.06 9.36 61.74
CA ALA A 466 -5.00 8.50 62.94
C ALA A 466 -5.39 9.26 64.21
N LEU A 467 -6.64 9.68 64.27
CA LEU A 467 -7.14 10.62 65.28
C LEU A 467 -7.07 10.12 66.72
N LYS A 468 -7.53 8.90 66.93
CA LYS A 468 -7.56 8.29 68.24
C LYS A 468 -6.14 8.07 68.74
N THR A 469 -5.22 7.70 67.87
CA THR A 469 -3.85 7.51 68.27
C THR A 469 -3.15 8.82 68.69
N THR A 470 -3.32 9.87 67.89
CA THR A 470 -2.59 11.14 68.12
C THR A 470 -3.13 11.90 69.33
N GLN A 471 -4.45 11.85 69.48
CA GLN A 471 -5.16 12.48 70.58
C GLN A 471 -4.68 11.93 71.93
N LYS A 472 -4.46 10.61 72.00
CA LYS A 472 -3.83 9.98 73.17
C LYS A 472 -2.43 10.51 73.51
N GLN A 473 -1.82 11.30 72.62
CA GLN A 473 -0.44 11.73 72.84
C GLN A 473 -0.30 13.17 73.30
N LEU A 474 -1.40 13.90 73.27
CA LEU A 474 -1.39 15.29 73.69
C LEU A 474 -0.85 15.42 75.11
N SER A 475 0.16 16.26 75.28
CA SER A 475 0.85 16.49 76.56
C SER A 475 1.91 15.47 76.98
N LYS A 476 2.11 14.42 76.19
CA LYS A 476 3.18 13.47 76.47
C LYS A 476 4.53 13.99 75.95
N PHE A 477 5.62 13.42 76.42
CA PHE A 477 6.93 13.84 75.96
C PHE A 477 7.43 12.95 74.84
N TRP A 478 8.26 13.52 73.97
CA TRP A 478 8.77 12.84 72.79
C TRP A 478 9.93 11.93 73.16
N ASN A 479 9.61 10.70 73.57
CA ASN A 479 10.58 9.70 74.03
C ASN A 479 10.21 8.28 73.62
N GLU A 480 10.88 7.29 74.21
CA GLU A 480 10.70 5.90 73.85
C GLU A 480 9.28 5.37 74.10
N LYS A 481 8.72 5.81 75.22
CA LYS A 481 7.38 5.44 75.63
C LYS A 481 6.35 5.93 74.62
N LEU A 482 6.55 7.14 74.11
CA LEU A 482 5.64 7.71 73.12
C LEU A 482 5.70 6.91 71.80
N LEU A 483 6.91 6.63 71.34
CA LEU A 483 7.13 5.77 70.18
C LEU A 483 6.30 4.50 70.30
N GLN A 484 6.46 3.84 71.43
CA GLN A 484 5.74 2.62 71.73
C GLN A 484 4.20 2.81 71.69
N ASP A 485 3.69 3.83 72.39
CA ASP A 485 2.26 4.14 72.41
C ASP A 485 1.63 4.43 71.02
N VAL A 486 2.33 5.22 70.20
CA VAL A 486 1.88 5.55 68.85
C VAL A 486 1.84 4.32 67.94
N CYS A 487 2.90 3.50 67.97
CA CYS A 487 2.91 2.26 67.19
C CYS A 487 1.78 1.29 67.57
N ALA A 488 1.49 1.16 68.86
CA ALA A 488 0.38 0.30 69.32
C ALA A 488 -0.96 0.81 68.79
N GLY A 489 -1.14 2.12 68.85
CA GLY A 489 -2.34 2.78 68.36
C GLY A 489 -2.47 2.62 66.88
N LEU A 490 -1.39 2.90 66.16
CA LEU A 490 -1.40 2.79 64.70
C LEU A 490 -1.78 1.41 64.20
N ALA A 491 -1.19 0.37 64.80
CA ALA A 491 -1.45 -1.02 64.41
C ALA A 491 -2.90 -1.39 64.66
N GLU A 492 -3.53 -0.74 65.62
CA GLU A 492 -4.91 -1.03 65.97
C GLU A 492 -5.85 -0.22 65.10
N GLU A 493 -5.70 1.11 65.17
CA GLU A 493 -6.63 2.03 64.51
C GLU A 493 -6.67 1.85 63.00
N LEU A 494 -5.52 1.51 62.40
CA LEU A 494 -5.42 1.29 60.95
C LEU A 494 -5.34 -0.19 60.52
N SER A 495 -5.75 -1.12 61.40
CA SER A 495 -5.67 -2.55 61.10
C SER A 495 -6.46 -2.93 59.86
N LEU A 496 -5.93 -3.92 59.15
CA LEU A 496 -6.53 -4.40 57.94
C LEU A 496 -6.95 -5.84 58.12
N SER A 497 -8.20 -6.12 57.74
CA SER A 497 -8.71 -7.49 57.72
C SER A 497 -7.91 -8.25 56.68
N PRO A 498 -7.73 -9.59 56.83
CA PRO A 498 -6.77 -10.24 55.94
C PRO A 498 -7.25 -10.31 54.49
N ASP A 499 -8.52 -9.96 54.23
CA ASP A 499 -9.05 -9.91 52.88
C ASP A 499 -9.26 -8.48 52.35
N ALA A 500 -8.65 -7.48 53.02
CA ALA A 500 -8.73 -6.07 52.62
C ALA A 500 -8.33 -5.84 51.17
N PRO A 501 -9.06 -4.97 50.42
CA PRO A 501 -8.73 -4.75 49.01
C PRO A 501 -7.29 -4.24 48.83
N GLY A 502 -6.57 -4.77 47.84
CA GLY A 502 -5.18 -4.40 47.61
C GLY A 502 -4.13 -5.35 48.16
N GLY A 503 -4.50 -6.16 49.16
CA GLY A 503 -3.58 -7.13 49.75
C GLY A 503 -2.38 -6.45 50.43
N MET A 504 -1.23 -7.10 50.38
CA MET A 504 -0.01 -6.56 51.02
C MET A 504 -0.24 -6.11 52.46
N ILE A 505 -0.91 -6.93 53.25
CA ILE A 505 -1.40 -6.52 54.58
C ILE A 505 -0.27 -6.25 55.55
N GLU A 506 0.66 -7.20 55.61
CA GLU A 506 1.77 -7.15 56.53
C GLU A 506 2.63 -5.93 56.21
N PHE A 507 2.94 -5.77 54.91
CA PHE A 507 3.80 -4.71 54.42
C PHE A 507 3.21 -3.37 54.78
N ARG A 508 1.92 -3.18 54.46
CA ARG A 508 1.25 -1.89 54.75
C ARG A 508 1.31 -1.46 56.23
N ARG A 509 0.89 -2.37 57.13
CA ARG A 509 1.00 -2.20 58.57
C ARG A 509 2.43 -1.82 58.97
N THR A 510 3.37 -2.58 58.45
CA THR A 510 4.77 -2.32 58.72
C THR A 510 5.20 -0.92 58.30
N LEU A 511 4.81 -0.50 57.10
CA LEU A 511 5.16 0.85 56.65
C LEU A 511 4.48 1.96 57.48
N THR A 512 3.23 1.78 57.89
CA THR A 512 2.63 2.80 58.76
C THR A 512 3.51 3.01 60.00
N LEU A 513 3.98 1.94 60.63
CA LEU A 513 4.86 2.08 61.82
C LEU A 513 6.25 2.61 61.49
N SER A 514 6.86 2.10 60.43
CA SER A 514 8.25 2.46 60.12
C SER A 514 8.35 3.88 59.58
N PHE A 515 7.31 4.35 58.90
CA PHE A 515 7.27 5.75 58.50
C PHE A 515 7.21 6.62 59.73
N PHE A 516 6.41 6.24 60.72
CA PHE A 516 6.36 7.01 61.94
C PHE A 516 7.69 7.00 62.70
N PHE A 517 8.35 5.85 62.73
CA PHE A 517 9.66 5.74 63.36
C PHE A 517 10.65 6.71 62.72
N LYS A 518 10.71 6.73 61.39
CA LYS A 518 11.55 7.69 60.65
C LYS A 518 11.22 9.13 61.03
N PHE A 519 9.94 9.42 61.19
CA PHE A 519 9.48 10.73 61.65
C PHE A 519 9.90 11.04 63.08
N TYR A 520 9.73 10.07 63.97
CA TYR A 520 10.16 10.13 65.36
C TYR A 520 11.66 10.43 65.52
N LEU A 521 12.48 9.77 64.69
CA LEU A 521 13.92 9.95 64.72
C LEU A 521 14.32 11.28 64.12
N THR A 522 13.54 11.76 63.16
CA THR A 522 13.87 13.01 62.46
C THR A 522 13.58 14.19 63.38
N VAL A 523 12.46 14.10 64.07
CA VAL A 523 12.06 15.08 65.05
C VAL A 523 13.10 15.18 66.16
N LEU A 524 13.50 14.04 66.74
CA LEU A 524 14.58 14.06 67.74
C LEU A 524 15.84 14.77 67.25
N LYS A 525 16.27 14.51 66.00
CA LYS A 525 17.47 15.13 65.43
C LYS A 525 17.27 16.64 65.29
N LYS A 526 16.13 17.04 64.71
CA LYS A 526 15.77 18.45 64.65
C LYS A 526 15.87 19.14 66.02
N LEU A 527 15.52 18.41 67.09
CA LEU A 527 15.80 18.83 68.46
C LEU A 527 17.28 18.54 68.84
N GLY A 528 17.51 17.51 69.65
CA GLY A 528 18.86 17.02 69.99
C GLY A 528 18.79 15.58 70.47
N ASP A 571 35.68 -2.87 4.96
CA ASP A 571 35.46 -3.90 6.02
C ASP A 571 35.17 -3.22 7.35
N THR A 572 33.91 -3.29 7.78
CA THR A 572 33.51 -2.65 9.03
C THR A 572 33.20 -3.66 10.14
N VAL A 573 33.39 -4.96 9.86
CA VAL A 573 33.15 -6.00 10.85
C VAL A 573 34.15 -5.79 11.97
N GLY A 574 33.64 -5.65 13.18
CA GLY A 574 34.47 -5.31 14.33
C GLY A 574 34.33 -3.85 14.70
N ARG A 575 33.66 -3.07 13.86
CA ARG A 575 33.52 -1.64 14.10
C ARG A 575 32.20 -1.24 14.78
N PRO A 576 32.28 -0.25 15.71
CA PRO A 576 31.09 0.18 16.50
C PRO A 576 30.16 1.11 15.70
N LEU A 577 29.66 0.60 14.58
CA LEU A 577 28.78 1.35 13.67
C LEU A 577 27.38 1.55 14.27
N PRO A 578 26.91 2.80 14.32
CA PRO A 578 25.56 2.98 14.87
C PRO A 578 24.47 2.24 14.06
N HIS A 579 23.43 1.82 14.76
CA HIS A 579 22.23 1.29 14.11
C HIS A 579 21.87 2.09 12.82
N LEU A 580 21.80 1.40 11.68
CA LEU A 580 21.58 2.09 10.41
C LEU A 580 20.33 2.98 10.37
N ALA A 581 19.33 2.66 11.18
CA ALA A 581 18.08 3.42 11.18
C ALA A 581 18.02 4.51 12.28
N ALA A 582 19.07 4.59 13.11
CA ALA A 582 19.05 5.40 14.35
C ALA A 582 18.72 6.87 14.11
N ALA A 583 19.25 7.41 13.01
CA ALA A 583 19.01 8.80 12.70
C ALA A 583 17.53 9.02 12.37
N MET A 584 16.95 8.11 11.62
CA MET A 584 15.58 8.27 11.24
C MET A 584 14.64 7.95 12.40
N GLN A 585 15.12 7.13 13.35
CA GLN A 585 14.38 6.88 14.58
C GLN A 585 14.35 8.11 15.47
N ALA A 586 15.47 8.82 15.52
CA ALA A 586 15.57 10.05 16.31
C ALA A 586 14.80 11.19 15.70
N SER A 587 14.59 11.13 14.38
CA SER A 587 13.93 12.22 13.69
C SER A 587 12.41 11.99 13.52
N GLY A 588 11.92 10.80 13.89
CA GLY A 588 10.54 10.42 13.69
C GLY A 588 10.21 10.08 12.25
N GLU A 589 11.25 9.79 11.46
CA GLU A 589 11.03 9.43 10.06
C GLU A 589 10.92 7.91 9.86
N ALA A 590 11.49 7.15 10.80
CA ALA A 590 11.39 5.69 10.75
C ALA A 590 9.92 5.30 10.81
N VAL A 591 9.49 4.47 9.85
CA VAL A 591 8.08 4.03 9.75
C VAL A 591 7.84 2.73 10.54
N TYR A 592 6.92 2.78 11.50
CA TYR A 592 6.44 1.56 12.16
C TYR A 592 5.06 1.23 11.59
N CYS A 593 4.55 0.05 11.93
CA CYS A 593 3.33 -0.42 11.31
C CYS A 593 2.17 0.60 11.31
N ASP A 594 1.79 1.17 12.45
CA ASP A 594 0.71 2.16 12.47
C ASP A 594 1.08 3.48 11.80
N ASP A 595 2.36 3.71 11.51
CA ASP A 595 2.75 4.96 10.81
C ASP A 595 2.52 4.91 9.32
N ILE A 596 2.28 3.73 8.78
CA ILE A 596 1.93 3.58 7.38
C ILE A 596 0.61 4.32 7.18
N PRO A 597 0.54 5.17 6.15
CA PRO A 597 -0.70 5.93 5.90
C PRO A 597 -1.87 4.98 5.68
N ARG A 598 -3.08 5.46 5.98
CA ARG A 598 -4.31 4.71 5.71
C ARG A 598 -4.87 4.93 4.31
N TYR A 599 -5.47 3.88 3.74
CA TYR A 599 -6.22 4.03 2.50
C TYR A 599 -7.47 4.86 2.77
N GLU A 600 -7.94 5.61 1.79
CA GLU A 600 -9.15 6.43 1.93
C GLU A 600 -10.32 5.56 2.42
N ASN A 601 -10.36 4.29 2.00
CA ASN A 601 -11.44 3.37 2.42
C ASN A 601 -11.06 2.43 3.60
N GLU A 602 -9.96 2.75 4.31
CA GLU A 602 -9.45 1.87 5.38
C GLU A 602 -10.29 1.92 6.63
N LEU A 603 -10.53 0.76 7.24
CA LEU A 603 -11.35 0.65 8.43
C LEU A 603 -10.54 0.19 9.64
N PHE A 604 -11.14 0.25 10.83
CA PHE A 604 -10.48 -0.01 12.11
C PHE A 604 -11.15 -1.09 12.91
N LEU A 605 -10.35 -1.98 13.51
CA LEU A 605 -10.91 -3.09 14.29
C LEU A 605 -10.64 -2.94 15.77
N ARG A 606 -11.65 -3.30 16.57
CA ARG A 606 -11.45 -3.38 18.01
C ARG A 606 -11.85 -4.77 18.50
N LEU A 607 -10.98 -5.45 19.25
CA LEU A 607 -11.32 -6.77 19.76
C LEU A 607 -12.37 -6.73 20.87
N VAL A 608 -13.30 -7.70 20.84
CA VAL A 608 -14.22 -7.93 21.94
C VAL A 608 -13.72 -9.14 22.72
N THR A 609 -13.62 -8.96 24.02
CA THR A 609 -12.79 -9.82 24.84
C THR A 609 -13.54 -10.39 26.06
N SER A 610 -13.31 -11.65 26.39
CA SER A 610 -13.89 -12.22 27.61
C SER A 610 -13.56 -11.43 28.89
N THR A 611 -14.60 -11.16 29.68
CA THR A 611 -14.42 -10.58 31.02
C THR A 611 -14.49 -11.66 32.12
N ARG A 612 -14.56 -12.93 31.71
CA ARG A 612 -14.61 -14.04 32.67
C ARG A 612 -13.43 -15.03 32.44
N ALA A 613 -12.90 -15.58 33.53
CA ALA A 613 -11.81 -16.57 33.46
C ALA A 613 -12.20 -17.89 32.81
N HIS A 614 -13.43 -18.31 33.05
CA HIS A 614 -13.93 -19.57 32.52
C HIS A 614 -15.45 -19.46 32.58
N ALA A 615 -16.10 -19.54 31.42
CA ALA A 615 -17.57 -19.45 31.32
C ALA A 615 -18.12 -19.94 29.97
N LYS A 616 -19.41 -20.29 29.98
CA LYS A 616 -20.18 -20.55 28.77
C LYS A 616 -20.50 -19.19 28.19
N ILE A 617 -20.44 -19.09 26.86
CA ILE A 617 -20.98 -17.91 26.19
C ILE A 617 -22.44 -18.23 25.85
N LYS A 618 -23.37 -17.58 26.55
CA LYS A 618 -24.79 -17.87 26.33
C LYS A 618 -25.33 -17.09 25.15
N SER A 619 -24.98 -15.79 25.07
CA SER A 619 -25.44 -14.92 23.99
C SER A 619 -24.56 -13.67 23.82
N ILE A 620 -24.56 -13.13 22.61
CA ILE A 620 -23.88 -11.87 22.30
C ILE A 620 -24.88 -10.90 21.66
N ASP A 621 -24.99 -9.70 22.24
CA ASP A 621 -25.95 -8.71 21.79
C ASP A 621 -25.19 -7.47 21.34
N VAL A 622 -25.37 -7.07 20.07
CA VAL A 622 -24.68 -5.91 19.48
C VAL A 622 -25.57 -4.69 19.20
N SER A 623 -26.79 -4.65 19.76
CA SER A 623 -27.76 -3.63 19.36
C SER A 623 -27.37 -2.21 19.82
N GLU A 624 -26.62 -2.13 20.91
CA GLU A 624 -26.11 -0.85 21.39
C GLU A 624 -24.88 -0.39 20.60
N ALA A 625 -24.06 -1.35 20.20
CA ALA A 625 -22.89 -1.11 19.36
C ALA A 625 -23.33 -0.65 17.98
N GLN A 626 -24.40 -1.26 17.48
CA GLN A 626 -25.04 -0.84 16.21
C GLN A 626 -25.46 0.65 16.18
N LYS A 627 -25.70 1.26 17.33
CA LYS A 627 -26.10 2.67 17.36
C LYS A 627 -24.91 3.62 17.27
N VAL A 628 -23.70 3.10 17.46
CA VAL A 628 -22.51 3.95 17.42
C VAL A 628 -22.26 4.45 15.98
N PRO A 629 -22.16 5.78 15.81
CA PRO A 629 -21.84 6.33 14.48
C PRO A 629 -20.62 5.66 13.87
N GLY A 630 -20.72 5.34 12.59
CA GLY A 630 -19.64 4.72 11.85
C GLY A 630 -19.47 3.24 12.10
N PHE A 631 -20.38 2.64 12.86
CA PHE A 631 -20.35 1.19 13.03
C PHE A 631 -20.46 0.55 11.65
N VAL A 632 -19.66 -0.49 11.40
CA VAL A 632 -19.74 -1.25 10.16
C VAL A 632 -20.28 -2.67 10.41
N CYS A 633 -19.65 -3.41 11.32
CA CYS A 633 -20.03 -4.80 11.58
C CYS A 633 -19.41 -5.32 12.84
N PHE A 634 -20.01 -6.38 13.39
CA PHE A 634 -19.43 -7.14 14.46
C PHE A 634 -19.11 -8.52 13.93
N LEU A 635 -17.90 -9.01 14.21
CA LEU A 635 -17.45 -10.29 13.67
C LEU A 635 -17.29 -11.32 14.76
N SER A 636 -17.59 -12.57 14.43
CA SER A 636 -17.38 -13.67 15.37
C SER A 636 -17.10 -14.97 14.64
N ALA A 637 -17.02 -16.07 15.40
CA ALA A 637 -16.63 -17.38 14.86
C ALA A 637 -17.37 -17.85 13.58
N ASP A 638 -18.67 -17.54 13.45
CA ASP A 638 -19.44 -17.91 12.25
C ASP A 638 -19.01 -17.18 10.98
N ASP A 639 -18.42 -15.99 11.10
CA ASP A 639 -17.98 -15.25 9.90
C ASP A 639 -16.75 -15.83 9.20
N ILE A 640 -16.07 -16.78 9.84
CA ILE A 640 -14.85 -17.38 9.31
C ILE A 640 -15.12 -18.36 8.15
N PRO A 641 -14.57 -18.08 6.95
CA PRO A 641 -14.82 -18.97 5.79
C PRO A 641 -14.04 -20.28 5.81
N GLY A 642 -12.82 -20.26 6.36
CA GLY A 642 -11.95 -21.44 6.40
C GLY A 642 -12.04 -22.19 7.71
N SER A 643 -11.11 -21.96 8.61
CA SER A 643 -11.07 -22.73 9.83
C SER A 643 -10.97 -21.82 11.05
N ASN A 644 -11.65 -22.20 12.13
CA ASN A 644 -11.58 -21.48 13.39
C ASN A 644 -10.51 -22.07 14.32
N GLU A 645 -9.81 -23.09 13.83
CA GLU A 645 -8.82 -23.80 14.60
C GLU A 645 -7.44 -23.18 14.31
N THR A 646 -6.80 -22.62 15.35
CA THR A 646 -5.53 -21.89 15.20
C THR A 646 -4.52 -22.21 16.34
N GLY A 647 -3.38 -21.52 16.32
CA GLY A 647 -2.37 -21.65 17.38
C GLY A 647 -1.33 -22.64 16.96
N LEU A 648 -0.14 -22.54 17.57
CA LEU A 648 1.00 -23.38 17.20
C LEU A 648 0.71 -24.87 17.28
N PHE A 649 -0.12 -25.29 18.24
CA PHE A 649 -0.48 -26.71 18.38
C PHE A 649 -1.96 -26.98 18.12
N ASN A 650 -2.56 -26.09 17.33
CA ASN A 650 -3.95 -26.21 16.84
C ASN A 650 -4.99 -26.45 17.94
N ASP A 651 -4.79 -25.78 19.07
CA ASP A 651 -5.63 -25.96 20.24
C ASP A 651 -6.28 -24.65 20.67
N GLU A 652 -6.41 -23.71 19.75
CA GLU A 652 -6.96 -22.39 20.09
C GLU A 652 -7.99 -22.08 19.05
N THR A 653 -8.90 -21.18 19.40
CA THR A 653 -9.84 -20.64 18.44
C THR A 653 -9.32 -19.30 17.97
N VAL A 654 -9.72 -18.87 16.77
CA VAL A 654 -9.50 -17.48 16.34
C VAL A 654 -10.52 -16.64 17.09
N PHE A 655 -11.76 -17.14 17.20
CA PHE A 655 -12.82 -16.52 18.00
C PHE A 655 -13.52 -17.55 18.88
N ALA A 656 -13.70 -17.22 20.14
CA ALA A 656 -14.31 -18.09 21.12
C ALA A 656 -15.66 -18.62 20.65
N LYS A 657 -15.88 -19.91 20.83
CA LYS A 657 -17.05 -20.60 20.29
C LYS A 657 -18.18 -20.69 21.32
N ASP A 658 -18.08 -21.66 22.22
CA ASP A 658 -19.17 -21.86 23.16
C ASP A 658 -18.71 -21.50 24.55
N THR A 659 -17.41 -21.57 24.77
CA THR A 659 -16.87 -21.23 26.07
C THR A 659 -15.73 -20.20 25.96
N VAL A 660 -15.45 -19.52 27.07
CA VAL A 660 -14.25 -18.72 27.21
C VAL A 660 -13.35 -19.34 28.29
N THR A 661 -12.02 -19.19 28.15
CA THR A 661 -11.08 -19.91 29.00
C THR A 661 -10.06 -19.00 29.70
N CYS A 662 -10.23 -17.69 29.57
CA CYS A 662 -9.42 -16.75 30.31
C CYS A 662 -10.02 -15.37 30.18
N VAL A 663 -9.73 -14.50 31.12
CA VAL A 663 -10.00 -13.07 30.92
C VAL A 663 -9.14 -12.57 29.75
N GLY A 664 -9.77 -11.87 28.79
CA GLY A 664 -9.10 -11.48 27.54
C GLY A 664 -9.16 -12.44 26.33
N HIS A 665 -9.75 -13.62 26.52
CA HIS A 665 -10.04 -14.55 25.41
C HIS A 665 -10.89 -13.81 24.37
N ILE A 666 -10.44 -13.81 23.13
CA ILE A 666 -11.04 -13.01 22.08
C ILE A 666 -12.34 -13.66 21.61
N ILE A 667 -13.44 -12.93 21.78
CA ILE A 667 -14.75 -13.42 21.42
C ILE A 667 -15.11 -12.99 20.01
N GLY A 668 -14.76 -11.75 19.69
CA GLY A 668 -15.12 -11.18 18.43
C GLY A 668 -14.41 -9.88 18.15
N ALA A 669 -15.02 -9.11 17.26
CA ALA A 669 -14.41 -7.86 16.86
C ALA A 669 -15.41 -6.87 16.29
N VAL A 670 -15.19 -5.59 16.60
CA VAL A 670 -15.92 -4.54 15.93
C VAL A 670 -15.08 -3.88 14.85
N VAL A 671 -15.72 -3.61 13.72
CA VAL A 671 -15.12 -2.83 12.66
C VAL A 671 -15.89 -1.51 12.56
N ALA A 672 -15.18 -0.40 12.53
CA ALA A 672 -15.85 0.88 12.38
C ALA A 672 -14.99 1.86 11.56
N ASP A 673 -15.52 3.05 11.30
CA ASP A 673 -14.83 3.98 10.40
C ASP A 673 -13.63 4.72 11.01
N THR A 674 -13.56 4.77 12.34
CA THR A 674 -12.48 5.43 13.08
C THR A 674 -12.12 4.54 14.26
N PRO A 675 -10.90 4.67 14.81
CA PRO A 675 -10.61 3.77 15.92
C PRO A 675 -11.41 4.06 17.17
N GLU A 676 -11.73 5.33 17.42
CA GLU A 676 -12.56 5.73 18.56
C GLU A 676 -13.98 5.14 18.45
N HIS A 677 -14.54 5.14 17.26
CA HIS A 677 -15.86 4.52 17.08
C HIS A 677 -15.78 3.01 17.35
N ALA A 678 -14.74 2.35 16.85
CA ALA A 678 -14.58 0.90 17.08
C ALA A 678 -14.40 0.60 18.55
N GLU A 679 -13.61 1.43 19.25
CA GLU A 679 -13.45 1.34 20.70
C GLU A 679 -14.80 1.50 21.47
N ARG A 680 -15.57 2.54 21.19
CA ARG A 680 -16.84 2.77 21.87
C ARG A 680 -17.81 1.62 21.67
N ALA A 681 -17.96 1.19 20.43
CA ALA A 681 -18.89 0.11 20.06
C ALA A 681 -18.52 -1.23 20.71
N ALA A 682 -17.22 -1.53 20.76
CA ALA A 682 -16.74 -2.72 21.46
C ALA A 682 -17.13 -2.75 22.95
N HIS A 683 -16.96 -1.63 23.67
CA HIS A 683 -17.22 -1.60 25.12
C HIS A 683 -18.70 -1.90 25.41
N VAL A 684 -19.52 -1.80 24.38
CA VAL A 684 -20.96 -1.75 24.59
C VAL A 684 -21.66 -3.02 24.03
N VAL A 685 -20.87 -3.90 23.42
CA VAL A 685 -21.33 -5.24 23.02
C VAL A 685 -21.55 -6.05 24.29
N LYS A 686 -22.75 -6.59 24.48
CA LYS A 686 -23.03 -7.29 25.73
C LYS A 686 -22.92 -8.78 25.57
N VAL A 687 -22.11 -9.39 26.42
CA VAL A 687 -21.99 -10.82 26.39
C VAL A 687 -22.67 -11.38 27.64
N THR A 688 -23.45 -12.46 27.45
CA THR A 688 -24.06 -13.17 28.58
C THR A 688 -23.28 -14.44 28.88
N TYR A 689 -22.80 -14.51 30.10
CA TYR A 689 -21.98 -15.62 30.57
C TYR A 689 -22.67 -16.49 31.62
N GLU A 690 -22.32 -17.76 31.63
CA GLU A 690 -22.60 -18.66 32.73
C GLU A 690 -21.26 -19.24 33.25
N ASP A 691 -20.83 -18.77 34.43
CA ASP A 691 -19.53 -19.11 35.02
C ASP A 691 -19.24 -20.61 35.16
N LEU A 692 -17.98 -20.98 34.90
CA LEU A 692 -17.48 -22.36 35.08
C LEU A 692 -16.32 -22.37 36.09
N PRO A 693 -16.08 -23.53 36.78
CA PRO A 693 -14.96 -23.59 37.73
C PRO A 693 -13.62 -23.24 37.06
N ALA A 694 -12.97 -22.18 37.56
CA ALA A 694 -11.71 -21.71 37.03
C ALA A 694 -10.52 -22.29 37.81
N ILE A 695 -9.39 -22.42 37.10
CA ILE A 695 -8.11 -22.86 37.68
C ILE A 695 -7.08 -21.82 37.29
N ILE A 696 -6.47 -21.15 38.29
CA ILE A 696 -5.70 -19.92 38.05
C ILE A 696 -4.20 -20.04 38.42
N THR A 697 -3.92 -20.51 39.63
CA THR A 697 -2.56 -20.55 40.13
C THR A 697 -1.90 -21.88 39.80
N ILE A 698 -0.57 -21.91 39.92
CA ILE A 698 0.16 -23.15 39.78
C ILE A 698 -0.37 -24.15 40.81
N GLU A 699 -0.57 -23.68 42.04
CA GLU A 699 -1.08 -24.52 43.13
C GLU A 699 -2.47 -25.06 42.79
N ASP A 700 -3.36 -24.24 42.24
CA ASP A 700 -4.63 -24.71 41.74
C ASP A 700 -4.44 -25.86 40.73
N ALA A 701 -3.51 -25.65 39.81
CA ALA A 701 -3.30 -26.58 38.71
C ALA A 701 -2.80 -27.90 39.25
N ILE A 702 -1.80 -27.84 40.13
CA ILE A 702 -1.28 -29.04 40.78
C ILE A 702 -2.38 -29.79 41.56
N LYS A 703 -3.17 -29.07 42.34
CA LYS A 703 -4.21 -29.69 43.17
C LYS A 703 -5.24 -30.42 42.29
N ASN A 704 -5.46 -29.90 41.08
CA ASN A 704 -6.48 -30.40 40.18
C ASN A 704 -5.91 -31.23 39.00
N ASN A 705 -4.63 -31.57 39.08
CA ASN A 705 -3.92 -32.24 37.99
C ASN A 705 -4.30 -31.73 36.59
N SER A 706 -4.16 -30.42 36.40
CA SER A 706 -4.51 -29.76 35.15
C SER A 706 -3.21 -29.35 34.43
N PHE A 707 -2.75 -30.20 33.52
CA PHE A 707 -1.48 -30.04 32.83
C PHE A 707 -1.60 -30.32 31.34
N TYR A 708 -0.70 -29.74 30.55
CA TYR A 708 -0.54 -30.09 29.15
C TYR A 708 0.51 -31.18 29.12
N GLY A 709 0.06 -32.38 28.81
CA GLY A 709 0.94 -33.52 28.66
C GLY A 709 1.52 -34.03 29.94
N SER A 710 2.56 -34.84 29.82
CA SER A 710 3.16 -35.52 30.96
C SER A 710 4.45 -34.81 31.37
N GLU A 711 5.04 -35.31 32.46
CA GLU A 711 6.26 -34.75 32.96
C GLU A 711 7.40 -34.88 31.93
N LEU A 712 8.09 -33.76 31.69
CA LEU A 712 9.36 -33.74 30.99
C LEU A 712 10.46 -34.05 32.00
N LYS A 713 11.51 -34.76 31.60
CA LYS A 713 12.55 -35.13 32.58
C LYS A 713 13.95 -35.20 31.99
N ILE A 714 14.97 -34.76 32.73
CA ILE A 714 16.39 -35.09 32.44
C ILE A 714 17.01 -35.59 33.73
N GLU A 715 17.67 -36.74 33.63
CA GLU A 715 18.18 -37.41 34.82
C GLU A 715 19.48 -38.14 34.56
N LYS A 716 20.42 -37.95 35.48
CA LYS A 716 21.76 -38.50 35.34
C LYS A 716 22.36 -38.86 36.70
N GLY A 717 22.87 -40.09 36.80
CA GLY A 717 23.49 -40.57 38.03
C GLY A 717 22.52 -41.31 38.91
N ASP A 718 22.82 -41.33 40.21
CA ASP A 718 22.07 -42.13 41.18
C ASP A 718 21.72 -41.25 42.37
N LEU A 719 20.46 -40.88 42.49
CA LEU A 719 20.05 -39.86 43.48
C LEU A 719 19.98 -40.31 44.92
N LYS A 720 19.23 -41.40 45.16
CA LYS A 720 19.22 -42.05 46.45
C LYS A 720 20.57 -42.69 46.38
N LYS A 721 21.56 -42.10 47.04
CA LYS A 721 22.96 -42.50 46.85
C LYS A 721 23.82 -41.28 46.92
N GLY A 722 23.61 -40.34 45.99
CA GLY A 722 24.17 -39.01 46.14
C GLY A 722 23.75 -38.43 47.48
N PHE A 723 22.45 -38.51 47.76
CA PHE A 723 21.92 -38.04 49.04
C PHE A 723 22.45 -38.84 50.24
N SER A 724 22.59 -40.16 50.08
CA SER A 724 23.27 -40.99 51.08
C SER A 724 24.64 -40.47 51.49
N GLU A 725 25.45 -40.06 50.51
CA GLU A 725 26.84 -39.67 50.76
C GLU A 725 26.95 -38.25 51.25
N ALA A 726 25.90 -37.44 51.01
CA ALA A 726 25.92 -36.02 51.35
C ALA A 726 26.12 -35.78 52.86
N ASP A 727 26.92 -34.76 53.21
CA ASP A 727 27.01 -34.30 54.59
C ASP A 727 25.76 -33.54 54.97
N ASN A 728 25.25 -32.74 54.03
CA ASN A 728 24.12 -31.83 54.26
C ASN A 728 23.06 -31.97 53.16
N VAL A 729 21.80 -31.84 53.54
CA VAL A 729 20.68 -31.88 52.58
C VAL A 729 19.72 -30.73 52.90
N VAL A 730 19.40 -29.94 51.89
CA VAL A 730 18.56 -28.76 52.04
C VAL A 730 17.42 -28.84 51.04
N SER A 731 16.19 -28.78 51.51
CA SER A 731 15.13 -28.71 50.54
C SER A 731 14.32 -27.47 50.77
N GLY A 732 13.52 -27.13 49.77
CA GLY A 732 12.72 -25.93 49.81
C GLY A 732 11.84 -25.78 48.57
N GLU A 733 11.24 -24.61 48.47
CA GLU A 733 10.37 -24.28 47.39
C GLU A 733 10.58 -22.81 47.08
N LEU A 734 10.47 -22.47 45.79
CA LEU A 734 10.73 -21.13 45.28
C LEU A 734 9.76 -20.79 44.15
N TYR A 735 9.38 -19.52 44.06
CA TYR A 735 8.50 -19.08 42.99
C TYR A 735 9.18 -17.91 42.28
N ILE A 736 9.03 -17.84 40.97
CA ILE A 736 9.48 -16.67 40.23
C ILE A 736 8.29 -16.15 39.41
N GLY A 737 7.96 -14.87 39.59
CA GLY A 737 6.73 -14.29 38.99
C GLY A 737 6.97 -14.13 37.50
N GLY A 738 5.90 -13.93 36.73
CA GLY A 738 6.01 -13.80 35.28
C GLY A 738 6.53 -12.42 34.93
N GLN A 739 6.35 -11.99 33.67
CA GLN A 739 6.84 -10.69 33.20
C GLN A 739 6.04 -10.30 31.97
N ASP A 740 5.78 -9.01 31.80
CA ASP A 740 5.21 -8.53 30.53
C ASP A 740 6.29 -7.95 29.61
N HIS A 741 6.19 -8.19 28.31
CA HIS A 741 7.23 -7.79 27.36
C HIS A 741 7.50 -6.31 27.37
N PHE A 742 6.41 -5.54 27.42
CA PHE A 742 6.44 -4.08 27.38
C PHE A 742 7.33 -3.53 26.25
N TYR A 743 7.20 -4.11 25.06
CA TYR A 743 7.73 -3.48 23.87
C TYR A 743 7.06 -2.09 23.76
N LEU A 744 7.81 -1.05 23.45
CA LEU A 744 7.16 0.26 23.41
C LEU A 744 6.08 0.32 22.33
N GLU A 745 6.33 -0.34 21.19
CA GLU A 745 5.29 -0.51 20.18
C GLU A 745 4.52 -1.79 20.46
N THR A 746 3.22 -1.66 20.77
CA THR A 746 2.34 -2.82 20.95
C THR A 746 2.11 -3.55 19.61
N HIS A 747 1.33 -4.64 19.65
CA HIS A 747 0.96 -5.39 18.46
C HIS A 747 0.16 -4.56 17.51
N CYS A 748 0.33 -4.84 16.22
CA CYS A 748 -0.30 -4.06 15.18
C CYS A 748 -0.23 -4.84 13.86
N THR A 749 -1.33 -4.79 13.10
CA THR A 749 -1.42 -5.39 11.76
C THR A 749 -2.31 -4.50 10.90
N ILE A 750 -1.86 -4.30 9.66
CA ILE A 750 -2.68 -3.81 8.57
C ILE A 750 -2.94 -4.97 7.60
N ALA A 751 -4.21 -5.16 7.22
CA ALA A 751 -4.54 -6.17 6.23
C ALA A 751 -5.19 -5.53 5.00
N ILE A 752 -4.57 -5.78 3.82
CA ILE A 752 -5.06 -5.28 2.53
C ILE A 752 -5.58 -6.41 1.64
N PRO A 753 -6.92 -6.52 1.49
CA PRO A 753 -7.49 -7.55 0.64
C PRO A 753 -7.46 -7.06 -0.82
N LYS A 754 -7.00 -7.89 -1.75
CA LYS A 754 -6.87 -7.43 -3.13
C LYS A 754 -8.14 -7.64 -3.95
N GLY A 755 -8.88 -8.70 -3.65
CA GLY A 755 -10.15 -8.91 -4.31
C GLY A 755 -10.04 -9.92 -5.44
N GLU A 756 -8.83 -10.45 -5.63
CA GLU A 756 -8.59 -11.45 -6.64
C GLU A 756 -8.10 -12.69 -5.94
N GLU A 757 -8.75 -13.83 -6.18
CA GLU A 757 -8.20 -15.15 -5.87
C GLU A 757 -7.81 -15.34 -4.42
N GLY A 758 -8.47 -14.60 -3.53
CA GLY A 758 -8.17 -14.64 -2.12
C GLY A 758 -6.89 -13.91 -1.67
N GLU A 759 -6.27 -13.16 -2.58
CA GLU A 759 -4.99 -12.52 -2.29
C GLU A 759 -5.09 -11.51 -1.18
N MET A 760 -4.11 -11.51 -0.29
CA MET A 760 -4.08 -10.51 0.75
C MET A 760 -2.64 -10.11 1.05
N GLU A 761 -2.43 -8.80 1.19
CA GLU A 761 -1.13 -8.26 1.59
C GLU A 761 -1.23 -7.68 3.01
N LEU A 762 -0.34 -8.14 3.92
CA LEU A 762 -0.32 -7.63 5.31
C LEU A 762 1.01 -7.00 5.75
N PHE A 763 0.88 -5.95 6.55
CA PHE A 763 2.01 -5.32 7.23
C PHE A 763 1.81 -5.52 8.72
N VAL A 764 2.80 -6.14 9.35
CA VAL A 764 2.60 -6.53 10.73
C VAL A 764 3.86 -6.44 11.55
N SER A 765 3.65 -6.04 12.80
CA SER A 765 4.69 -5.99 13.78
C SER A 765 4.93 -7.43 14.31
N THR A 766 5.80 -8.18 13.63
CA THR A 766 6.02 -9.60 14.00
C THR A 766 7.43 -10.12 13.79
N GLN A 767 7.81 -11.04 14.66
CA GLN A 767 9.07 -11.78 14.57
C GLN A 767 8.91 -13.02 13.70
N ASN A 768 7.67 -13.26 13.21
CA ASN A 768 7.33 -14.52 12.60
C ASN A 768 6.39 -14.36 11.43
N ALA A 769 6.93 -13.82 10.34
CA ALA A 769 6.20 -13.66 9.09
C ALA A 769 5.58 -15.00 8.58
N MET A 770 6.34 -16.10 8.67
CA MET A 770 5.87 -17.40 8.15
C MET A 770 4.62 -17.93 8.82
N LYS A 771 4.56 -17.85 10.15
CA LYS A 771 3.38 -18.32 10.87
C LYS A 771 2.23 -17.37 10.65
N THR A 772 2.53 -16.08 10.59
CA THR A 772 1.48 -15.11 10.28
C THR A 772 0.80 -15.44 8.94
N GLN A 773 1.62 -15.71 7.94
CA GLN A 773 1.15 -16.00 6.60
C GLN A 773 0.28 -17.29 6.63
N SER A 774 0.85 -18.32 7.24
CA SER A 774 0.28 -19.63 7.48
C SER A 774 -1.02 -19.63 8.24
N PHE A 775 -1.05 -18.93 9.37
CA PHE A 775 -2.27 -18.80 10.17
C PHE A 775 -3.36 -18.04 9.42
N VAL A 776 -2.97 -17.01 8.68
CA VAL A 776 -3.97 -16.19 8.01
C VAL A 776 -4.60 -16.98 6.86
N ALA A 777 -3.76 -17.67 6.09
CA ALA A 777 -4.24 -18.55 5.04
C ALA A 777 -5.19 -19.65 5.56
N LYS A 778 -4.81 -20.28 6.66
CA LYS A 778 -5.61 -21.36 7.24
C LYS A 778 -6.95 -20.80 7.71
N MET A 779 -6.95 -19.58 8.24
CA MET A 779 -8.18 -18.93 8.71
C MET A 779 -9.12 -18.66 7.52
N LEU A 780 -8.53 -18.27 6.40
CA LEU A 780 -9.29 -17.88 5.22
C LEU A 780 -9.65 -19.04 4.33
N GLY A 781 -9.03 -20.21 4.55
CA GLY A 781 -9.32 -21.39 3.73
C GLY A 781 -8.71 -21.32 2.33
N VAL A 782 -7.46 -20.86 2.26
CA VAL A 782 -6.84 -20.42 1.03
C VAL A 782 -5.37 -20.92 1.02
N PRO A 783 -4.80 -21.19 -0.18
CA PRO A 783 -3.39 -21.65 -0.21
C PRO A 783 -2.46 -20.54 0.32
N VAL A 784 -1.37 -20.97 0.96
CA VAL A 784 -0.40 -20.05 1.57
C VAL A 784 0.15 -19.08 0.52
N ASN A 785 0.25 -19.55 -0.72
CA ASN A 785 0.79 -18.75 -1.83
C ASN A 785 -0.05 -17.49 -2.17
N ARG A 786 -1.23 -17.35 -1.55
CA ARG A 786 -2.09 -16.17 -1.77
C ARG A 786 -1.76 -15.01 -0.82
N ILE A 787 -1.18 -15.35 0.30
CA ILE A 787 -0.93 -14.42 1.39
C ILE A 787 0.51 -13.87 1.37
N LEU A 788 0.65 -12.54 1.42
CA LEU A 788 1.94 -11.89 1.52
C LEU A 788 2.11 -11.15 2.86
N VAL A 789 3.16 -11.45 3.62
CA VAL A 789 3.43 -10.70 4.86
C VAL A 789 4.75 -9.93 4.80
N ARG A 790 4.68 -8.65 5.16
CA ARG A 790 5.79 -7.70 5.08
C ARG A 790 6.09 -7.10 6.46
N VAL A 791 7.35 -7.20 6.88
CA VAL A 791 7.74 -6.64 8.16
C VAL A 791 8.90 -5.69 7.93
N LYS A 792 8.68 -4.42 8.19
CA LYS A 792 9.75 -3.47 8.06
C LYS A 792 10.60 -3.50 9.34
N ARG A 793 9.96 -3.21 10.47
CA ARG A 793 10.60 -3.19 11.77
C ARG A 793 9.53 -3.27 12.85
N MET A 794 9.95 -3.65 14.05
CA MET A 794 9.12 -3.59 15.22
C MET A 794 9.75 -2.62 16.21
N GLY A 795 8.90 -1.92 16.96
CA GLY A 795 9.33 -1.17 18.15
C GLY A 795 9.44 -2.11 19.35
N GLY A 796 10.27 -3.14 19.21
CA GLY A 796 10.46 -4.14 20.26
C GLY A 796 9.66 -5.39 20.00
N GLY A 797 10.16 -6.53 20.45
CA GLY A 797 9.45 -7.80 20.30
C GLY A 797 9.65 -8.65 21.53
N PHE A 798 10.93 -8.97 21.78
CA PHE A 798 11.37 -9.64 23.01
C PHE A 798 10.82 -11.04 23.20
N GLY A 799 10.39 -11.67 22.10
CA GLY A 799 9.73 -12.96 22.14
C GLY A 799 8.22 -12.85 22.07
N GLY A 800 7.67 -11.74 22.55
CA GLY A 800 6.20 -11.55 22.57
C GLY A 800 5.57 -11.46 21.20
N LYS A 801 6.40 -11.31 20.17
CA LYS A 801 5.92 -11.20 18.80
C LYS A 801 6.37 -12.40 17.94
N GLU A 802 6.79 -13.46 18.63
CA GLU A 802 7.17 -14.68 17.96
C GLU A 802 5.94 -15.44 17.48
N THR A 803 4.91 -15.51 18.33
CA THR A 803 3.69 -16.23 17.99
C THR A 803 2.44 -15.39 18.23
N ARG A 804 2.40 -14.67 19.34
CA ARG A 804 1.14 -14.08 19.79
C ARG A 804 0.64 -12.92 18.93
N SER A 805 1.52 -12.35 18.09
CA SER A 805 1.07 -11.34 17.11
C SER A 805 -0.11 -11.83 16.26
N THR A 806 -0.16 -13.14 16.00
CA THR A 806 -1.25 -13.74 15.18
C THR A 806 -2.67 -13.54 15.74
N LEU A 807 -2.81 -13.28 17.05
CA LEU A 807 -4.14 -13.04 17.62
C LEU A 807 -4.78 -11.83 16.98
N VAL A 808 -3.96 -10.79 16.75
CA VAL A 808 -4.43 -9.59 16.09
C VAL A 808 -4.47 -9.79 14.57
N SER A 809 -3.42 -10.41 14.02
CA SER A 809 -3.29 -10.51 12.56
C SER A 809 -4.46 -11.25 11.91
N VAL A 810 -4.87 -12.37 12.51
CA VAL A 810 -5.87 -13.22 11.93
C VAL A 810 -7.22 -12.51 11.97
N ALA A 811 -7.51 -11.85 13.09
CA ALA A 811 -8.73 -11.10 13.28
C ALA A 811 -8.84 -9.98 12.27
N VAL A 812 -7.74 -9.26 12.05
CA VAL A 812 -7.73 -8.11 11.13
C VAL A 812 -7.89 -8.61 9.71
N ALA A 813 -7.24 -9.72 9.42
CA ALA A 813 -7.35 -10.38 8.13
C ALA A 813 -8.80 -10.82 7.86
N LEU A 814 -9.49 -11.33 8.88
CA LEU A 814 -10.87 -11.76 8.68
C LEU A 814 -11.74 -10.54 8.36
N ALA A 815 -11.57 -9.46 9.12
CA ALA A 815 -12.24 -8.21 8.85
C ALA A 815 -12.03 -7.74 7.41
N ALA A 816 -10.77 -7.81 6.94
CA ALA A 816 -10.45 -7.42 5.56
C ALA A 816 -11.18 -8.31 4.58
N TYR A 817 -11.15 -9.61 4.82
CA TYR A 817 -11.88 -10.55 3.96
C TYR A 817 -13.38 -10.22 3.94
N LYS A 818 -13.99 -10.05 5.11
CA LYS A 818 -15.43 -9.86 5.19
C LYS A 818 -15.95 -8.56 4.55
N THR A 819 -15.19 -7.46 4.69
CA THR A 819 -15.64 -6.16 4.25
C THR A 819 -15.17 -5.81 2.84
N GLY A 820 -14.07 -6.41 2.40
CA GLY A 820 -13.45 -5.99 1.14
C GLY A 820 -12.67 -4.68 1.25
N HIS A 821 -12.57 -4.12 2.47
CA HIS A 821 -11.76 -2.89 2.72
C HIS A 821 -10.44 -3.22 3.40
N PRO A 822 -9.42 -2.36 3.22
CA PRO A 822 -8.23 -2.45 4.09
C PRO A 822 -8.68 -2.24 5.54
N VAL A 823 -8.10 -2.98 6.48
CA VAL A 823 -8.43 -2.86 7.92
C VAL A 823 -7.14 -2.86 8.74
N ARG A 824 -7.10 -2.12 9.84
CA ARG A 824 -5.95 -2.20 10.74
C ARG A 824 -6.37 -2.20 12.21
N CYS A 825 -5.47 -2.71 13.05
CA CYS A 825 -5.64 -2.64 14.49
C CYS A 825 -4.29 -2.50 15.16
N MET A 826 -4.15 -1.50 16.02
CA MET A 826 -3.04 -1.41 16.97
C MET A 826 -3.62 -1.52 18.36
N LEU A 827 -3.10 -2.47 19.15
CA LEU A 827 -3.55 -2.65 20.53
C LEU A 827 -3.21 -1.47 21.45
N ASP A 828 -4.13 -1.17 22.36
CA ASP A 828 -3.76 -0.32 23.50
C ASP A 828 -2.91 -1.16 24.46
N ARG A 829 -2.13 -0.48 25.28
CA ARG A 829 -1.31 -1.12 26.29
C ARG A 829 -2.16 -2.03 27.15
N ASN A 830 -3.30 -1.52 27.64
CA ASN A 830 -4.05 -2.38 28.57
C ASN A 830 -4.56 -3.68 27.92
N GLU A 831 -4.87 -3.61 26.63
CA GLU A 831 -5.32 -4.78 25.88
C GLU A 831 -4.13 -5.67 25.66
N ASP A 832 -3.00 -5.03 25.32
CA ASP A 832 -1.80 -5.77 24.96
C ASP A 832 -1.35 -6.60 26.16
N MET A 833 -1.28 -6.01 27.35
CA MET A 833 -0.88 -6.76 28.56
C MET A 833 -1.86 -7.86 28.99
N LEU A 834 -3.15 -7.61 28.76
CA LEU A 834 -4.16 -8.59 29.16
C LEU A 834 -4.17 -9.84 28.26
N ILE A 835 -4.13 -9.63 26.93
CA ILE A 835 -4.38 -10.70 25.96
C ILE A 835 -3.14 -11.51 25.50
N THR A 836 -2.00 -10.84 25.31
CA THR A 836 -0.95 -11.41 24.46
C THR A 836 0.04 -12.33 25.18
N GLY A 837 -0.11 -12.47 26.51
CA GLY A 837 0.72 -13.35 27.29
C GLY A 837 2.11 -12.82 27.59
N GLY A 838 2.75 -13.39 28.60
CA GLY A 838 4.05 -12.92 29.04
C GLY A 838 5.02 -14.06 29.27
N ARG A 839 6.01 -13.80 30.11
CA ARG A 839 6.91 -14.83 30.56
C ARG A 839 6.16 -15.84 31.45
N HIS A 840 6.58 -17.11 31.42
CA HIS A 840 6.04 -18.13 32.32
C HIS A 840 6.49 -17.97 33.78
N PRO A 841 5.52 -17.83 34.70
CA PRO A 841 5.84 -17.97 36.10
C PRO A 841 6.31 -19.42 36.33
N PHE A 842 7.19 -19.61 37.31
CA PHE A 842 7.68 -20.94 37.63
C PHE A 842 7.57 -21.13 39.13
N LEU A 843 7.19 -22.34 39.52
CA LEU A 843 7.31 -22.79 40.90
C LEU A 843 8.34 -23.89 40.94
N ALA A 844 9.17 -23.91 41.97
CA ALA A 844 10.16 -24.99 42.07
C ALA A 844 10.15 -25.64 43.42
N ARG A 845 10.17 -26.97 43.39
CA ARG A 845 10.37 -27.77 44.60
C ARG A 845 11.68 -28.50 44.40
N TYR A 846 12.62 -28.26 45.30
CA TYR A 846 14.00 -28.72 45.11
C TYR A 846 14.61 -29.31 46.35
N LYS A 847 15.70 -30.05 46.14
CA LYS A 847 16.50 -30.67 47.20
C LYS A 847 17.96 -30.85 46.74
N VAL A 848 18.91 -30.32 47.51
CA VAL A 848 20.33 -30.46 47.19
C VAL A 848 21.05 -31.17 48.29
N GLY A 849 21.88 -32.14 47.90
CA GLY A 849 22.83 -32.79 48.79
C GLY A 849 24.24 -32.30 48.47
N PHE A 850 24.97 -31.88 49.52
CA PHE A 850 26.31 -31.34 49.38
C PHE A 850 27.24 -31.70 50.55
N MET A 851 28.55 -31.53 50.34
CA MET A 851 29.56 -31.82 51.36
C MET A 851 29.84 -30.58 52.22
N LYS A 852 30.38 -30.78 53.44
CA LYS A 852 30.93 -29.71 54.30
C LYS A 852 31.67 -28.66 53.48
N THR A 853 32.33 -29.14 52.45
CA THR A 853 33.19 -28.39 51.57
C THR A 853 32.44 -27.37 50.69
N GLY A 854 31.17 -27.63 50.41
CA GLY A 854 30.44 -26.82 49.45
C GLY A 854 30.25 -27.57 48.13
N THR A 855 30.98 -28.65 47.94
CA THR A 855 30.83 -29.48 46.74
C THR A 855 29.43 -30.13 46.64
N ILE A 856 28.76 -29.91 45.53
CA ILE A 856 27.45 -30.51 45.31
C ILE A 856 27.61 -31.95 44.93
N VAL A 857 26.70 -32.76 45.46
CA VAL A 857 26.72 -34.18 45.28
C VAL A 857 25.40 -34.71 44.69
N ALA A 858 24.28 -34.00 44.92
CA ALA A 858 23.00 -34.45 44.38
C ALA A 858 22.00 -33.32 44.29
N LEU A 859 21.19 -33.32 43.23
CA LEU A 859 20.15 -32.30 43.01
C LEU A 859 18.90 -32.88 42.37
N GLU A 860 17.74 -32.60 42.97
CA GLU A 860 16.48 -32.84 42.29
C GLU A 860 15.56 -31.62 42.33
N VAL A 861 15.13 -31.22 41.14
CA VAL A 861 14.29 -30.06 40.99
C VAL A 861 13.07 -30.45 40.17
N ASP A 862 11.90 -30.18 40.75
CA ASP A 862 10.64 -30.27 40.02
C ASP A 862 10.17 -28.88 39.66
N HIS A 863 10.09 -28.59 38.37
CA HIS A 863 9.68 -27.30 37.87
C HIS A 863 8.22 -27.35 37.46
N TYR A 864 7.46 -26.29 37.76
CA TYR A 864 6.08 -26.18 37.29
C TYR A 864 5.90 -24.81 36.65
N SER A 865 5.56 -24.77 35.36
CA SER A 865 5.33 -23.47 34.72
C SER A 865 3.83 -23.14 34.63
N ASN A 866 3.49 -21.87 34.74
CA ASN A 866 2.12 -21.48 34.43
C ASN A 866 1.93 -21.18 32.93
N ALA A 867 1.36 -22.13 32.19
CA ALA A 867 1.25 -22.04 30.72
C ALA A 867 0.06 -21.24 30.17
N GLY A 868 -1.03 -21.17 30.92
CA GLY A 868 -2.19 -20.41 30.48
C GLY A 868 -3.07 -21.32 29.67
N ASN A 869 -3.89 -20.73 28.80
CA ASN A 869 -5.00 -21.48 28.19
C ASN A 869 -4.76 -22.10 26.81
N SER A 870 -3.49 -22.18 26.40
CA SER A 870 -3.09 -22.96 25.22
C SER A 870 -1.62 -23.38 25.35
N ARG A 871 -1.18 -24.32 24.51
CA ARG A 871 0.21 -24.81 24.54
C ARG A 871 1.21 -23.74 24.14
N ASP A 872 1.06 -23.17 22.94
CA ASP A 872 2.05 -22.26 22.39
C ASP A 872 3.46 -22.85 22.53
N LEU A 873 4.43 -22.07 23.02
CA LEU A 873 5.81 -22.55 23.16
C LEU A 873 6.12 -23.10 24.54
N SER A 874 5.10 -23.34 25.35
CA SER A 874 5.33 -23.80 26.69
C SER A 874 6.23 -25.05 26.81
N HIS A 875 6.03 -26.07 25.96
CA HIS A 875 6.83 -27.32 26.03
C HIS A 875 8.32 -27.07 25.73
N SER A 876 8.60 -26.31 24.66
CA SER A 876 9.97 -25.94 24.31
C SER A 876 10.60 -25.08 25.40
N ILE A 877 9.82 -24.18 26.00
CA ILE A 877 10.33 -23.29 27.04
C ILE A 877 10.80 -24.11 28.23
N MET A 878 9.97 -25.09 28.64
CA MET A 878 10.37 -26.01 29.70
C MET A 878 11.59 -26.89 29.36
N GLU A 879 11.78 -27.24 28.10
CA GLU A 879 13.00 -27.97 27.70
C GLU A 879 14.20 -27.06 27.92
N ARG A 880 14.09 -25.80 27.48
CA ARG A 880 15.21 -24.91 27.67
C ARG A 880 15.53 -24.78 29.15
N ALA A 881 14.50 -24.54 29.97
CA ALA A 881 14.66 -24.56 31.43
C ALA A 881 15.53 -25.76 31.92
N LEU A 882 15.13 -26.99 31.60
CA LEU A 882 15.83 -28.19 32.07
C LEU A 882 17.29 -28.26 31.58
N PHE A 883 17.54 -27.86 30.33
CA PHE A 883 18.88 -27.72 29.76
C PHE A 883 19.78 -26.73 30.51
N HIS A 884 19.19 -25.91 31.38
CA HIS A 884 19.93 -24.86 32.06
C HIS A 884 19.84 -24.92 33.57
N MET A 885 19.32 -26.01 34.10
CA MET A 885 19.19 -26.16 35.57
C MET A 885 20.56 -26.34 36.27
N ASP A 886 21.62 -26.49 35.49
CA ASP A 886 22.96 -26.67 36.05
C ASP A 886 23.69 -25.35 36.22
N ASN A 887 23.15 -24.30 35.62
CA ASN A 887 23.92 -23.09 35.30
C ASN A 887 25.33 -23.50 34.85
N CYS A 888 26.34 -23.17 35.63
CA CYS A 888 27.76 -23.40 35.26
C CYS A 888 28.42 -24.45 36.16
N TYR A 889 27.60 -25.33 36.74
CA TYR A 889 28.09 -26.19 37.81
C TYR A 889 27.97 -27.66 37.48
N LYS A 890 28.97 -28.41 37.95
CA LYS A 890 29.08 -29.84 37.70
C LYS A 890 28.29 -30.53 38.81
N ILE A 891 27.22 -31.23 38.44
CA ILE A 891 26.42 -31.94 39.41
C ILE A 891 26.39 -33.42 39.09
N PRO A 892 27.11 -34.24 39.88
CA PRO A 892 27.24 -35.64 39.50
C PRO A 892 25.92 -36.41 39.46
N ASN A 893 25.00 -36.14 40.40
CA ASN A 893 23.70 -36.84 40.44
C ASN A 893 22.58 -35.83 40.35
N ILE A 894 21.79 -35.93 39.30
CA ILE A 894 20.86 -34.86 38.97
C ILE A 894 19.57 -35.38 38.36
N ARG A 895 18.46 -34.78 38.77
CA ARG A 895 17.14 -35.03 38.17
C ARG A 895 16.26 -33.77 38.15
N GLY A 896 15.93 -33.32 36.95
CA GLY A 896 15.08 -32.19 36.73
C GLY A 896 13.81 -32.71 36.09
N THR A 897 12.66 -32.36 36.65
CA THR A 897 11.40 -32.58 35.97
C THR A 897 10.77 -31.21 35.68
N GLY A 898 9.86 -31.20 34.71
CA GLY A 898 9.07 -30.04 34.41
C GLY A 898 7.65 -30.47 34.08
N ARG A 899 6.71 -29.63 34.47
CA ARG A 899 5.32 -29.88 34.20
C ARG A 899 4.71 -28.57 33.73
N LEU A 900 3.89 -28.65 32.69
CA LEU A 900 3.21 -27.46 32.15
C LEU A 900 1.83 -27.39 32.75
N CYS A 901 1.53 -26.29 33.46
CA CYS A 901 0.22 -26.12 34.10
C CYS A 901 -0.80 -25.49 33.19
N LYS A 902 -1.92 -26.18 32.98
CA LYS A 902 -3.02 -25.71 32.16
C LYS A 902 -3.97 -24.84 33.03
N THR A 903 -4.14 -23.57 32.64
CA THR A 903 -4.88 -22.63 33.47
C THR A 903 -5.75 -21.69 32.66
N ASN A 904 -6.68 -21.05 33.36
CA ASN A 904 -7.60 -20.09 32.76
C ASN A 904 -6.97 -18.70 32.83
N LEU A 905 -5.78 -18.59 32.24
CA LEU A 905 -5.06 -17.34 32.10
C LEU A 905 -4.66 -17.20 30.65
N SER A 906 -4.42 -15.96 30.20
CA SER A 906 -3.80 -15.76 28.88
C SER A 906 -2.62 -16.69 28.75
N SER A 907 -2.46 -17.20 27.52
CA SER A 907 -1.47 -18.19 27.19
C SER A 907 -0.09 -17.54 27.21
N ASN A 908 0.79 -18.08 28.03
CA ASN A 908 2.13 -17.49 28.15
C ASN A 908 3.05 -18.00 27.06
N THR A 909 4.08 -17.23 26.75
CA THR A 909 4.78 -17.43 25.50
C THR A 909 6.29 -17.17 25.64
N ALA A 910 6.96 -16.91 24.51
CA ALA A 910 8.38 -16.65 24.54
C ALA A 910 8.66 -15.27 25.13
N PHE A 911 9.72 -15.21 25.93
CA PHE A 911 10.23 -13.95 26.47
C PHE A 911 11.74 -14.13 26.59
N ARG A 912 12.50 -13.18 26.05
CA ARG A 912 13.97 -13.13 26.14
C ARG A 912 14.55 -14.04 27.23
N GLY A 913 15.08 -15.18 26.82
CA GLY A 913 15.63 -16.16 27.75
C GLY A 913 14.96 -17.51 27.65
N PHE A 914 13.67 -17.48 27.29
CA PHE A 914 12.93 -18.67 26.88
C PHE A 914 13.04 -19.80 27.89
N GLY A 915 12.74 -19.51 29.15
CA GLY A 915 12.78 -20.52 30.21
C GLY A 915 14.11 -20.65 30.94
N GLY A 916 15.21 -20.22 30.32
CA GLY A 916 16.53 -20.30 30.93
C GLY A 916 16.64 -19.48 32.22
N PRO A 917 16.25 -18.20 32.16
CA PRO A 917 16.42 -17.36 33.35
C PRO A 917 15.70 -17.94 34.55
N GLN A 918 14.51 -18.50 34.35
CA GLN A 918 13.80 -19.18 35.43
C GLN A 918 14.64 -20.32 36.05
N ALA A 919 15.20 -21.18 35.20
CA ALA A 919 15.89 -22.33 35.69
C ALA A 919 17.21 -21.91 36.33
N LEU A 920 17.85 -20.91 35.71
CA LEU A 920 19.12 -20.40 36.18
C LEU A 920 18.95 -19.73 37.53
N PHE A 921 17.81 -19.06 37.73
CA PHE A 921 17.49 -18.40 39.01
C PHE A 921 17.30 -19.42 40.14
N ILE A 922 16.55 -20.48 39.85
CA ILE A 922 16.37 -21.60 40.79
C ILE A 922 17.73 -22.24 41.11
N ALA A 923 18.61 -22.32 40.12
CA ALA A 923 19.96 -22.85 40.35
C ALA A 923 20.74 -22.00 41.36
N GLU A 924 20.77 -20.69 41.14
CA GLU A 924 21.54 -19.81 42.02
C GLU A 924 20.93 -19.68 43.41
N ASN A 925 19.62 -19.87 43.49
CA ASN A 925 18.95 -19.90 44.79
C ASN A 925 19.45 -21.04 45.71
N TRP A 926 19.42 -22.29 45.23
CA TRP A 926 19.95 -23.39 46.04
C TRP A 926 21.47 -23.23 46.21
N MET A 927 22.16 -22.76 45.19
CA MET A 927 23.60 -22.51 45.34
C MET A 927 23.90 -21.53 46.47
N SER A 928 23.09 -20.47 46.61
CA SER A 928 23.30 -19.47 47.67
C SER A 928 23.04 -20.07 49.06
N GLU A 929 22.05 -20.95 49.13
CA GLU A 929 21.76 -21.68 50.34
C GLU A 929 22.90 -22.67 50.73
N VAL A 930 23.56 -23.28 49.75
CA VAL A 930 24.67 -24.20 50.04
C VAL A 930 25.78 -23.44 50.73
N ALA A 931 26.16 -22.29 50.15
CA ALA A 931 27.25 -21.45 50.70
C ALA A 931 27.02 -21.00 52.15
N VAL A 932 25.82 -20.49 52.42
CA VAL A 932 25.41 -20.05 53.73
C VAL A 932 25.41 -21.22 54.73
N THR A 933 24.92 -22.38 54.30
CA THR A 933 24.87 -23.60 55.14
C THR A 933 26.25 -24.13 55.52
N CYS A 934 27.18 -24.03 54.56
CA CYS A 934 28.54 -24.46 54.77
C CYS A 934 29.32 -23.38 55.50
N GLY A 935 28.79 -22.17 55.48
CA GLY A 935 29.42 -21.03 56.16
C GLY A 935 30.72 -20.66 55.49
N LEU A 936 30.71 -20.71 54.14
CA LEU A 936 31.87 -20.39 53.31
C LEU A 936 31.55 -19.21 52.36
N PRO A 937 32.57 -18.42 51.98
CA PRO A 937 32.34 -17.34 51.00
C PRO A 937 31.56 -17.83 49.77
N ALA A 938 30.59 -17.05 49.32
CA ALA A 938 29.76 -17.50 48.19
C ALA A 938 30.57 -17.72 46.89
N GLU A 939 31.48 -16.80 46.57
CA GLU A 939 32.29 -16.92 45.37
C GLU A 939 33.23 -18.15 45.36
N GLU A 940 33.63 -18.63 46.53
CA GLU A 940 34.49 -19.80 46.65
C GLU A 940 33.67 -21.07 46.36
N VAL A 941 32.45 -21.13 46.91
CA VAL A 941 31.55 -22.26 46.70
C VAL A 941 31.16 -22.38 45.23
N ARG A 942 30.91 -21.24 44.58
CA ARG A 942 30.50 -21.24 43.18
C ARG A 942 31.65 -21.64 42.27
N TRP A 943 32.81 -21.03 42.48
CA TRP A 943 34.05 -21.38 41.76
C TRP A 943 34.42 -22.87 41.85
N LYS A 944 34.39 -23.42 43.05
CA LYS A 944 34.69 -24.83 43.32
C LYS A 944 33.79 -25.80 42.57
N ASN A 945 32.53 -25.41 42.35
CA ASN A 945 31.54 -26.29 41.73
C ASN A 945 31.44 -26.15 40.21
N MET A 946 32.18 -25.18 39.66
CA MET A 946 32.16 -24.94 38.22
C MET A 946 32.62 -26.11 37.39
N TYR A 947 32.05 -26.19 36.19
CA TYR A 947 32.54 -27.07 35.15
C TYR A 947 34.02 -26.71 34.85
N LYS A 948 34.78 -27.67 34.32
CA LYS A 948 36.07 -27.40 33.68
C LYS A 948 35.89 -27.57 32.19
N GLU A 949 36.77 -26.92 31.44
CA GLU A 949 37.00 -27.23 30.03
C GLU A 949 36.85 -28.74 29.75
N GLY A 950 36.05 -29.09 28.76
CA GLY A 950 35.84 -30.49 28.39
C GLY A 950 34.92 -31.34 29.27
N ASP A 951 34.32 -30.78 30.32
CA ASP A 951 33.28 -31.54 31.05
C ASP A 951 31.97 -31.77 30.24
N LEU A 952 31.24 -32.81 30.60
CA LEU A 952 29.90 -33.03 30.07
C LEU A 952 28.85 -32.37 30.98
N THR A 953 27.90 -31.65 30.38
CA THR A 953 26.69 -31.22 31.08
C THR A 953 25.81 -32.42 31.56
N HIS A 954 24.70 -32.10 32.23
CA HIS A 954 23.75 -33.12 32.67
C HIS A 954 23.03 -33.78 31.50
N PHE A 955 23.12 -33.16 30.32
CA PHE A 955 22.52 -33.74 29.11
C PHE A 955 23.65 -34.18 28.15
N ASN A 956 24.82 -34.43 28.73
CA ASN A 956 25.96 -35.06 28.07
C ASN A 956 26.57 -34.33 26.89
N GLN A 957 26.46 -33.01 26.85
CA GLN A 957 27.09 -32.25 25.77
C GLN A 957 28.36 -31.67 26.33
N ARG A 958 29.42 -31.74 25.52
CA ARG A 958 30.76 -31.36 25.96
C ARG A 958 30.94 -29.85 25.88
N LEU A 959 31.54 -29.29 26.92
CA LEU A 959 31.77 -27.86 26.97
C LEU A 959 33.18 -27.53 26.46
N GLU A 960 33.25 -27.03 25.24
CA GLU A 960 34.55 -26.69 24.62
C GLU A 960 34.57 -25.18 24.44
N GLY A 961 35.71 -24.54 24.72
CA GLY A 961 35.81 -23.09 24.69
C GLY A 961 35.03 -22.50 25.87
N PHE A 962 35.17 -23.15 27.02
CA PHE A 962 34.43 -22.79 28.24
C PHE A 962 35.13 -21.61 28.92
N SER A 963 34.64 -20.39 28.68
CA SER A 963 35.35 -19.18 29.13
C SER A 963 34.86 -18.59 30.45
N VAL A 964 33.88 -19.23 31.08
CA VAL A 964 33.42 -18.75 32.39
C VAL A 964 34.59 -18.41 33.35
N PRO A 965 35.61 -19.31 33.47
CA PRO A 965 36.72 -18.99 34.36
C PRO A 965 37.40 -17.66 34.09
N ARG A 966 37.68 -17.33 32.82
CA ARG A 966 38.27 -16.03 32.43
C ARG A 966 37.36 -14.83 32.70
N CYS A 967 36.07 -14.98 32.39
CA CYS A 967 35.10 -13.92 32.66
C CYS A 967 35.07 -13.64 34.15
N TRP A 968 35.07 -14.70 34.94
CA TRP A 968 35.02 -14.64 36.41
C TRP A 968 36.24 -13.91 36.97
N ASP A 969 37.41 -14.47 36.67
CA ASP A 969 38.72 -13.86 36.96
C ASP A 969 38.68 -12.37 36.65
N GLU A 970 38.25 -12.04 35.43
CA GLU A 970 38.34 -10.68 34.94
C GLU A 970 37.33 -9.76 35.60
N CYS A 971 36.14 -10.29 35.88
CA CYS A 971 35.11 -9.52 36.56
C CYS A 971 35.53 -9.27 38.01
N LEU A 972 36.06 -10.31 38.64
CA LEU A 972 36.60 -10.18 40.00
C LEU A 972 37.57 -9.00 40.13
N LYS A 973 38.49 -8.90 39.17
CA LYS A 973 39.54 -7.90 39.18
C LYS A 973 39.05 -6.49 38.84
N SER A 974 38.34 -6.34 37.73
CA SER A 974 37.92 -5.00 37.28
C SER A 974 36.86 -4.38 38.20
N SER A 975 36.05 -5.23 38.84
CA SER A 975 35.04 -4.77 39.79
C SER A 975 35.59 -4.59 41.20
N GLN A 976 36.85 -4.98 41.40
CA GLN A 976 37.51 -4.90 42.71
C GLN A 976 36.70 -5.60 43.81
N TYR A 977 36.27 -6.82 43.51
CA TYR A 977 35.37 -7.57 44.35
C TYR A 977 35.82 -7.73 45.80
N TYR A 978 37.08 -8.10 46.01
CA TYR A 978 37.54 -8.39 47.37
C TYR A 978 37.62 -7.12 48.20
N ALA A 979 38.21 -6.06 47.66
CA ALA A 979 38.25 -4.78 48.36
C ALA A 979 36.86 -4.31 48.83
N ARG A 980 35.92 -4.28 47.88
CA ARG A 980 34.58 -3.77 48.14
C ARG A 980 33.79 -4.62 49.12
N LYS A 981 34.02 -5.94 49.11
CA LYS A 981 33.39 -6.84 50.05
C LYS A 981 33.66 -6.40 51.50
N SER A 982 34.91 -6.01 51.79
CA SER A 982 35.29 -5.42 53.08
C SER A 982 34.56 -4.13 53.36
N GLU A 983 34.49 -3.28 52.34
CA GLU A 983 33.79 -2.02 52.43
C GLU A 983 32.32 -2.23 52.78
N VAL A 984 31.73 -3.28 52.20
CA VAL A 984 30.34 -3.68 52.48
C VAL A 984 30.16 -4.15 53.93
N ASP A 985 31.05 -5.02 54.41
CA ASP A 985 31.01 -5.39 55.83
C ASP A 985 31.21 -4.22 56.77
N LYS A 986 32.21 -3.39 56.51
CA LYS A 986 32.44 -2.18 57.29
C LYS A 986 31.18 -1.30 57.36
N PHE A 987 30.52 -1.13 56.21
CA PHE A 987 29.31 -0.34 56.14
C PHE A 987 28.20 -0.92 57.02
N ASN A 988 28.07 -2.24 57.02
CA ASN A 988 27.01 -2.90 57.75
C ASN A 988 27.22 -2.91 59.26
N LYS A 989 28.48 -3.00 59.69
CA LYS A 989 28.87 -2.84 61.10
C LYS A 989 28.57 -1.44 61.64
N GLU A 990 28.49 -0.45 60.75
CA GLU A 990 28.28 0.96 61.14
C GLU A 990 26.85 1.51 60.88
N ASN A 991 26.01 0.74 60.20
CA ASN A 991 24.65 1.20 59.89
C ASN A 991 23.59 0.25 60.40
N CYS A 992 22.55 0.81 61.00
CA CYS A 992 21.56 0.02 61.68
C CYS A 992 20.32 -0.31 60.81
N TRP A 993 19.88 0.67 60.04
CA TRP A 993 18.61 0.60 59.34
C TRP A 993 18.76 0.70 57.84
N LYS A 994 19.99 0.48 57.36
CA LYS A 994 20.34 0.47 55.94
C LYS A 994 21.48 -0.52 55.84
N LYS A 995 21.47 -1.36 54.81
CA LYS A 995 22.46 -2.41 54.69
C LYS A 995 22.88 -2.57 53.24
N ARG A 996 24.11 -3.04 53.05
CA ARG A 996 24.63 -3.30 51.73
C ARG A 996 24.84 -4.78 51.42
N GLY A 997 24.89 -5.08 50.14
CA GLY A 997 24.99 -6.45 49.67
C GLY A 997 25.74 -6.46 48.36
N LEU A 998 26.54 -7.50 48.17
CA LEU A 998 27.35 -7.64 46.97
C LEU A 998 27.30 -9.09 46.55
N CYS A 999 27.19 -9.35 45.26
CA CYS A 999 27.17 -10.73 44.79
C CYS A 999 27.77 -10.84 43.39
N ILE A 1000 28.45 -11.95 43.13
CA ILE A 1000 28.98 -12.18 41.82
C ILE A 1000 28.42 -13.48 41.32
N ILE A 1001 27.95 -13.46 40.08
CA ILE A 1001 27.20 -14.59 39.54
C ILE A 1001 27.63 -14.88 38.09
N PRO A 1002 27.82 -16.16 37.74
CA PRO A 1002 28.16 -16.50 36.37
C PRO A 1002 26.93 -16.92 35.56
N THR A 1003 27.04 -16.98 34.23
CA THR A 1003 26.03 -17.67 33.44
C THR A 1003 26.55 -18.40 32.20
N LYS A 1004 25.94 -19.53 31.89
CA LYS A 1004 26.11 -20.16 30.58
C LYS A 1004 24.74 -20.25 29.92
N PHE A 1005 24.69 -20.12 28.60
CA PHE A 1005 23.41 -20.13 27.89
C PHE A 1005 23.57 -20.82 26.53
N GLY A 1006 22.84 -21.91 26.29
CA GLY A 1006 22.92 -22.69 25.06
C GLY A 1006 22.39 -22.00 23.80
N ILE A 1007 23.17 -22.04 22.72
CA ILE A 1007 22.83 -21.35 21.48
C ILE A 1007 22.34 -22.30 20.38
N SER A 1008 21.06 -22.15 20.04
CA SER A 1008 20.34 -22.87 18.95
C SER A 1008 18.90 -22.97 19.33
N PHE A 1009 18.04 -23.15 18.34
CA PHE A 1009 16.68 -23.57 18.57
C PHE A 1009 16.69 -25.04 19.05
N THR A 1010 15.97 -25.35 20.11
CA THR A 1010 15.93 -26.72 20.64
C THR A 1010 15.06 -27.65 19.79
N VAL A 1011 14.26 -27.07 18.91
CA VAL A 1011 13.65 -27.82 17.82
C VAL A 1011 14.65 -27.82 16.65
N PRO A 1012 15.21 -29.00 16.26
CA PRO A 1012 16.31 -28.97 15.27
C PRO A 1012 15.98 -28.33 13.92
N PHE A 1013 14.76 -28.54 13.41
CA PHE A 1013 14.40 -28.03 12.09
C PHE A 1013 14.28 -26.50 11.94
N LEU A 1014 14.20 -25.76 13.04
CA LEU A 1014 14.17 -24.29 12.98
C LEU A 1014 15.54 -23.67 12.69
N ASN A 1015 16.61 -24.45 12.85
CA ASN A 1015 17.96 -23.90 12.60
C ASN A 1015 18.31 -23.93 11.13
N GLN A 1016 17.59 -23.11 10.37
CA GLN A 1016 17.78 -23.00 8.95
C GLN A 1016 17.47 -21.56 8.57
N ALA A 1017 18.04 -21.11 7.46
CA ALA A 1017 18.01 -19.70 7.13
C ALA A 1017 18.33 -19.46 5.66
N GLY A 1018 17.48 -18.66 5.04
CA GLY A 1018 17.65 -18.21 3.66
C GLY A 1018 17.89 -16.71 3.47
N ALA A 1019 18.56 -16.37 2.37
CA ALA A 1019 18.81 -15.00 1.98
C ALA A 1019 18.52 -14.92 0.50
N LEU A 1020 18.24 -13.72 -0.01
CA LEU A 1020 18.12 -13.46 -1.47
C LEU A 1020 18.85 -12.17 -1.76
N ILE A 1021 19.74 -12.17 -2.74
CA ILE A 1021 20.49 -10.95 -3.07
C ILE A 1021 20.43 -10.63 -4.54
N HIS A 1022 20.15 -9.36 -4.84
CA HIS A 1022 20.20 -8.83 -6.19
C HIS A 1022 21.26 -7.77 -6.27
N VAL A 1023 22.02 -7.76 -7.36
CA VAL A 1023 22.88 -6.63 -7.66
C VAL A 1023 22.29 -5.99 -8.89
N TYR A 1024 21.88 -4.73 -8.79
CA TYR A 1024 21.31 -3.99 -9.94
C TYR A 1024 22.43 -3.41 -10.81
N THR A 1025 22.07 -2.85 -11.95
CA THR A 1025 23.07 -2.59 -12.99
C THR A 1025 23.85 -1.33 -12.73
N ASP A 1026 23.47 -0.54 -11.72
CA ASP A 1026 24.33 0.53 -11.24
C ASP A 1026 25.28 -0.01 -10.17
N GLY A 1027 25.30 -1.33 -9.98
CA GLY A 1027 26.09 -1.96 -8.91
C GLY A 1027 25.53 -1.88 -7.48
N SER A 1028 24.41 -1.18 -7.27
CA SER A 1028 23.78 -1.14 -5.94
C SER A 1028 23.22 -2.54 -5.61
N VAL A 1029 23.23 -2.88 -4.33
CA VAL A 1029 22.93 -4.23 -3.92
C VAL A 1029 21.69 -4.26 -2.99
N LEU A 1030 20.76 -5.17 -3.26
CA LEU A 1030 19.60 -5.33 -2.35
C LEU A 1030 19.64 -6.68 -1.68
N VAL A 1031 19.77 -6.66 -0.36
CA VAL A 1031 19.83 -7.86 0.43
C VAL A 1031 18.49 -8.08 1.12
N SER A 1032 18.04 -9.32 1.08
CA SER A 1032 16.85 -9.73 1.77
C SER A 1032 17.17 -11.05 2.43
N HIS A 1033 16.72 -11.22 3.65
CA HIS A 1033 16.96 -12.46 4.39
C HIS A 1033 15.74 -12.68 5.27
N GLY A 1034 15.64 -13.85 5.89
CA GLY A 1034 14.47 -14.22 6.70
C GLY A 1034 14.32 -13.54 8.05
N GLY A 1035 15.39 -12.90 8.55
CA GLY A 1035 15.33 -12.24 9.86
C GLY A 1035 14.54 -10.94 9.81
N THR A 1036 13.99 -10.55 10.96
CA THR A 1036 13.34 -9.24 11.15
C THR A 1036 14.16 -8.36 12.10
N GLU A 1037 13.96 -7.04 11.97
CA GLU A 1037 14.56 -6.03 12.83
C GLU A 1037 13.60 -5.62 13.97
N MET A 1038 14.02 -5.85 15.21
CA MET A 1038 13.23 -5.41 16.34
C MET A 1038 13.97 -4.41 17.20
N GLY A 1039 15.08 -3.91 16.68
CA GLY A 1039 15.94 -2.99 17.44
C GLY A 1039 17.30 -3.57 17.78
N GLN A 1040 17.55 -4.83 17.40
CA GLN A 1040 18.72 -5.53 17.86
C GLN A 1040 19.89 -5.26 16.93
N GLY A 1041 19.60 -4.58 15.81
CA GLY A 1041 20.58 -4.28 14.79
C GLY A 1041 21.02 -5.45 13.92
N LEU A 1042 20.07 -6.35 13.61
CA LEU A 1042 20.26 -7.46 12.68
C LEU A 1042 20.58 -6.97 11.26
N HIS A 1043 19.78 -6.02 10.76
CA HIS A 1043 20.03 -5.54 9.43
C HIS A 1043 21.40 -4.81 9.38
N THR A 1044 21.70 -4.03 10.42
CA THR A 1044 23.00 -3.39 10.50
C THR A 1044 24.12 -4.46 10.39
N LYS A 1045 24.05 -5.49 11.22
CA LYS A 1045 25.00 -6.62 11.13
C LYS A 1045 25.04 -7.34 9.78
N MET A 1046 23.89 -7.50 9.13
CA MET A 1046 23.85 -8.16 7.81
C MET A 1046 24.47 -7.31 6.70
N VAL A 1047 24.33 -6.00 6.78
CA VAL A 1047 24.99 -5.08 5.86
C VAL A 1047 26.52 -5.17 6.09
N GLN A 1048 26.95 -5.25 7.33
CA GLN A 1048 28.38 -5.34 7.63
C GLN A 1048 29.00 -6.65 7.12
N VAL A 1049 28.23 -7.74 7.21
CA VAL A 1049 28.67 -9.04 6.73
C VAL A 1049 28.74 -9.02 5.20
N ALA A 1050 27.73 -8.42 4.56
CA ALA A 1050 27.64 -8.43 3.11
C ALA A 1050 28.77 -7.60 2.49
N SER A 1051 29.02 -6.45 3.10
CA SER A 1051 30.06 -5.53 2.68
C SER A 1051 31.42 -6.19 2.80
N LYS A 1052 31.62 -6.96 3.86
CA LYS A 1052 32.87 -7.69 4.03
C LYS A 1052 32.99 -8.83 3.03
N ALA A 1053 31.90 -9.58 2.85
CA ALA A 1053 31.91 -10.72 1.93
C ALA A 1053 32.10 -10.28 0.46
N LEU A 1054 31.45 -9.19 0.07
CA LEU A 1054 31.56 -8.68 -1.30
C LEU A 1054 32.80 -7.79 -1.57
N LYS A 1055 33.41 -7.27 -0.51
CA LYS A 1055 34.55 -6.35 -0.62
C LYS A 1055 34.13 -5.05 -1.29
N ILE A 1056 33.00 -4.51 -0.83
CA ILE A 1056 32.49 -3.21 -1.30
C ILE A 1056 32.05 -2.38 -0.09
N PRO A 1057 31.98 -1.04 -0.24
CA PRO A 1057 31.51 -0.17 0.86
C PRO A 1057 30.07 -0.47 1.30
N ILE A 1058 29.76 -0.22 2.57
CA ILE A 1058 28.40 -0.41 3.06
C ILE A 1058 27.39 0.44 2.31
N SER A 1059 27.83 1.62 1.83
CA SER A 1059 26.94 2.58 1.17
C SER A 1059 26.31 2.05 -0.15
N LYS A 1060 26.85 0.97 -0.71
CA LYS A 1060 26.31 0.32 -1.91
C LYS A 1060 25.34 -0.85 -1.60
N ILE A 1061 25.07 -1.09 -0.32
CA ILE A 1061 24.26 -2.23 0.11
C ILE A 1061 23.05 -1.74 0.89
N TYR A 1062 21.90 -2.39 0.70
CA TYR A 1062 20.70 -1.93 1.38
C TYR A 1062 19.80 -3.09 1.80
N ILE A 1063 19.22 -2.96 2.99
CA ILE A 1063 18.19 -3.89 3.44
C ILE A 1063 16.92 -3.10 3.73
N SER A 1064 15.88 -3.44 2.98
CA SER A 1064 14.65 -2.70 3.01
C SER A 1064 13.62 -3.23 4.01
N GLU A 1065 13.39 -4.54 3.99
CA GLU A 1065 12.29 -5.15 4.76
C GLU A 1065 12.44 -6.66 4.68
N THR A 1066 11.63 -7.36 5.45
CA THR A 1066 11.53 -8.79 5.45
C THR A 1066 10.19 -9.08 4.77
N SER A 1067 10.14 -10.10 3.92
CA SER A 1067 8.88 -10.47 3.25
C SER A 1067 8.83 -11.93 2.79
N THR A 1068 7.63 -12.51 2.85
CA THR A 1068 7.42 -13.93 2.56
C THR A 1068 7.54 -14.23 1.09
N ASN A 1069 7.48 -13.22 0.23
CA ASN A 1069 7.68 -13.49 -1.17
C ASN A 1069 9.13 -13.32 -1.65
N THR A 1070 10.04 -12.94 -0.75
CA THR A 1070 11.48 -12.92 -1.08
C THR A 1070 12.18 -14.12 -0.46
N VAL A 1071 11.96 -14.32 0.85
CA VAL A 1071 12.50 -15.51 1.53
C VAL A 1071 11.38 -16.26 2.26
N PRO A 1072 10.97 -17.43 1.72
CA PRO A 1072 9.85 -18.26 2.23
C PRO A 1072 10.27 -19.17 3.38
N ASN A 1073 9.29 -19.71 4.10
CA ASN A 1073 9.52 -20.74 5.14
C ASN A 1073 10.55 -20.39 6.22
N SER A 1074 10.59 -19.11 6.57
CA SER A 1074 11.56 -18.60 7.52
C SER A 1074 11.18 -18.93 8.96
N SER A 1075 12.18 -19.33 9.75
CA SER A 1075 12.03 -19.47 11.19
C SER A 1075 11.68 -18.14 11.83
N PRO A 1076 11.04 -18.18 13.01
CA PRO A 1076 10.85 -16.90 13.70
C PRO A 1076 12.21 -16.27 14.05
N THR A 1077 12.27 -14.94 14.05
CA THR A 1077 13.46 -14.23 14.45
C THR A 1077 13.60 -14.43 15.97
N ALA A 1078 14.32 -15.46 16.38
CA ALA A 1078 14.27 -15.83 17.77
C ALA A 1078 15.50 -16.63 18.16
N ALA A 1079 15.59 -17.04 19.43
CA ALA A 1079 16.68 -17.87 19.95
C ALA A 1079 18.13 -17.32 19.76
N SER A 1080 18.23 -15.98 19.57
CA SER A 1080 19.50 -15.25 19.51
C SER A 1080 20.45 -15.62 18.36
N VAL A 1081 19.99 -16.50 17.47
CA VAL A 1081 20.84 -17.10 16.44
C VAL A 1081 20.72 -16.40 15.08
N SER A 1082 19.99 -15.28 15.01
CA SER A 1082 19.70 -14.67 13.70
C SER A 1082 20.96 -14.18 12.99
N THR A 1083 21.81 -13.50 13.74
CA THR A 1083 23.15 -13.12 13.24
C THR A 1083 23.91 -14.35 12.74
N ASP A 1084 23.93 -15.41 13.53
CA ASP A 1084 24.62 -16.66 13.13
C ASP A 1084 24.09 -17.19 11.81
N ILE A 1085 22.77 -17.32 11.70
CA ILE A 1085 22.22 -18.08 10.59
C ILE A 1085 21.93 -17.27 9.35
N TYR A 1086 21.42 -16.05 9.53
CA TYR A 1086 21.28 -15.19 8.38
C TYR A 1086 22.66 -14.63 7.97
N GLY A 1087 23.58 -14.50 8.93
CA GLY A 1087 24.96 -14.08 8.63
C GLY A 1087 25.56 -15.02 7.62
N GLN A 1088 25.41 -16.32 7.89
CA GLN A 1088 25.91 -17.38 7.04
C GLN A 1088 25.22 -17.43 5.68
N ALA A 1089 23.88 -17.31 5.68
CA ALA A 1089 23.10 -17.34 4.43
C ALA A 1089 23.44 -16.16 3.51
N VAL A 1090 23.54 -14.97 4.09
CA VAL A 1090 23.97 -13.81 3.32
C VAL A 1090 25.41 -14.04 2.79
N TYR A 1091 26.29 -14.55 3.64
CA TYR A 1091 27.65 -14.84 3.21
C TYR A 1091 27.69 -15.70 1.93
N GLU A 1092 26.92 -16.78 1.92
CA GLU A 1092 26.87 -17.74 0.80
C GLU A 1092 26.36 -17.11 -0.46
N ALA A 1093 25.27 -16.35 -0.36
CA ALA A 1093 24.75 -15.62 -1.50
C ALA A 1093 25.84 -14.67 -2.05
N CYS A 1094 26.58 -14.03 -1.18
CA CYS A 1094 27.67 -13.17 -1.62
C CYS A 1094 28.79 -13.94 -2.34
N GLN A 1095 29.06 -15.18 -1.93
CA GLN A 1095 30.13 -15.98 -2.53
C GLN A 1095 29.78 -16.34 -3.95
N THR A 1096 28.55 -16.83 -4.10
CA THR A 1096 27.95 -17.10 -5.39
C THR A 1096 28.10 -15.91 -6.31
N ILE A 1097 27.73 -14.72 -5.83
CA ILE A 1097 27.86 -13.52 -6.66
C ILE A 1097 29.31 -13.22 -7.04
N LEU A 1098 30.23 -13.32 -6.08
CA LEU A 1098 31.66 -13.22 -6.39
C LEU A 1098 32.18 -14.24 -7.42
N LYS A 1099 31.69 -15.48 -7.37
CA LYS A 1099 32.13 -16.51 -8.30
C LYS A 1099 31.69 -16.17 -9.71
N ARG A 1100 30.50 -15.56 -9.82
CA ARG A 1100 29.97 -15.15 -11.12
C ARG A 1100 30.66 -13.94 -11.71
N LEU A 1101 31.13 -13.02 -10.86
CA LEU A 1101 31.86 -11.85 -11.34
C LEU A 1101 33.32 -12.14 -11.66
N GLU A 1102 33.81 -13.28 -11.20
CA GLU A 1102 35.25 -13.61 -11.27
C GLU A 1102 35.83 -13.44 -12.71
N PRO A 1103 35.18 -14.04 -13.73
CA PRO A 1103 35.79 -13.88 -15.05
C PRO A 1103 35.87 -12.40 -15.50
N PHE A 1104 35.01 -11.55 -14.98
CA PHE A 1104 35.05 -10.13 -15.34
C PHE A 1104 36.11 -9.31 -14.55
N LYS A 1105 36.35 -9.67 -13.29
CA LYS A 1105 37.46 -9.16 -12.55
C LYS A 1105 38.79 -9.56 -13.21
N LYS A 1106 38.85 -10.79 -13.75
CA LYS A 1106 40.03 -11.25 -14.47
C LYS A 1106 40.30 -10.50 -15.77
N LYS A 1107 39.27 -10.35 -16.63
CA LYS A 1107 39.44 -9.58 -17.87
C LYS A 1107 39.82 -8.10 -17.61
N ASN A 1108 39.38 -7.56 -16.47
CA ASN A 1108 39.55 -6.15 -16.14
C ASN A 1108 39.83 -5.87 -14.65
N PRO A 1109 41.04 -6.22 -14.15
CA PRO A 1109 41.30 -6.08 -12.70
C PRO A 1109 41.37 -4.64 -12.16
N ASP A 1110 41.58 -3.65 -13.00
CA ASP A 1110 41.56 -2.28 -12.49
C ASP A 1110 40.17 -1.63 -12.56
N GLY A 1111 39.20 -2.32 -13.17
CA GLY A 1111 37.81 -1.82 -13.24
C GLY A 1111 37.14 -1.70 -11.87
N SER A 1112 36.17 -0.80 -11.77
CA SER A 1112 35.45 -0.68 -10.51
C SER A 1112 34.41 -1.80 -10.38
N TRP A 1113 33.80 -1.92 -9.20
CA TRP A 1113 32.66 -2.82 -8.96
C TRP A 1113 31.62 -2.65 -10.08
N GLU A 1114 31.30 -1.40 -10.40
CA GLU A 1114 30.30 -1.02 -11.42
C GLU A 1114 30.62 -1.47 -12.84
N ASP A 1115 31.91 -1.46 -13.18
CA ASP A 1115 32.38 -2.02 -14.44
C ASP A 1115 32.07 -3.49 -14.54
N TRP A 1116 32.46 -4.26 -13.52
CA TRP A 1116 32.30 -5.71 -13.51
C TRP A 1116 30.83 -6.13 -13.56
N VAL A 1117 30.02 -5.46 -12.74
CA VAL A 1117 28.58 -5.62 -12.68
C VAL A 1117 27.97 -5.37 -14.07
N MET A 1118 28.28 -4.24 -14.70
CA MET A 1118 27.78 -3.96 -16.07
C MET A 1118 28.21 -5.03 -17.11
N ALA A 1119 29.51 -5.38 -17.07
CA ALA A 1119 30.05 -6.40 -17.93
C ALA A 1119 29.41 -7.79 -17.75
N ALA A 1120 29.05 -8.16 -16.51
CA ALA A 1120 28.38 -9.46 -16.30
C ALA A 1120 26.95 -9.37 -16.79
N TYR A 1121 26.32 -8.21 -16.59
CA TYR A 1121 24.97 -7.96 -17.13
C TYR A 1121 24.95 -8.06 -18.64
N GLN A 1122 25.87 -7.38 -19.30
CA GLN A 1122 25.97 -7.47 -20.76
C GLN A 1122 26.45 -8.83 -21.29
N ASP A 1123 27.09 -9.64 -20.44
CA ASP A 1123 27.41 -11.03 -20.86
C ASP A 1123 26.27 -12.02 -20.51
N ARG A 1124 25.13 -11.48 -20.06
CA ARG A 1124 23.99 -12.28 -19.62
C ARG A 1124 24.34 -13.29 -18.53
N VAL A 1125 25.02 -12.78 -17.51
CA VAL A 1125 25.29 -13.56 -16.30
C VAL A 1125 24.33 -13.06 -15.22
N SER A 1126 23.59 -13.97 -14.61
CA SER A 1126 22.59 -13.57 -13.63
C SER A 1126 23.23 -12.95 -12.39
N LEU A 1127 22.68 -11.83 -11.95
CA LEU A 1127 23.18 -11.18 -10.75
C LEU A 1127 22.24 -11.30 -9.57
N SER A 1128 21.47 -12.39 -9.54
CA SER A 1128 20.53 -12.64 -8.46
C SER A 1128 20.78 -14.04 -7.94
N THR A 1129 20.76 -14.20 -6.62
CA THR A 1129 20.90 -15.54 -6.07
C THR A 1129 20.33 -15.69 -4.67
N THR A 1130 20.04 -16.95 -4.32
CA THR A 1130 19.69 -17.31 -2.97
C THR A 1130 20.96 -17.73 -2.22
N GLY A 1131 20.88 -17.72 -0.89
CA GLY A 1131 21.89 -18.32 -0.03
C GLY A 1131 21.13 -19.06 1.05
N PHE A 1132 21.76 -20.10 1.60
CA PHE A 1132 21.08 -20.94 2.56
C PHE A 1132 22.04 -21.59 3.53
N TYR A 1133 21.64 -21.68 4.79
CA TYR A 1133 22.44 -22.26 5.86
C TYR A 1133 21.62 -23.17 6.75
N ARG A 1134 22.28 -24.18 7.28
CA ARG A 1134 21.65 -25.25 8.03
C ARG A 1134 22.62 -25.58 9.16
N THR A 1135 22.31 -25.27 10.43
CA THR A 1135 23.26 -25.54 11.53
C THR A 1135 23.62 -27.03 11.63
N PRO A 1136 24.92 -27.36 11.49
CA PRO A 1136 25.35 -28.77 11.46
C PRO A 1136 25.41 -29.42 12.85
N ASN A 1137 25.26 -30.75 12.88
CA ASN A 1137 25.47 -31.57 14.10
C ASN A 1137 24.51 -31.30 15.27
N LEU A 1138 23.22 -31.17 14.98
CA LEU A 1138 22.25 -30.92 16.03
C LEU A 1138 21.24 -32.03 16.12
N GLY A 1139 20.83 -32.36 17.33
CA GLY A 1139 19.87 -33.44 17.51
C GLY A 1139 20.02 -34.10 18.86
N TYR A 1140 19.35 -33.54 19.87
CA TYR A 1140 19.37 -34.11 21.21
C TYR A 1140 18.19 -35.06 21.37
N SER A 1141 18.44 -36.21 21.99
CA SER A 1141 17.41 -37.21 22.25
C SER A 1141 17.15 -37.32 23.76
N PHE A 1142 15.93 -37.01 24.20
CA PHE A 1142 15.54 -37.22 25.61
C PHE A 1142 15.61 -38.69 26.04
N GLU A 1143 15.25 -39.61 25.15
CA GLU A 1143 15.25 -41.04 25.51
C GLU A 1143 16.64 -41.70 25.65
N THR A 1144 17.65 -41.15 24.99
CA THR A 1144 19.01 -41.67 25.12
C THR A 1144 19.87 -40.66 25.88
N ASN A 1145 19.29 -39.48 26.18
CA ASN A 1145 20.05 -38.36 26.81
C ASN A 1145 21.42 -38.18 26.14
N SER A 1146 21.40 -37.95 24.82
CA SER A 1146 22.63 -37.65 24.09
C SER A 1146 22.31 -37.02 22.74
N GLY A 1147 23.36 -36.45 22.12
CA GLY A 1147 23.25 -35.63 20.93
C GLY A 1147 23.31 -34.19 21.38
N ASN A 1148 23.74 -33.31 20.48
CA ASN A 1148 23.89 -31.90 20.82
C ASN A 1148 22.57 -31.16 20.80
N ALA A 1149 22.29 -30.47 21.90
CA ALA A 1149 21.12 -29.62 21.97
C ALA A 1149 21.47 -28.26 21.37
N PHE A 1150 22.72 -27.85 21.52
CA PHE A 1150 23.17 -26.51 21.15
C PHE A 1150 24.39 -26.51 20.26
N HIS A 1151 24.58 -25.42 19.51
CA HIS A 1151 25.75 -25.32 18.65
C HIS A 1151 26.97 -24.96 19.49
N TYR A 1152 26.79 -24.01 20.41
CA TYR A 1152 27.82 -23.61 21.37
C TYR A 1152 27.15 -22.90 22.55
N PHE A 1153 27.98 -22.38 23.46
CA PHE A 1153 27.46 -21.66 24.62
C PHE A 1153 28.02 -20.24 24.67
N THR A 1154 27.19 -19.28 25.08
CA THR A 1154 27.63 -17.92 25.38
C THR A 1154 27.72 -17.83 26.91
N TYR A 1155 28.75 -17.14 27.40
CA TYR A 1155 29.07 -17.08 28.83
C TYR A 1155 29.20 -15.64 29.29
N GLY A 1156 28.99 -15.43 30.58
CA GLY A 1156 29.24 -14.12 31.18
C GLY A 1156 29.19 -14.17 32.69
N VAL A 1157 29.67 -13.11 33.31
CA VAL A 1157 29.74 -13.02 34.77
C VAL A 1157 29.43 -11.58 35.13
N ALA A 1158 28.64 -11.42 36.19
CA ALA A 1158 28.23 -10.09 36.64
C ALA A 1158 28.35 -9.96 38.15
N CYS A 1159 28.89 -8.82 38.56
CA CYS A 1159 28.96 -8.44 39.97
C CYS A 1159 28.11 -7.19 40.22
N SER A 1160 27.24 -7.25 41.21
CA SER A 1160 26.38 -6.10 41.55
C SER A 1160 26.40 -5.77 43.04
N GLU A 1161 26.29 -4.48 43.34
CA GLU A 1161 26.19 -3.99 44.70
C GLU A 1161 24.96 -3.12 44.85
N VAL A 1162 24.18 -3.39 45.91
CA VAL A 1162 22.98 -2.62 46.24
C VAL A 1162 23.04 -2.10 47.67
N GLU A 1163 22.31 -1.02 47.95
CA GLU A 1163 22.01 -0.61 49.32
C GLU A 1163 20.49 -0.64 49.58
N ILE A 1164 20.08 -1.43 50.57
CA ILE A 1164 18.64 -1.48 50.94
C ILE A 1164 18.29 -0.53 52.09
N ASP A 1165 17.10 0.05 52.03
CA ASP A 1165 16.54 0.76 53.15
C ASP A 1165 15.71 -0.28 53.90
N CYS A 1166 16.21 -0.70 55.07
CA CYS A 1166 15.63 -1.79 55.85
C CYS A 1166 14.27 -1.40 56.44
N LEU A 1167 14.02 -0.10 56.52
CA LEU A 1167 12.77 0.37 57.10
C LEU A 1167 11.63 0.47 56.09
N THR A 1168 11.98 0.58 54.81
CA THR A 1168 10.94 0.75 53.79
C THR A 1168 10.97 -0.30 52.71
N GLY A 1169 12.03 -1.11 52.65
CA GLY A 1169 12.16 -2.04 51.52
C GLY A 1169 12.67 -1.49 50.20
N ASP A 1170 12.77 -0.17 50.07
CA ASP A 1170 13.42 0.48 48.91
C ASP A 1170 14.90 0.12 48.80
N HIS A 1171 15.47 0.32 47.61
CA HIS A 1171 16.87 -0.01 47.39
C HIS A 1171 17.43 0.82 46.23
N LYS A 1172 18.76 0.99 46.27
CA LYS A 1172 19.49 1.66 45.25
C LYS A 1172 20.53 0.68 44.71
N ASN A 1173 20.59 0.57 43.39
CA ASN A 1173 21.61 -0.21 42.69
C ASN A 1173 22.86 0.66 42.56
N LEU A 1174 23.91 0.30 43.28
CA LEU A 1174 25.13 1.15 43.37
C LEU A 1174 26.08 0.93 42.21
N ARG A 1175 26.42 -0.33 41.95
CA ARG A 1175 27.40 -0.65 40.95
C ARG A 1175 27.20 -2.03 40.37
N THR A 1176 27.33 -2.13 39.05
CA THR A 1176 27.32 -3.41 38.39
C THR A 1176 28.47 -3.49 37.40
N ASP A 1177 29.24 -4.58 37.45
CA ASP A 1177 30.28 -4.84 36.46
C ASP A 1177 29.98 -6.13 35.74
N ILE A 1178 30.03 -6.07 34.42
CA ILE A 1178 29.78 -7.23 33.59
C ILE A 1178 30.97 -7.54 32.68
N VAL A 1179 31.32 -8.81 32.61
CA VAL A 1179 32.24 -9.28 31.61
C VAL A 1179 31.54 -10.38 30.79
N MET A 1180 31.36 -10.14 29.50
CA MET A 1180 30.65 -11.08 28.65
C MET A 1180 31.54 -11.65 27.53
N ASP A 1181 31.43 -12.96 27.32
CA ASP A 1181 32.04 -13.62 26.16
C ASP A 1181 31.09 -13.69 24.94
N VAL A 1182 31.27 -12.76 24.01
CA VAL A 1182 30.56 -12.79 22.72
C VAL A 1182 31.46 -13.19 21.52
N GLY A 1183 32.57 -13.88 21.78
CA GLY A 1183 33.55 -14.10 20.73
C GLY A 1183 34.14 -12.81 20.16
N SER A 1184 34.31 -12.78 18.85
CA SER A 1184 34.77 -11.59 18.17
C SER A 1184 33.55 -10.88 17.59
N SER A 1185 33.23 -9.75 18.19
CA SER A 1185 31.98 -9.08 17.93
C SER A 1185 31.94 -8.50 16.52
N LEU A 1186 30.83 -8.74 15.82
CA LEU A 1186 30.62 -8.05 14.54
C LEU A 1186 30.48 -6.56 14.75
N ASN A 1187 30.05 -6.15 15.96
CA ASN A 1187 29.73 -4.74 16.23
C ASN A 1187 29.60 -4.47 17.70
N PRO A 1188 30.70 -3.99 18.31
CA PRO A 1188 30.84 -3.84 19.75
C PRO A 1188 29.81 -2.87 20.32
N ALA A 1189 29.45 -1.85 19.55
CA ALA A 1189 28.41 -0.93 19.97
C ALA A 1189 27.05 -1.69 20.06
N ILE A 1190 26.66 -2.40 19.00
CA ILE A 1190 25.47 -3.24 19.04
C ILE A 1190 25.51 -4.25 20.23
N ASP A 1191 26.61 -4.99 20.35
CA ASP A 1191 26.69 -6.05 21.36
C ASP A 1191 26.64 -5.58 22.82
N ILE A 1192 27.35 -4.49 23.12
CA ILE A 1192 27.31 -3.85 24.43
C ILE A 1192 25.91 -3.34 24.74
N GLY A 1193 25.25 -2.78 23.73
CA GLY A 1193 23.85 -2.37 23.84
C GLY A 1193 22.95 -3.55 24.20
N GLN A 1194 23.22 -4.71 23.62
CA GLN A 1194 22.46 -5.91 23.94
C GLN A 1194 22.72 -6.42 25.36
N VAL A 1195 23.99 -6.41 25.78
CA VAL A 1195 24.36 -6.77 27.13
C VAL A 1195 23.63 -5.86 28.11
N GLU A 1196 23.60 -4.56 27.80
CA GLU A 1196 23.07 -3.54 28.70
C GLU A 1196 21.57 -3.60 28.83
N GLY A 1197 20.89 -3.69 27.69
CA GLY A 1197 19.44 -3.88 27.62
C GLY A 1197 18.94 -5.20 28.19
N ALA A 1198 19.62 -6.30 27.87
CA ALA A 1198 19.22 -7.57 28.45
C ALA A 1198 19.36 -7.52 29.97
N PHE A 1199 20.51 -7.04 30.46
CA PHE A 1199 20.74 -6.95 31.90
C PHE A 1199 19.63 -6.18 32.64
N VAL A 1200 19.28 -5.02 32.09
CA VAL A 1200 18.23 -4.19 32.65
C VAL A 1200 16.86 -4.86 32.59
N GLN A 1201 16.59 -5.67 31.57
CA GLN A 1201 15.32 -6.44 31.56
C GLN A 1201 15.31 -7.48 32.66
N GLY A 1202 16.49 -8.01 32.97
CA GLY A 1202 16.64 -9.06 33.96
C GLY A 1202 16.43 -8.47 35.32
N LEU A 1203 17.12 -7.34 35.58
CA LEU A 1203 16.91 -6.62 36.81
C LEU A 1203 15.44 -6.17 36.97
N GLY A 1204 14.73 -5.94 35.88
CA GLY A 1204 13.29 -5.67 35.96
C GLY A 1204 12.53 -6.89 36.49
N LEU A 1205 12.84 -8.05 35.90
CA LEU A 1205 12.22 -9.32 36.22
C LEU A 1205 12.40 -9.69 37.67
N PHE A 1206 13.61 -9.50 38.17
CA PHE A 1206 14.02 -9.98 39.50
C PHE A 1206 13.76 -8.99 40.65
N THR A 1207 13.44 -7.74 40.33
CA THR A 1207 13.36 -6.72 41.38
C THR A 1207 12.23 -5.70 41.22
N LEU A 1208 11.71 -5.50 40.03
CA LEU A 1208 10.73 -4.43 39.85
C LEU A 1208 9.38 -4.86 39.27
N GLU A 1209 9.38 -5.80 38.33
CA GLU A 1209 8.18 -6.11 37.56
C GLU A 1209 7.29 -7.13 38.26
N GLU A 1210 6.08 -6.69 38.60
CA GLU A 1210 5.20 -7.53 39.35
C GLU A 1210 3.82 -7.50 38.74
N LEU A 1211 3.41 -8.60 38.14
CA LEU A 1211 2.04 -8.72 37.63
C LEU A 1211 1.16 -9.21 38.76
N HIS A 1212 -0.06 -8.66 38.85
CA HIS A 1212 -0.96 -9.04 39.92
C HIS A 1212 -2.39 -9.22 39.42
N TYR A 1213 -3.04 -10.28 39.90
CA TYR A 1213 -4.36 -10.69 39.43
C TYR A 1213 -5.36 -10.81 40.59
N SER A 1214 -6.63 -10.58 40.31
CA SER A 1214 -7.70 -10.89 41.26
C SER A 1214 -7.66 -12.40 41.58
N PRO A 1215 -8.22 -12.81 42.74
CA PRO A 1215 -8.38 -14.23 43.03
C PRO A 1215 -9.08 -14.97 41.90
N GLU A 1216 -9.93 -14.26 41.17
CA GLU A 1216 -10.70 -14.82 40.06
C GLU A 1216 -9.98 -14.77 38.71
N GLY A 1217 -8.71 -14.38 38.69
CA GLY A 1217 -7.87 -14.49 37.48
C GLY A 1217 -7.89 -13.32 36.50
N SER A 1218 -8.23 -12.13 36.97
CA SER A 1218 -8.33 -10.95 36.12
C SER A 1218 -7.17 -10.00 36.39
N LEU A 1219 -6.42 -9.64 35.36
CA LEU A 1219 -5.21 -8.82 35.52
C LEU A 1219 -5.54 -7.43 36.05
N HIS A 1220 -4.86 -7.05 37.13
CA HIS A 1220 -5.06 -5.75 37.76
C HIS A 1220 -4.03 -4.73 37.26
N THR A 1221 -2.82 -5.21 36.99
CA THR A 1221 -1.70 -4.38 36.52
C THR A 1221 -1.65 -4.30 34.98
N ARG A 1222 -2.18 -3.22 34.42
CA ARG A 1222 -2.41 -3.13 32.97
C ARG A 1222 -1.81 -1.89 32.30
N GLY A 1223 -0.87 -1.23 32.98
CA GLY A 1223 -0.23 -0.07 32.39
C GLY A 1223 1.01 0.28 33.18
N PRO A 1224 1.72 1.34 32.75
CA PRO A 1224 2.94 1.74 33.48
C PRO A 1224 2.70 2.27 34.89
N SER A 1225 1.50 2.77 35.16
CA SER A 1225 1.20 3.28 36.51
C SER A 1225 1.13 2.17 37.57
N THR A 1226 0.95 0.90 37.17
CA THR A 1226 0.81 -0.22 38.12
C THR A 1226 1.76 -1.37 37.81
N TYR A 1227 2.53 -1.22 36.74
CA TYR A 1227 3.53 -2.23 36.39
C TYR A 1227 4.83 -1.48 36.10
N LYS A 1228 5.84 -1.69 36.92
CA LYS A 1228 7.02 -0.82 36.88
C LYS A 1228 8.18 -1.51 36.15
N ILE A 1229 8.44 -1.13 34.90
CA ILE A 1229 9.70 -1.54 34.26
C ILE A 1229 10.80 -0.58 34.68
N PRO A 1230 12.09 -1.00 34.53
CA PRO A 1230 13.15 -0.06 34.87
C PRO A 1230 12.94 1.26 34.18
N ALA A 1231 13.25 2.32 34.90
CA ALA A 1231 13.25 3.69 34.42
C ALA A 1231 14.71 4.22 34.38
N PHE A 1232 14.91 5.43 33.85
CA PHE A 1232 16.24 6.07 33.88
C PHE A 1232 16.87 5.99 35.27
N GLY A 1233 16.08 6.29 36.31
CA GLY A 1233 16.60 6.27 37.68
C GLY A 1233 16.78 4.89 38.30
N SER A 1234 16.51 3.83 37.53
CA SER A 1234 16.63 2.46 38.06
C SER A 1234 18.02 1.82 37.91
N ILE A 1235 18.82 2.30 36.98
CA ILE A 1235 20.04 1.59 36.63
C ILE A 1235 21.16 1.83 37.67
N PRO A 1236 22.15 0.91 37.73
CA PRO A 1236 23.29 1.10 38.62
C PRO A 1236 23.95 2.45 38.36
N THR A 1237 24.25 3.18 39.42
CA THR A 1237 24.94 4.48 39.34
C THR A 1237 26.23 4.33 38.54
N GLU A 1238 26.99 3.28 38.84
CA GLU A 1238 28.13 2.89 38.05
C GLU A 1238 27.85 1.57 37.33
N PHE A 1239 27.81 1.67 36.00
CA PHE A 1239 27.31 0.61 35.15
C PHE A 1239 28.37 0.29 34.08
N ARG A 1240 29.19 -0.73 34.35
CA ARG A 1240 30.33 -1.05 33.49
C ARG A 1240 30.14 -2.37 32.77
N VAL A 1241 30.31 -2.38 31.44
CA VAL A 1241 30.25 -3.61 30.63
C VAL A 1241 31.53 -3.77 29.81
N SER A 1242 32.12 -4.96 29.84
CA SER A 1242 33.30 -5.27 29.04
C SER A 1242 33.04 -6.50 28.21
N LEU A 1243 33.58 -6.50 27.00
CA LEU A 1243 33.59 -7.70 26.20
C LEU A 1243 34.98 -8.33 26.33
N LEU A 1244 34.96 -9.61 26.69
CA LEU A 1244 36.14 -10.46 26.76
C LEU A 1244 36.92 -10.43 25.44
N ARG A 1245 38.20 -10.08 25.56
CA ARG A 1245 39.12 -9.98 24.41
C ARG A 1245 39.71 -11.34 24.01
N ASP A 1246 40.24 -11.42 22.78
CA ASP A 1246 41.00 -12.62 22.27
C ASP A 1246 40.29 -13.95 22.41
N CYS A 1247 38.97 -13.98 22.18
CA CYS A 1247 38.24 -15.23 22.30
C CYS A 1247 37.38 -15.56 21.08
N PRO A 1248 38.02 -15.79 19.91
CA PRO A 1248 37.25 -16.10 18.69
C PRO A 1248 36.39 -17.39 18.84
N ASN A 1249 35.19 -17.37 18.24
CA ASN A 1249 34.30 -18.53 18.18
C ASN A 1249 34.37 -19.22 16.82
N LYS A 1250 34.92 -20.43 16.76
CA LYS A 1250 35.00 -21.21 15.51
C LYS A 1250 33.63 -21.63 14.94
N LYS A 1251 32.64 -21.75 15.82
CA LYS A 1251 31.29 -22.19 15.42
C LYS A 1251 30.48 -21.24 14.50
N ALA A 1252 30.64 -19.90 14.67
CA ALA A 1252 29.80 -18.89 14.00
C ALA A 1252 30.50 -17.85 13.11
N ILE A 1253 29.72 -17.21 12.25
CA ILE A 1253 30.14 -16.15 11.31
C ILE A 1253 31.17 -15.14 11.84
N TYR A 1254 32.34 -15.13 11.18
CA TYR A 1254 33.48 -14.26 11.52
C TYR A 1254 33.86 -14.31 12.99
N ALA A 1255 33.74 -15.51 13.55
CA ALA A 1255 34.12 -15.78 14.94
C ALA A 1255 33.25 -15.09 16.01
N SER A 1256 32.06 -14.59 15.64
CA SER A 1256 31.13 -14.00 16.63
C SER A 1256 30.31 -15.03 17.44
N LYS A 1257 29.55 -14.55 18.42
CA LYS A 1257 28.62 -15.36 19.22
C LYS A 1257 27.32 -14.58 19.38
N ALA A 1258 26.21 -15.31 19.47
CA ALA A 1258 24.92 -14.80 19.95
C ALA A 1258 25.03 -14.01 21.27
N VAL A 1259 24.28 -12.91 21.33
CA VAL A 1259 24.28 -12.00 22.46
C VAL A 1259 22.86 -11.62 22.94
N GLY A 1260 21.84 -11.78 22.09
CA GLY A 1260 20.48 -11.34 22.44
C GLY A 1260 19.95 -11.69 23.84
N GLU A 1261 19.93 -12.99 24.17
CA GLU A 1261 19.35 -13.50 25.42
C GLU A 1261 20.32 -13.88 26.54
N PRO A 1262 21.56 -14.35 26.19
CA PRO A 1262 22.46 -14.77 27.27
C PRO A 1262 22.68 -13.81 28.44
N PRO A 1263 22.68 -12.48 28.22
CA PRO A 1263 23.01 -11.64 29.39
C PRO A 1263 21.83 -11.25 30.29
N LEU A 1264 20.59 -11.57 29.88
CA LEU A 1264 19.40 -11.17 30.67
C LEU A 1264 19.48 -11.71 32.09
N PHE A 1265 19.90 -12.97 32.25
CA PHE A 1265 19.95 -13.58 33.58
C PHE A 1265 20.94 -12.92 34.52
N LEU A 1266 21.98 -12.29 33.99
CA LEU A 1266 22.96 -11.64 34.85
C LEU A 1266 22.29 -10.58 35.71
N GLY A 1267 21.11 -10.11 35.27
CA GLY A 1267 20.27 -9.24 36.07
C GLY A 1267 20.04 -9.74 37.49
N ALA A 1268 20.06 -11.07 37.68
CA ALA A 1268 19.85 -11.67 38.99
C ALA A 1268 20.93 -11.38 40.03
N SER A 1269 22.12 -10.93 39.58
CA SER A 1269 23.18 -10.50 40.53
C SER A 1269 22.65 -9.38 41.46
N VAL A 1270 21.82 -8.48 40.92
CA VAL A 1270 21.11 -7.49 41.75
C VAL A 1270 20.24 -8.18 42.81
N PHE A 1271 19.49 -9.19 42.39
CA PHE A 1271 18.61 -9.93 43.31
C PHE A 1271 19.42 -10.56 44.47
N PHE A 1272 20.50 -11.24 44.13
CA PHE A 1272 21.31 -11.92 45.17
C PHE A 1272 22.12 -10.94 46.03
N ALA A 1273 22.47 -9.79 45.46
CA ALA A 1273 23.00 -8.68 46.26
C ALA A 1273 21.94 -8.15 47.22
N ILE A 1274 20.69 -8.08 46.78
CA ILE A 1274 19.60 -7.72 47.69
C ILE A 1274 19.46 -8.76 48.81
N LYS A 1275 19.41 -10.05 48.44
CA LYS A 1275 19.36 -11.13 49.44
C LYS A 1275 20.55 -11.06 50.44
N ASP A 1276 21.78 -10.86 49.95
CA ASP A 1276 22.96 -10.61 50.79
C ASP A 1276 22.71 -9.51 51.84
N ALA A 1277 22.17 -8.36 51.39
CA ALA A 1277 21.90 -7.23 52.27
C ALA A 1277 20.81 -7.52 53.31
N ILE A 1278 19.77 -8.24 52.91
CA ILE A 1278 18.69 -8.62 53.83
C ILE A 1278 19.26 -9.50 54.95
N ARG A 1279 20.19 -10.36 54.57
CA ARG A 1279 20.87 -11.26 55.49
C ARG A 1279 21.56 -10.46 56.57
N ALA A 1280 22.21 -9.37 56.19
CA ALA A 1280 22.84 -8.47 57.17
C ALA A 1280 21.82 -7.75 58.02
N ALA A 1281 20.69 -7.38 57.42
CA ALA A 1281 19.60 -6.73 58.17
C ALA A 1281 19.03 -7.66 59.25
N ARG A 1282 18.94 -8.95 58.92
CA ARG A 1282 18.41 -9.97 59.82
C ARG A 1282 19.38 -10.34 60.93
N ALA A 1283 20.69 -10.30 60.65
CA ALA A 1283 21.69 -10.51 61.69
C ALA A 1283 21.64 -9.34 62.66
N GLN A 1284 21.31 -8.16 62.12
CA GLN A 1284 21.11 -6.96 62.95
C GLN A 1284 19.90 -7.05 63.90
N HIS A 1285 18.72 -7.43 63.39
CA HIS A 1285 17.49 -7.30 64.18
C HIS A 1285 16.67 -8.57 64.45
N THR A 1286 17.05 -9.72 63.90
CA THR A 1286 16.14 -10.88 63.90
C THR A 1286 16.49 -11.99 64.87
N ASN A 1287 17.69 -12.54 64.68
CA ASN A 1287 18.28 -13.65 65.47
C ASN A 1287 19.82 -13.62 65.33
N ASN A 1288 20.51 -14.64 65.82
CA ASN A 1288 21.97 -14.68 65.66
C ASN A 1288 22.46 -15.93 64.96
N ASN A 1289 21.55 -16.59 64.22
CA ASN A 1289 21.87 -17.77 63.46
C ASN A 1289 22.45 -17.32 62.12
N THR A 1290 23.74 -17.55 61.91
CA THR A 1290 24.39 -17.17 60.65
C THR A 1290 24.12 -18.12 59.48
N LYS A 1291 23.63 -19.32 59.77
CA LYS A 1291 23.38 -20.30 58.73
C LYS A 1291 21.87 -20.44 58.46
N GLU A 1292 21.14 -19.38 58.79
CA GLU A 1292 19.70 -19.30 58.54
C GLU A 1292 19.40 -19.22 57.04
N LEU A 1293 18.49 -20.05 56.60
CA LEU A 1293 17.99 -20.00 55.25
C LEU A 1293 16.64 -19.37 55.30
N PHE A 1294 16.46 -18.23 54.64
CA PHE A 1294 15.10 -17.68 54.49
C PHE A 1294 14.74 -17.67 53.01
N ARG A 1295 13.51 -18.03 52.71
CA ARG A 1295 12.98 -17.95 51.35
C ARG A 1295 12.85 -16.49 50.89
N LEU A 1296 13.17 -16.25 49.63
CA LEU A 1296 12.87 -14.98 48.99
C LEU A 1296 12.54 -15.24 47.54
N ASP A 1297 11.27 -15.03 47.18
CA ASP A 1297 10.79 -15.23 45.82
C ASP A 1297 11.15 -14.05 44.90
N SER A 1298 11.07 -14.26 43.60
CA SER A 1298 11.23 -13.20 42.64
C SER A 1298 9.82 -12.79 42.17
N PRO A 1299 9.60 -11.51 41.91
CA PRO A 1299 10.56 -10.40 42.08
C PRO A 1299 10.76 -9.97 43.56
N ALA A 1300 11.98 -9.58 43.91
CA ALA A 1300 12.31 -8.97 45.20
C ALA A 1300 11.86 -7.51 45.21
N THR A 1301 10.53 -7.30 45.26
CA THR A 1301 9.91 -5.98 45.36
C THR A 1301 10.11 -5.40 46.77
N PRO A 1302 9.85 -4.08 46.94
CA PRO A 1302 9.90 -3.47 48.27
C PRO A 1302 9.08 -4.25 49.32
N GLU A 1303 7.90 -4.75 48.98
CA GLU A 1303 7.15 -5.60 49.91
C GLU A 1303 7.99 -6.79 50.45
N LYS A 1304 8.48 -7.62 49.54
CA LYS A 1304 9.17 -8.84 49.95
C LYS A 1304 10.48 -8.50 50.69
N ILE A 1305 11.19 -7.46 50.21
CA ILE A 1305 12.39 -7.01 50.88
C ILE A 1305 12.08 -6.57 52.31
N ARG A 1306 11.00 -5.78 52.47
CA ARG A 1306 10.65 -5.22 53.77
C ARG A 1306 10.17 -6.28 54.74
N ASN A 1307 9.31 -7.18 54.28
CA ASN A 1307 8.81 -8.26 55.13
C ASN A 1307 9.96 -9.19 55.62
N ALA A 1308 11.01 -9.33 54.80
CA ALA A 1308 12.13 -10.18 55.18
C ALA A 1308 13.04 -9.54 56.25
N CYS A 1309 13.08 -8.22 56.32
CA CYS A 1309 13.79 -7.54 57.37
C CYS A 1309 12.99 -7.58 58.66
N VAL A 1310 12.83 -8.79 59.21
CA VAL A 1310 12.06 -9.01 60.43
C VAL A 1310 12.69 -8.26 61.60
N ASP A 1311 11.91 -7.37 62.20
CA ASP A 1311 12.43 -6.47 63.26
C ASP A 1311 11.33 -6.18 64.28
N LYS A 1312 11.52 -5.16 65.09
CA LYS A 1312 10.60 -4.85 66.18
C LYS A 1312 9.27 -4.25 65.66
N PHE A 1313 9.29 -3.88 64.38
CA PHE A 1313 8.13 -3.34 63.68
C PHE A 1313 7.29 -4.43 63.05
N THR A 1314 7.92 -5.32 62.28
CA THR A 1314 7.23 -6.41 61.60
C THR A 1314 6.56 -7.38 62.57
N THR A 1315 7.20 -7.57 63.72
CA THR A 1315 6.74 -8.49 64.77
C THR A 1315 5.78 -7.75 65.71
N LEU A 1316 5.83 -6.41 65.66
CA LEU A 1316 5.11 -5.53 66.59
C LEU A 1316 5.71 -5.51 68.01
N CYS A 1317 6.93 -5.97 68.16
CA CYS A 1317 7.63 -5.88 69.46
C CYS A 1317 7.67 -4.45 69.95
N VAL A 1318 7.72 -3.51 69.01
CA VAL A 1318 7.72 -2.10 69.35
C VAL A 1318 6.46 -1.71 70.14
N THR A 1319 5.36 -2.45 69.96
CA THR A 1319 4.14 -2.14 70.72
C THR A 1319 4.22 -2.52 72.21
N GLY A 1320 5.18 -3.35 72.58
CA GLY A 1320 5.26 -3.84 73.95
C GLY A 1320 4.95 -5.31 73.94
N ALA A 1321 4.51 -5.81 72.80
CA ALA A 1321 4.22 -7.22 72.63
C ALA A 1321 5.52 -8.02 72.59
N PRO A 1322 5.47 -9.30 73.01
CA PRO A 1322 6.63 -10.20 72.81
C PRO A 1322 6.72 -10.67 71.37
N GLY A 1323 7.92 -11.01 70.91
CA GLY A 1323 8.11 -11.50 69.54
C GLY A 1323 9.58 -11.77 69.28
N ASN A 1324 9.97 -11.78 68.01
CA ASN A 1324 11.36 -12.21 67.66
C ASN A 1324 12.43 -11.14 67.45
N CYS A 1325 13.26 -10.74 68.44
CA CYS A 1325 14.31 -9.70 68.15
C CYS A 1325 14.99 -8.73 69.20
N LYS A 1326 15.70 -9.24 70.21
CA LYS A 1326 16.46 -8.36 71.13
C LYS A 1326 15.71 -7.07 71.52
N THR B 2 -29.49 25.63 0.54
CA THR B 2 -30.51 25.54 -0.55
C THR B 2 -30.08 24.68 -1.76
N ALA B 3 -29.52 23.50 -1.53
CA ALA B 3 -29.35 22.51 -2.59
C ALA B 3 -30.13 21.26 -2.21
N ASP B 4 -30.93 20.73 -3.12
CA ASP B 4 -31.70 19.50 -2.91
C ASP B 4 -30.77 18.27 -2.91
N GLU B 5 -31.23 17.19 -2.30
CA GLU B 5 -30.51 15.91 -2.29
C GLU B 5 -30.70 15.17 -3.58
N LEU B 6 -29.61 14.59 -4.10
CA LEU B 6 -29.69 13.76 -5.31
C LEU B 6 -29.82 12.32 -4.85
N VAL B 7 -30.88 11.67 -5.30
CA VAL B 7 -31.18 10.31 -4.87
C VAL B 7 -31.30 9.37 -6.10
N PHE B 8 -30.43 8.36 -6.15
CA PHE B 8 -30.44 7.28 -7.17
C PHE B 8 -30.03 5.96 -6.55
N PHE B 9 -29.97 4.91 -7.35
CA PHE B 9 -29.62 3.58 -6.84
C PHE B 9 -28.45 3.03 -7.66
N VAL B 10 -27.60 2.22 -7.01
CA VAL B 10 -26.54 1.53 -7.71
C VAL B 10 -26.49 0.11 -7.22
N ASN B 11 -26.60 -0.84 -8.15
CA ASN B 11 -26.66 -2.27 -7.82
C ASN B 11 -27.67 -2.63 -6.71
N GLY B 12 -28.86 -2.04 -6.77
CA GLY B 12 -29.93 -2.30 -5.78
C GLY B 12 -29.90 -1.43 -4.52
N LYS B 13 -28.79 -0.71 -4.29
CA LYS B 13 -28.61 0.04 -3.04
C LYS B 13 -28.74 1.54 -3.24
N LYS B 14 -29.50 2.18 -2.35
CA LYS B 14 -29.80 3.61 -2.44
C LYS B 14 -28.57 4.50 -2.22
N VAL B 15 -28.43 5.52 -3.06
CA VAL B 15 -27.37 6.49 -2.91
C VAL B 15 -28.01 7.84 -2.65
N VAL B 16 -27.72 8.40 -1.47
CA VAL B 16 -28.11 9.77 -1.15
C VAL B 16 -26.90 10.66 -1.18
N GLU B 17 -26.88 11.58 -2.13
CA GLU B 17 -25.78 12.50 -2.29
C GLU B 17 -26.24 13.92 -1.98
N LYS B 18 -25.88 14.39 -0.78
CA LYS B 18 -26.28 15.71 -0.29
C LYS B 18 -25.60 16.91 -0.94
N ASN B 19 -24.48 16.70 -1.61
CA ASN B 19 -23.75 17.83 -2.15
C ASN B 19 -23.32 17.63 -3.59
N ALA B 20 -24.23 17.11 -4.42
CA ALA B 20 -23.85 16.75 -5.81
C ALA B 20 -23.30 17.95 -6.53
N ASP B 21 -22.14 17.78 -7.15
CA ASP B 21 -21.59 18.77 -8.06
C ASP B 21 -22.07 18.46 -9.48
N PRO B 22 -22.70 19.44 -10.17
CA PRO B 22 -23.14 19.27 -11.56
C PRO B 22 -22.07 18.79 -12.57
N GLU B 23 -20.79 19.06 -12.30
CA GLU B 23 -19.71 18.61 -13.20
C GLU B 23 -19.30 17.14 -12.98
N THR B 24 -19.74 16.49 -11.89
CA THR B 24 -19.32 15.13 -11.58
C THR B 24 -20.02 14.09 -12.47
N THR B 25 -19.20 13.26 -13.14
CA THR B 25 -19.73 12.19 -14.00
C THR B 25 -20.01 10.94 -13.20
N LEU B 26 -20.92 10.10 -13.69
CA LEU B 26 -21.16 8.80 -13.09
C LEU B 26 -19.88 7.95 -12.95
N LEU B 27 -19.01 8.01 -13.96
CA LEU B 27 -17.74 7.28 -13.94
C LEU B 27 -16.91 7.65 -12.72
N ALA B 28 -16.66 8.96 -12.55
CA ALA B 28 -15.83 9.47 -11.45
C ALA B 28 -16.44 9.09 -10.14
N TYR B 29 -17.77 9.13 -10.10
CA TYR B 29 -18.51 8.91 -8.87
C TYR B 29 -18.46 7.45 -8.50
N LEU B 30 -18.61 6.55 -9.47
CA LEU B 30 -18.58 5.13 -9.17
C LEU B 30 -17.18 4.76 -8.70
N ARG B 31 -16.18 5.28 -9.40
CA ARG B 31 -14.83 4.88 -9.12
C ARG B 31 -14.31 5.47 -7.83
N ARG B 32 -14.61 6.74 -7.58
CA ARG B 32 -13.96 7.50 -6.51
C ARG B 32 -14.81 7.72 -5.25
N LYS B 33 -16.13 7.53 -5.33
CA LYS B 33 -16.96 7.66 -4.14
C LYS B 33 -17.60 6.33 -3.74
N LEU B 34 -17.96 5.50 -4.71
CA LEU B 34 -18.64 4.26 -4.40
C LEU B 34 -17.73 3.05 -4.33
N GLY B 35 -16.45 3.22 -4.68
CA GLY B 35 -15.47 2.13 -4.60
C GLY B 35 -15.75 1.00 -5.57
N LEU B 36 -16.36 1.32 -6.70
CA LEU B 36 -16.72 0.32 -7.71
C LEU B 36 -15.88 0.51 -8.98
N ARG B 37 -14.76 -0.19 -9.06
CA ARG B 37 -13.75 0.11 -10.05
C ARG B 37 -13.77 -0.82 -11.26
N GLY B 38 -14.83 -1.63 -11.36
CA GLY B 38 -15.00 -2.52 -12.50
C GLY B 38 -15.27 -1.74 -13.76
N THR B 39 -15.97 -0.60 -13.64
CA THR B 39 -16.19 0.28 -14.76
C THR B 39 -14.91 1.08 -15.04
N LYS B 40 -14.48 1.14 -16.30
CA LYS B 40 -13.15 1.70 -16.64
C LYS B 40 -13.21 2.99 -17.45
N LEU B 41 -12.16 3.80 -17.33
CA LEU B 41 -11.97 4.97 -18.18
C LEU B 41 -11.11 4.54 -19.36
N GLY B 42 -11.64 4.75 -20.57
CA GLY B 42 -10.97 4.38 -21.81
C GLY B 42 -10.74 5.55 -22.74
N CYS B 43 -11.66 6.52 -22.74
CA CYS B 43 -11.48 7.69 -23.58
C CYS B 43 -12.04 9.00 -23.05
N GLY B 44 -13.12 8.94 -22.27
CA GLY B 44 -13.84 10.14 -21.83
C GLY B 44 -14.58 10.91 -22.92
N GLU B 45 -14.74 10.34 -24.10
CA GLU B 45 -15.44 11.05 -25.20
C GLU B 45 -16.53 10.22 -25.88
N GLY B 46 -16.94 9.12 -25.25
CA GLY B 46 -18.12 8.38 -25.68
C GLY B 46 -17.80 7.36 -26.75
N GLY B 47 -16.52 7.15 -27.03
CA GLY B 47 -16.18 6.28 -28.15
C GLY B 47 -15.92 4.80 -27.92
N CYS B 48 -15.45 4.44 -26.74
CA CYS B 48 -14.86 3.12 -26.57
C CYS B 48 -15.71 2.15 -25.73
N GLY B 49 -16.67 2.68 -24.97
CA GLY B 49 -17.59 1.83 -24.17
C GLY B 49 -17.01 1.12 -22.93
N ALA B 50 -15.75 1.41 -22.58
CA ALA B 50 -15.09 0.76 -21.43
C ALA B 50 -15.81 1.13 -20.16
N CYS B 51 -16.53 2.24 -20.22
CA CYS B 51 -17.35 2.74 -19.12
C CYS B 51 -18.85 2.41 -19.21
N THR B 52 -19.22 1.42 -20.02
CA THR B 52 -20.63 1.07 -20.19
C THR B 52 -21.25 0.57 -18.89
N VAL B 53 -22.38 1.16 -18.53
CA VAL B 53 -23.22 0.60 -17.46
C VAL B 53 -24.65 0.45 -18.01
N MET B 54 -25.52 -0.21 -17.25
CA MET B 54 -26.96 -0.21 -17.59
C MET B 54 -27.68 0.84 -16.74
N LEU B 55 -28.62 1.54 -17.35
CA LEU B 55 -29.50 2.45 -16.64
C LEU B 55 -30.95 1.95 -16.72
N SER B 56 -31.70 2.13 -15.63
CA SER B 56 -33.11 1.71 -15.58
C SER B 56 -33.92 2.85 -15.01
N LYS B 57 -34.95 3.26 -15.74
CA LYS B 57 -35.91 4.22 -15.18
C LYS B 57 -37.37 3.97 -15.57
N TYR B 58 -38.27 4.36 -14.66
CA TYR B 58 -39.68 4.33 -14.94
C TYR B 58 -39.97 5.48 -15.88
N ASP B 59 -40.33 5.14 -17.11
CA ASP B 59 -40.79 6.11 -18.09
C ASP B 59 -42.25 6.45 -17.74
N ARG B 60 -42.46 7.63 -17.15
CA ARG B 60 -43.80 8.10 -16.74
C ARG B 60 -44.75 8.20 -17.94
N LEU B 61 -44.16 8.44 -19.11
CA LEU B 61 -44.87 8.59 -20.37
C LEU B 61 -45.20 7.24 -21.02
N GLN B 62 -44.26 6.30 -21.07
CA GLN B 62 -44.55 4.96 -21.64
C GLN B 62 -45.20 4.01 -20.64
N ASP B 63 -45.46 4.50 -19.43
CA ASP B 63 -45.98 3.66 -18.33
C ASP B 63 -45.19 2.35 -18.26
N LYS B 64 -43.87 2.47 -18.06
CA LYS B 64 -43.02 1.28 -18.02
C LYS B 64 -41.60 1.60 -17.51
N ILE B 65 -40.99 0.59 -16.88
CA ILE B 65 -39.55 0.63 -16.58
C ILE B 65 -38.76 0.24 -17.83
N ILE B 66 -37.86 1.11 -18.26
CA ILE B 66 -36.97 0.75 -19.38
C ILE B 66 -35.51 0.55 -18.95
N HIS B 67 -34.83 -0.33 -19.67
CA HIS B 67 -33.43 -0.63 -19.42
C HIS B 67 -32.61 -0.28 -20.65
N PHE B 68 -31.54 0.48 -20.47
CA PHE B 68 -30.67 0.84 -21.60
C PHE B 68 -29.19 1.04 -21.22
N SER B 69 -28.31 0.95 -22.21
CA SER B 69 -26.90 1.10 -21.95
C SER B 69 -26.47 2.55 -22.09
N ALA B 70 -25.45 2.94 -21.32
CA ALA B 70 -24.94 4.32 -21.32
C ALA B 70 -23.44 4.37 -21.03
N ASN B 71 -22.76 5.33 -21.65
CA ASN B 71 -21.36 5.63 -21.35
C ASN B 71 -21.28 6.41 -20.06
N ALA B 72 -20.71 5.80 -19.03
CA ALA B 72 -20.69 6.45 -17.72
C ALA B 72 -19.79 7.70 -17.69
N CYS B 73 -18.81 7.76 -18.61
CA CYS B 73 -17.86 8.88 -18.70
C CYS B 73 -18.51 10.18 -19.16
N LEU B 74 -19.72 10.08 -19.69
CA LEU B 74 -20.39 11.25 -20.24
C LEU B 74 -21.69 11.61 -19.52
N ALA B 75 -22.07 10.81 -18.52
CA ALA B 75 -23.39 10.92 -17.89
C ALA B 75 -23.28 11.71 -16.61
N PRO B 76 -23.84 12.93 -16.59
CA PRO B 76 -23.78 13.65 -15.33
C PRO B 76 -24.66 12.95 -14.27
N ILE B 77 -24.14 12.81 -13.04
CA ILE B 77 -24.91 12.19 -11.95
C ILE B 77 -26.14 13.02 -11.67
N CYS B 78 -26.08 14.31 -12.03
CA CYS B 78 -27.19 15.19 -11.84
C CYS B 78 -28.33 14.95 -12.82
N THR B 79 -28.16 14.02 -13.78
CA THR B 79 -29.26 13.64 -14.69
C THR B 79 -29.96 12.40 -14.19
N LEU B 80 -29.52 11.89 -13.05
CA LEU B 80 -29.83 10.51 -12.68
C LEU B 80 -30.70 10.39 -11.45
N HIS B 81 -31.37 11.47 -11.08
CA HIS B 81 -32.29 11.39 -9.95
C HIS B 81 -33.33 10.28 -10.23
N HIS B 82 -33.55 9.42 -9.25
CA HIS B 82 -34.48 8.29 -9.34
C HIS B 82 -34.16 7.31 -10.44
N VAL B 83 -32.89 7.22 -10.81
CA VAL B 83 -32.46 6.23 -11.77
C VAL B 83 -31.74 5.10 -11.01
N ALA B 84 -31.78 3.88 -11.54
CA ALA B 84 -31.09 2.76 -10.97
C ALA B 84 -29.93 2.46 -11.94
N VAL B 85 -28.73 2.31 -11.40
CA VAL B 85 -27.54 1.99 -12.20
C VAL B 85 -27.17 0.56 -11.93
N THR B 86 -26.90 -0.21 -13.00
CA THR B 86 -26.29 -1.52 -12.82
C THR B 86 -24.91 -1.52 -13.43
N THR B 87 -23.91 -1.87 -12.62
CA THR B 87 -22.55 -2.02 -13.13
C THR B 87 -22.19 -3.48 -13.20
N VAL B 88 -20.96 -3.73 -13.64
CA VAL B 88 -20.48 -5.07 -13.88
C VAL B 88 -20.55 -5.87 -12.59
N GLU B 89 -20.18 -5.28 -11.47
CA GLU B 89 -20.12 -6.10 -10.27
C GLU B 89 -21.50 -6.26 -9.67
N GLY B 90 -22.50 -5.65 -10.33
CA GLY B 90 -23.89 -5.75 -9.91
C GLY B 90 -24.57 -7.03 -10.39
N ILE B 91 -24.02 -7.68 -11.41
CA ILE B 91 -24.66 -8.84 -12.03
C ILE B 91 -23.99 -10.17 -11.70
N GLY B 92 -22.89 -10.14 -10.96
CA GLY B 92 -22.15 -11.35 -10.64
C GLY B 92 -20.70 -11.11 -10.22
N SER B 93 -20.06 -12.14 -9.69
CA SER B 93 -18.76 -12.01 -9.01
C SER B 93 -18.17 -13.41 -8.89
N THR B 94 -16.83 -13.55 -8.90
CA THR B 94 -16.24 -14.88 -8.67
C THR B 94 -16.26 -15.22 -7.19
N LYS B 95 -16.66 -14.25 -6.38
CA LYS B 95 -16.82 -14.43 -4.96
C LYS B 95 -18.15 -15.14 -4.66
N THR B 96 -19.18 -14.86 -5.47
CA THR B 96 -20.55 -15.43 -5.34
C THR B 96 -20.87 -16.38 -6.52
N ARG B 97 -21.47 -15.85 -7.58
CA ARG B 97 -21.65 -16.57 -8.85
C ARG B 97 -21.44 -15.62 -10.03
N LEU B 98 -20.78 -16.08 -11.08
CA LEU B 98 -20.73 -15.29 -12.32
C LEU B 98 -22.09 -15.27 -12.99
N HIS B 99 -22.45 -14.14 -13.60
CA HIS B 99 -23.60 -14.13 -14.48
C HIS B 99 -23.24 -14.93 -15.74
N PRO B 100 -24.23 -15.55 -16.40
CA PRO B 100 -23.90 -16.32 -17.61
C PRO B 100 -23.11 -15.51 -18.64
N VAL B 101 -23.44 -14.24 -18.82
CA VAL B 101 -22.69 -13.37 -19.74
C VAL B 101 -21.15 -13.35 -19.42
N GLN B 102 -20.83 -13.23 -18.14
CA GLN B 102 -19.43 -13.19 -17.68
C GLN B 102 -18.74 -14.54 -17.88
N GLU B 103 -19.40 -15.63 -17.50
CA GLU B 103 -18.82 -16.98 -17.63
C GLU B 103 -18.57 -17.30 -19.08
N ARG B 104 -19.50 -16.90 -19.95
CA ARG B 104 -19.41 -17.24 -21.35
C ARG B 104 -18.28 -16.51 -22.06
N ILE B 105 -18.18 -15.18 -21.85
CA ILE B 105 -17.09 -14.45 -22.48
C ILE B 105 -15.74 -14.96 -21.98
N ALA B 106 -15.65 -15.35 -20.70
CA ALA B 106 -14.41 -15.85 -20.10
C ALA B 106 -13.92 -17.16 -20.75
N LYS B 107 -14.81 -18.17 -20.76
CA LYS B 107 -14.52 -19.50 -21.32
C LYS B 107 -14.42 -19.48 -22.83
N SER B 108 -14.94 -18.46 -23.48
CA SER B 108 -14.84 -18.39 -24.95
C SER B 108 -13.60 -17.69 -25.45
N HIS B 109 -12.66 -17.39 -24.55
CA HIS B 109 -11.46 -16.63 -24.90
C HIS B 109 -11.81 -15.26 -25.49
N GLY B 110 -12.85 -14.63 -24.95
CA GLY B 110 -13.22 -13.27 -25.37
C GLY B 110 -12.56 -12.18 -24.53
N SER B 111 -11.71 -12.59 -23.58
CA SER B 111 -10.98 -11.62 -22.76
C SER B 111 -9.47 -11.89 -22.77
N GLN B 112 -8.71 -10.91 -23.23
CA GLN B 112 -7.24 -10.97 -23.16
C GLN B 112 -6.67 -10.07 -22.06
N CYS B 113 -6.37 -8.81 -22.38
CA CYS B 113 -5.92 -7.86 -21.34
C CYS B 113 -7.04 -7.66 -20.30
N GLY B 114 -8.29 -7.75 -20.77
CA GLY B 114 -9.47 -7.68 -19.93
C GLY B 114 -10.07 -6.30 -19.72
N PHE B 115 -9.42 -5.25 -20.23
CA PHE B 115 -9.83 -3.88 -19.83
C PHE B 115 -11.21 -3.50 -20.41
N CYS B 116 -11.47 -4.00 -21.61
CA CYS B 116 -12.74 -3.75 -22.31
C CYS B 116 -13.83 -4.71 -21.88
N THR B 117 -13.45 -5.73 -21.12
CA THR B 117 -14.38 -6.80 -20.76
C THR B 117 -15.62 -6.38 -19.96
N PRO B 118 -15.46 -5.63 -18.86
CA PRO B 118 -16.70 -5.17 -18.19
C PRO B 118 -17.70 -4.42 -19.09
N GLY B 119 -17.19 -3.54 -19.95
CA GLY B 119 -18.03 -2.75 -20.82
C GLY B 119 -18.83 -3.58 -21.81
N ILE B 120 -18.22 -4.65 -22.32
CA ILE B 120 -18.88 -5.55 -23.28
C ILE B 120 -19.91 -6.46 -22.59
N VAL B 121 -19.51 -7.00 -21.44
CA VAL B 121 -20.42 -7.70 -20.56
C VAL B 121 -21.71 -6.87 -20.32
N MET B 122 -21.56 -5.59 -19.99
CA MET B 122 -22.71 -4.78 -19.69
C MET B 122 -23.56 -4.54 -20.93
N SER B 123 -22.92 -4.39 -22.09
CA SER B 123 -23.66 -4.26 -23.34
C SER B 123 -24.49 -5.50 -23.62
N MET B 124 -23.87 -6.68 -23.46
CA MET B 124 -24.57 -7.95 -23.58
C MET B 124 -25.68 -8.09 -22.54
N TYR B 125 -25.36 -7.81 -21.27
CA TYR B 125 -26.37 -7.86 -20.23
C TYR B 125 -27.62 -7.00 -20.57
N THR B 126 -27.40 -5.76 -21.01
CA THR B 126 -28.47 -4.85 -21.35
C THR B 126 -29.35 -5.39 -22.50
N LEU B 127 -28.72 -5.94 -23.53
CA LEU B 127 -29.42 -6.63 -24.60
C LEU B 127 -30.33 -7.73 -24.06
N LEU B 128 -29.77 -8.59 -23.20
CA LEU B 128 -30.52 -9.72 -22.66
C LEU B 128 -31.67 -9.29 -21.74
N ARG B 129 -31.52 -8.11 -21.16
CA ARG B 129 -32.54 -7.58 -20.28
C ARG B 129 -33.76 -7.07 -21.07
N ASN B 130 -33.55 -6.76 -22.35
CA ASN B 130 -34.57 -6.21 -23.22
C ASN B 130 -35.11 -7.25 -24.19
N GLN B 131 -34.24 -8.21 -24.55
CA GLN B 131 -34.58 -9.24 -25.51
C GLN B 131 -33.83 -10.53 -25.12
N PRO B 132 -34.50 -11.41 -24.36
CA PRO B 132 -33.90 -12.60 -23.77
C PRO B 132 -33.38 -13.64 -24.76
N GLU B 133 -33.80 -13.56 -26.01
CA GLU B 133 -33.31 -14.49 -27.05
C GLU B 133 -32.97 -13.70 -28.33
N PRO B 134 -31.95 -12.81 -28.27
CA PRO B 134 -31.64 -11.91 -29.39
C PRO B 134 -31.24 -12.67 -30.65
N THR B 135 -31.27 -12.02 -31.82
CA THR B 135 -30.70 -12.61 -33.03
C THR B 135 -29.20 -12.35 -33.05
N VAL B 136 -28.49 -13.02 -33.94
CA VAL B 136 -27.07 -12.74 -34.18
C VAL B 136 -26.86 -11.25 -34.53
N GLU B 137 -27.77 -10.67 -35.31
CA GLU B 137 -27.70 -9.27 -35.73
C GLU B 137 -27.82 -8.32 -34.54
N GLU B 138 -28.79 -8.60 -33.67
CA GLU B 138 -28.96 -7.82 -32.45
C GLU B 138 -27.71 -7.89 -31.56
N ILE B 139 -27.14 -9.08 -31.41
CA ILE B 139 -25.92 -9.25 -30.62
C ILE B 139 -24.81 -8.31 -31.11
N GLU B 140 -24.51 -8.35 -32.40
CA GLU B 140 -23.45 -7.54 -32.97
C GLU B 140 -23.69 -6.02 -32.81
N ASP B 141 -24.94 -5.59 -32.98
CA ASP B 141 -25.29 -4.17 -32.86
C ASP B 141 -25.21 -3.66 -31.43
N ALA B 142 -25.36 -4.58 -30.46
CA ALA B 142 -25.12 -4.26 -29.06
C ALA B 142 -23.70 -3.68 -28.81
N PHE B 143 -22.72 -4.11 -29.60
CA PHE B 143 -21.33 -3.73 -29.39
C PHE B 143 -20.75 -2.69 -30.37
N GLN B 144 -21.61 -1.95 -31.07
CA GLN B 144 -21.16 -0.91 -31.99
C GLN B 144 -20.24 0.05 -31.28
N GLY B 145 -20.59 0.40 -30.04
CA GLY B 145 -19.81 1.36 -29.28
C GLY B 145 -18.82 0.78 -28.28
N ASN B 146 -18.44 -0.49 -28.44
CA ASN B 146 -17.42 -1.11 -27.59
C ASN B 146 -16.17 -1.50 -28.37
N LEU B 147 -15.03 -0.98 -27.96
CA LEU B 147 -13.79 -1.23 -28.68
C LEU B 147 -12.92 -2.18 -27.91
N CYS B 148 -12.31 -3.14 -28.59
CA CYS B 148 -11.35 -4.05 -28.02
C CYS B 148 -10.13 -4.10 -28.92
N ARG B 149 -8.94 -4.06 -28.31
CA ARG B 149 -7.71 -3.96 -29.06
C ARG B 149 -6.95 -5.29 -29.10
N CYS B 150 -7.30 -6.19 -28.20
CA CYS B 150 -6.56 -7.44 -28.05
C CYS B 150 -7.13 -8.59 -28.88
N THR B 151 -8.44 -8.82 -28.82
CA THR B 151 -9.00 -10.11 -29.22
C THR B 151 -9.25 -10.32 -30.72
N GLY B 152 -9.44 -9.25 -31.48
CA GLY B 152 -9.90 -9.37 -32.85
C GLY B 152 -11.40 -9.66 -33.00
N TYR B 153 -12.13 -9.62 -31.89
CA TYR B 153 -13.60 -9.69 -31.84
C TYR B 153 -14.26 -11.04 -32.08
N ARG B 154 -13.78 -11.80 -33.07
CA ARG B 154 -14.38 -13.12 -33.42
C ARG B 154 -14.85 -13.96 -32.18
N PRO B 155 -13.94 -14.26 -31.22
CA PRO B 155 -14.35 -15.14 -30.10
C PRO B 155 -15.44 -14.56 -29.22
N ILE B 156 -15.51 -13.24 -29.10
CA ILE B 156 -16.54 -12.62 -28.28
C ILE B 156 -17.92 -12.91 -28.88
N LEU B 157 -18.03 -12.72 -30.19
CA LEU B 157 -19.29 -12.92 -30.91
C LEU B 157 -19.69 -14.40 -30.91
N GLN B 158 -18.74 -15.27 -31.26
CA GLN B 158 -18.96 -16.70 -31.23
C GLN B 158 -19.44 -17.15 -29.84
N GLY B 159 -18.82 -16.60 -28.80
CA GLY B 159 -19.18 -16.96 -27.43
C GLY B 159 -20.61 -16.61 -27.08
N PHE B 160 -21.05 -15.42 -27.46
CA PHE B 160 -22.39 -14.98 -27.15
C PHE B 160 -23.42 -15.52 -28.13
N ARG B 161 -22.95 -16.18 -29.19
CA ARG B 161 -23.82 -16.78 -30.20
C ARG B 161 -24.80 -17.76 -29.55
N THR B 162 -24.33 -18.40 -28.49
CA THR B 162 -25.10 -19.40 -27.78
C THR B 162 -26.38 -18.82 -27.13
N PHE B 163 -26.50 -17.49 -27.12
CA PHE B 163 -27.70 -16.83 -26.58
C PHE B 163 -28.82 -16.62 -27.63
N ALA B 164 -28.50 -16.81 -28.91
CA ALA B 164 -29.46 -16.71 -30.02
C ALA B 164 -30.01 -18.06 -30.53
N LYS B 165 -30.69 -18.01 -31.69
CA LYS B 165 -31.32 -19.17 -32.42
C LYS B 165 -32.80 -19.41 -32.06
N PRO B 224 -43.02 14.66 -9.79
CA PRO B 224 -41.72 15.23 -9.47
C PRO B 224 -41.78 16.76 -9.37
N LYS B 225 -40.81 17.35 -8.66
CA LYS B 225 -40.70 18.79 -8.50
C LYS B 225 -39.28 19.28 -8.81
N GLN B 226 -39.15 20.55 -9.17
CA GLN B 226 -37.87 21.14 -9.53
C GLN B 226 -36.74 20.82 -8.51
N LEU B 227 -35.55 20.53 -9.04
CA LEU B 227 -34.39 20.25 -8.18
C LEU B 227 -33.28 21.22 -8.51
N ARG B 228 -32.57 21.66 -7.48
CA ARG B 228 -31.40 22.53 -7.61
C ARG B 228 -30.12 21.88 -7.04
N PHE B 229 -29.06 21.80 -7.84
CA PHE B 229 -27.74 21.31 -7.37
C PHE B 229 -26.69 22.39 -7.57
N GLU B 230 -25.90 22.63 -6.52
CA GLU B 230 -24.91 23.70 -6.54
C GLU B 230 -23.54 23.07 -6.41
N GLY B 231 -22.69 23.36 -7.38
CA GLY B 231 -21.34 22.78 -7.38
C GLY B 231 -20.31 23.84 -7.13
N GLU B 232 -19.06 23.48 -7.32
CA GLU B 232 -17.95 24.38 -7.15
C GLU B 232 -18.02 25.55 -8.12
N ARG B 233 -18.33 25.25 -9.38
CA ARG B 233 -18.32 26.27 -10.42
C ARG B 233 -19.68 26.40 -11.10
N VAL B 234 -20.50 25.36 -10.99
CA VAL B 234 -21.72 25.24 -11.80
C VAL B 234 -22.98 25.11 -10.96
N THR B 235 -24.05 25.73 -11.42
CA THR B 235 -25.38 25.54 -10.82
C THR B 235 -26.25 24.77 -11.81
N TRP B 236 -27.01 23.79 -11.29
CA TRP B 236 -27.83 22.93 -12.14
C TRP B 236 -29.25 22.91 -11.64
N ILE B 237 -30.19 23.15 -12.53
CA ILE B 237 -31.61 23.12 -12.20
C ILE B 237 -32.30 22.02 -12.97
N GLN B 238 -32.78 20.98 -12.28
CA GLN B 238 -33.58 19.95 -12.93
C GLN B 238 -35.03 20.47 -13.11
N ALA B 239 -35.38 20.86 -14.34
CA ALA B 239 -36.70 21.50 -14.59
C ALA B 239 -37.85 20.49 -14.73
N SER B 240 -38.91 20.71 -13.96
CA SER B 240 -40.03 19.75 -13.94
C SER B 240 -41.15 20.03 -14.95
N THR B 241 -41.27 21.28 -15.42
CA THR B 241 -42.33 21.66 -16.36
C THR B 241 -41.85 22.60 -17.45
N LEU B 242 -42.56 22.57 -18.58
CA LEU B 242 -42.33 23.52 -19.65
C LEU B 242 -42.35 25.00 -19.18
N LYS B 243 -43.29 25.33 -18.30
CA LYS B 243 -43.37 26.69 -17.77
C LYS B 243 -42.07 27.07 -17.00
N GLU B 244 -41.58 26.16 -16.16
CA GLU B 244 -40.32 26.41 -15.45
C GLU B 244 -39.15 26.63 -16.43
N LEU B 245 -39.07 25.77 -17.44
CA LEU B 245 -38.06 25.91 -18.47
C LEU B 245 -38.05 27.29 -19.11
N LEU B 246 -39.24 27.78 -19.48
CA LEU B 246 -39.33 29.01 -20.25
C LEU B 246 -39.01 30.20 -19.36
N ASP B 247 -39.40 30.09 -18.10
CA ASP B 247 -39.10 31.14 -17.14
C ASP B 247 -37.58 31.24 -16.93
N LEU B 248 -36.94 30.11 -16.62
CA LEU B 248 -35.52 30.06 -16.32
C LEU B 248 -34.72 30.59 -17.51
N LYS B 249 -35.13 30.19 -18.71
CA LYS B 249 -34.47 30.64 -19.92
C LYS B 249 -34.57 32.15 -20.13
N ALA B 250 -35.69 32.73 -19.69
CA ALA B 250 -35.92 34.17 -19.81
C ALA B 250 -35.20 34.94 -18.70
N GLN B 251 -35.24 34.42 -17.48
CA GLN B 251 -34.40 34.93 -16.38
C GLN B 251 -32.90 34.76 -16.67
N HIS B 252 -32.51 33.67 -17.34
CA HIS B 252 -31.07 33.34 -17.57
C HIS B 252 -30.78 32.91 -19.02
N PRO B 253 -30.80 33.86 -19.97
CA PRO B 253 -30.56 33.54 -21.37
C PRO B 253 -29.24 32.80 -21.65
N GLU B 254 -28.24 33.00 -20.79
CA GLU B 254 -26.93 32.34 -20.91
C GLU B 254 -26.99 30.84 -20.61
N ALA B 255 -27.94 30.43 -19.77
CA ALA B 255 -28.05 29.05 -19.31
C ALA B 255 -28.00 28.06 -20.47
N LYS B 256 -27.14 27.04 -20.33
CA LYS B 256 -27.06 25.97 -21.33
C LYS B 256 -28.05 24.90 -20.96
N LEU B 257 -28.82 24.41 -21.93
CA LEU B 257 -29.66 23.24 -21.68
C LEU B 257 -28.80 21.98 -21.80
N VAL B 258 -29.06 20.99 -20.97
CA VAL B 258 -28.36 19.73 -21.11
C VAL B 258 -29.37 18.61 -20.97
N VAL B 259 -29.42 17.75 -21.98
CA VAL B 259 -30.23 16.55 -21.93
C VAL B 259 -29.31 15.35 -21.80
N GLY B 260 -28.66 14.95 -22.89
CA GLY B 260 -27.78 13.78 -22.86
C GLY B 260 -26.32 14.05 -22.51
N ASN B 261 -25.89 15.31 -22.57
CA ASN B 261 -24.52 15.72 -22.24
C ASN B 261 -23.43 15.24 -23.20
N THR B 262 -23.82 14.68 -24.34
CA THR B 262 -22.84 14.05 -25.23
C THR B 262 -22.15 15.08 -26.11
N GLU B 263 -22.66 16.31 -26.10
CA GLU B 263 -21.98 17.44 -26.73
C GLU B 263 -21.35 18.34 -25.63
N ILE B 264 -22.18 18.91 -24.76
CA ILE B 264 -21.71 19.74 -23.63
C ILE B 264 -20.55 19.11 -22.83
N GLY B 265 -20.68 17.85 -22.49
CA GLY B 265 -19.60 17.07 -21.88
C GLY B 265 -18.26 17.24 -22.61
N ILE B 266 -18.26 16.97 -23.91
CA ILE B 266 -17.08 17.16 -24.74
C ILE B 266 -16.57 18.61 -24.67
N GLU B 267 -17.50 19.57 -24.71
CA GLU B 267 -17.15 20.99 -24.70
C GLU B 267 -16.47 21.42 -23.40
N MET B 268 -16.98 20.91 -22.28
CA MET B 268 -16.43 21.25 -20.98
C MET B 268 -15.10 20.57 -20.67
N LYS B 269 -14.97 19.30 -21.03
CA LYS B 269 -13.73 18.55 -20.84
C LYS B 269 -12.60 18.95 -21.82
N PHE B 270 -12.86 18.91 -23.12
CA PHE B 270 -11.82 19.06 -24.15
C PHE B 270 -11.73 20.47 -24.76
N LYS B 271 -12.80 21.24 -24.69
CA LYS B 271 -12.79 22.56 -25.31
C LYS B 271 -12.59 23.67 -24.26
N ASN B 272 -12.41 23.28 -23.00
CA ASN B 272 -12.35 24.18 -21.83
C ASN B 272 -13.37 25.34 -21.77
N GLN B 273 -14.65 24.98 -21.89
CA GLN B 273 -15.70 25.95 -21.80
C GLN B 273 -16.23 25.77 -20.41
N LEU B 274 -16.78 26.84 -19.85
CA LEU B 274 -17.41 26.75 -18.54
C LEU B 274 -18.75 27.43 -18.63
N PHE B 275 -19.80 26.69 -18.32
CA PHE B 275 -21.17 27.24 -18.31
C PHE B 275 -21.68 27.27 -16.88
N PRO B 276 -21.64 28.46 -16.25
CA PRO B 276 -21.91 28.51 -14.81
C PRO B 276 -23.34 28.10 -14.45
N MET B 277 -24.21 28.02 -15.45
CA MET B 277 -25.62 27.71 -15.18
C MET B 277 -26.21 26.72 -16.21
N ILE B 278 -26.70 25.59 -15.72
CA ILE B 278 -27.30 24.57 -16.58
C ILE B 278 -28.74 24.25 -16.19
N ILE B 279 -29.61 24.11 -17.18
CA ILE B 279 -30.97 23.63 -16.96
C ILE B 279 -31.15 22.29 -17.66
N CYS B 280 -31.55 21.27 -16.93
CA CYS B 280 -31.89 20.01 -17.57
C CYS B 280 -33.40 19.81 -17.74
N PRO B 281 -33.88 19.81 -19.01
CA PRO B 281 -35.29 19.75 -19.32
C PRO B 281 -35.80 18.33 -19.59
N ALA B 282 -34.97 17.32 -19.33
CA ALA B 282 -35.27 15.92 -19.66
C ALA B 282 -36.58 15.35 -19.11
N TRP B 283 -37.06 15.89 -17.98
CA TRP B 283 -38.27 15.36 -17.35
C TRP B 283 -39.56 15.94 -17.98
N ILE B 284 -39.42 16.96 -18.82
CA ILE B 284 -40.57 17.69 -19.29
C ILE B 284 -41.37 16.92 -20.37
N PRO B 285 -42.67 16.64 -20.10
CA PRO B 285 -43.43 15.74 -20.96
C PRO B 285 -43.57 16.21 -22.42
N GLU B 286 -43.78 17.50 -22.62
CA GLU B 286 -43.86 18.09 -23.94
C GLU B 286 -42.58 17.80 -24.73
N LEU B 287 -41.45 17.72 -24.03
CA LEU B 287 -40.14 17.53 -24.65
C LEU B 287 -39.85 16.07 -24.94
N ASN B 288 -40.74 15.18 -24.49
CA ASN B 288 -40.63 13.72 -24.67
C ASN B 288 -41.78 13.08 -25.42
N ALA B 289 -42.67 13.89 -25.96
CA ALA B 289 -43.93 13.42 -26.60
C ALA B 289 -43.71 12.95 -28.03
N VAL B 290 -44.29 11.80 -28.35
CA VAL B 290 -44.31 11.28 -29.72
C VAL B 290 -45.73 11.32 -30.31
N GLU B 291 -45.95 12.19 -31.29
CA GLU B 291 -47.27 12.29 -31.90
C GLU B 291 -47.33 12.13 -33.41
N HIS B 292 -48.12 11.12 -33.82
CA HIS B 292 -48.43 10.87 -35.24
C HIS B 292 -49.55 11.80 -35.72
N GLY B 293 -49.21 12.75 -36.57
CA GLY B 293 -50.20 13.65 -37.17
C GLY B 293 -50.48 13.27 -38.62
N PRO B 294 -51.22 14.13 -39.33
CA PRO B 294 -51.54 13.97 -40.76
C PRO B 294 -50.35 14.13 -41.71
N GLU B 295 -49.46 15.08 -41.41
CA GLU B 295 -48.33 15.37 -42.30
C GLU B 295 -47.00 14.68 -41.95
N GLY B 296 -46.89 14.20 -40.72
CA GLY B 296 -45.67 13.56 -40.27
C GLY B 296 -45.69 13.16 -38.80
N ILE B 297 -44.55 12.64 -38.32
CA ILE B 297 -44.41 12.21 -36.95
C ILE B 297 -43.60 13.22 -36.16
N SER B 298 -44.19 13.71 -35.07
CA SER B 298 -43.56 14.69 -34.23
C SER B 298 -42.87 14.03 -33.04
N PHE B 299 -41.72 14.59 -32.67
CA PHE B 299 -40.90 14.09 -31.57
C PHE B 299 -40.53 15.27 -30.66
N GLY B 300 -40.79 15.14 -29.35
CA GLY B 300 -40.27 16.13 -28.40
C GLY B 300 -38.73 16.23 -28.54
N ALA B 301 -38.19 17.41 -28.29
CA ALA B 301 -36.77 17.69 -28.56
C ALA B 301 -35.81 16.84 -27.70
N ALA B 302 -36.19 16.55 -26.45
CA ALA B 302 -35.41 15.68 -25.57
C ALA B 302 -35.45 14.19 -25.92
N CYS B 303 -36.20 13.81 -26.95
CA CYS B 303 -36.30 12.38 -27.30
C CYS B 303 -34.91 11.78 -27.60
N ALA B 304 -34.60 10.68 -26.93
CA ALA B 304 -33.41 9.91 -27.20
C ALA B 304 -33.38 9.49 -28.66
N LEU B 305 -32.18 9.40 -29.24
CA LEU B 305 -32.09 8.99 -30.64
C LEU B 305 -32.61 7.56 -30.87
N SER B 306 -32.37 6.67 -29.92
CA SER B 306 -32.91 5.32 -29.96
C SER B 306 -34.45 5.24 -29.94
N SER B 307 -35.12 6.23 -29.34
CA SER B 307 -36.58 6.33 -29.40
C SER B 307 -37.05 6.75 -30.78
N VAL B 308 -36.25 7.61 -31.42
CA VAL B 308 -36.60 8.15 -32.72
C VAL B 308 -36.50 6.98 -33.69
N GLU B 309 -35.40 6.25 -33.55
CA GLU B 309 -35.10 5.12 -34.39
C GLU B 309 -36.17 4.02 -34.27
N LYS B 310 -36.49 3.63 -33.04
CA LYS B 310 -37.51 2.63 -32.76
C LYS B 310 -38.88 3.03 -33.34
N THR B 311 -39.29 4.28 -33.08
CA THR B 311 -40.53 4.83 -33.64
C THR B 311 -40.53 4.77 -35.15
N LEU B 312 -39.44 5.24 -35.76
CA LEU B 312 -39.37 5.24 -37.22
C LEU B 312 -39.31 3.82 -37.82
N LEU B 313 -38.64 2.89 -37.17
CA LEU B 313 -38.68 1.49 -37.63
C LEU B 313 -40.09 0.87 -37.65
N GLU B 314 -40.92 1.19 -36.65
CA GLU B 314 -42.31 0.74 -36.59
C GLU B 314 -43.19 1.40 -37.64
N ALA B 315 -42.93 2.66 -37.95
CA ALA B 315 -43.61 3.34 -39.03
C ALA B 315 -43.23 2.79 -40.40
N VAL B 316 -41.99 2.32 -40.56
CA VAL B 316 -41.55 1.74 -41.83
C VAL B 316 -42.19 0.37 -42.04
N ALA B 317 -42.36 -0.39 -40.96
CA ALA B 317 -42.93 -1.74 -41.06
C ALA B 317 -44.46 -1.74 -41.30
N LYS B 318 -45.15 -0.66 -40.92
CA LYS B 318 -46.60 -0.62 -41.04
C LYS B 318 -47.10 0.16 -42.25
N LEU B 319 -46.35 1.17 -42.70
CA LEU B 319 -46.85 2.09 -43.72
C LEU B 319 -46.41 1.71 -45.14
N PRO B 320 -47.12 2.20 -46.17
CA PRO B 320 -46.65 1.98 -47.53
C PRO B 320 -45.26 2.60 -47.76
N THR B 321 -44.42 1.91 -48.53
CA THR B 321 -43.08 2.42 -48.87
C THR B 321 -43.08 3.88 -49.35
N GLN B 322 -44.08 4.24 -50.15
CA GLN B 322 -44.13 5.58 -50.73
C GLN B 322 -44.33 6.71 -49.71
N LYS B 323 -44.70 6.35 -48.49
CA LYS B 323 -44.94 7.33 -47.43
C LYS B 323 -43.71 7.55 -46.48
N THR B 324 -42.74 6.63 -46.56
CA THR B 324 -41.63 6.54 -45.59
C THR B 324 -40.23 6.82 -46.17
N GLU B 325 -40.17 7.63 -47.23
CA GLU B 325 -38.88 7.90 -47.87
C GLU B 325 -37.98 8.71 -46.94
N VAL B 326 -38.54 9.76 -46.34
CA VAL B 326 -37.78 10.62 -45.45
C VAL B 326 -37.34 9.80 -44.24
N PHE B 327 -38.30 9.10 -43.64
CA PHE B 327 -38.01 8.24 -42.49
C PHE B 327 -36.84 7.29 -42.71
N ARG B 328 -36.81 6.63 -43.87
CA ARG B 328 -35.78 5.63 -44.16
C ARG B 328 -34.41 6.28 -44.31
N GLY B 329 -34.41 7.55 -44.75
CA GLY B 329 -33.22 8.39 -44.79
C GLY B 329 -32.72 8.73 -43.39
N VAL B 330 -33.65 9.06 -42.49
CA VAL B 330 -33.27 9.31 -41.11
C VAL B 330 -32.64 8.03 -40.57
N LEU B 331 -33.25 6.90 -40.89
CA LEU B 331 -32.77 5.62 -40.39
C LEU B 331 -31.41 5.22 -40.96
N GLU B 332 -31.15 5.59 -42.21
CA GLU B 332 -29.84 5.30 -42.81
C GLU B 332 -28.74 6.05 -42.06
N GLN B 333 -28.94 7.35 -41.81
CA GLN B 333 -27.93 8.16 -41.13
C GLN B 333 -27.72 7.66 -39.70
N LEU B 334 -28.77 7.09 -39.13
CA LEU B 334 -28.65 6.50 -37.79
C LEU B 334 -28.04 5.11 -37.71
N ARG B 335 -27.92 4.40 -38.82
CA ARG B 335 -27.32 3.02 -38.80
C ARG B 335 -25.92 2.98 -38.15
N TRP B 336 -24.92 3.53 -38.84
CA TRP B 336 -23.52 3.42 -38.41
C TRP B 336 -23.11 4.69 -37.71
N PHE B 337 -23.93 5.07 -36.76
CA PHE B 337 -23.84 6.30 -36.02
C PHE B 337 -23.48 5.82 -34.62
N ALA B 338 -22.29 6.15 -34.12
CA ALA B 338 -21.86 5.74 -32.77
C ALA B 338 -22.25 4.30 -32.41
N GLY B 339 -22.71 4.09 -31.17
CA GLY B 339 -23.25 2.81 -30.70
C GLY B 339 -24.52 3.02 -29.89
N LYS B 340 -25.02 1.94 -29.24
CA LYS B 340 -26.25 1.97 -28.44
C LYS B 340 -26.18 2.99 -27.31
N GLN B 341 -25.02 3.03 -26.66
CA GLN B 341 -24.82 3.82 -25.47
C GLN B 341 -25.14 5.29 -25.75
N VAL B 342 -24.58 5.80 -26.84
CA VAL B 342 -24.75 7.18 -27.24
C VAL B 342 -26.19 7.46 -27.74
N LYS B 343 -26.72 6.59 -28.60
CA LYS B 343 -28.07 6.80 -29.15
C LYS B 343 -29.14 6.78 -28.05
N SER B 344 -28.92 5.98 -27.00
CA SER B 344 -29.84 5.91 -25.87
C SER B 344 -29.86 7.19 -25.05
N VAL B 345 -28.82 8.02 -25.12
CA VAL B 345 -28.85 9.21 -24.28
C VAL B 345 -28.90 10.49 -25.12
N ALA B 346 -28.33 10.44 -26.32
CA ALA B 346 -28.26 11.65 -27.13
C ALA B 346 -29.66 12.15 -27.54
N SER B 347 -29.92 13.44 -27.42
CA SER B 347 -31.24 13.94 -27.84
C SER B 347 -31.25 14.41 -29.28
N LEU B 348 -32.43 14.31 -29.87
CA LEU B 348 -32.69 14.82 -31.20
C LEU B 348 -32.44 16.32 -31.27
N GLY B 349 -33.02 17.07 -30.32
CA GLY B 349 -32.82 18.51 -30.25
C GLY B 349 -31.35 18.87 -30.05
N GLY B 350 -30.68 18.13 -29.17
CA GLY B 350 -29.24 18.33 -28.94
C GLY B 350 -28.44 18.30 -30.23
N ASN B 351 -28.69 17.29 -31.07
CA ASN B 351 -27.99 17.19 -32.37
C ASN B 351 -28.27 18.35 -33.32
N ILE B 352 -29.55 18.74 -33.41
CA ILE B 352 -29.99 19.83 -34.27
C ILE B 352 -29.33 21.13 -33.83
N ILE B 353 -29.53 21.50 -32.56
CA ILE B 353 -29.10 22.82 -32.08
C ILE B 353 -27.57 22.95 -31.92
N THR B 354 -26.87 21.82 -31.76
CA THR B 354 -25.41 21.82 -31.72
C THR B 354 -24.93 22.46 -33.01
N ALA B 355 -25.61 22.14 -34.11
CA ALA B 355 -25.30 22.69 -35.44
C ALA B 355 -23.86 22.45 -35.94
N SER B 356 -23.35 21.25 -35.66
CA SER B 356 -22.03 20.87 -36.17
C SER B 356 -22.05 20.83 -37.68
N PRO B 357 -20.96 21.31 -38.32
CA PRO B 357 -20.94 21.23 -39.77
C PRO B 357 -20.99 19.78 -40.26
N ILE B 358 -20.71 18.82 -39.38
CA ILE B 358 -20.77 17.42 -39.78
C ILE B 358 -21.92 16.59 -39.14
N SER B 359 -22.94 17.27 -38.62
CA SER B 359 -24.17 16.57 -38.22
C SER B 359 -24.67 15.77 -39.41
N ASP B 360 -24.95 14.49 -39.17
CA ASP B 360 -25.55 13.59 -40.17
C ASP B 360 -27.07 13.76 -40.26
N LEU B 361 -27.64 14.50 -39.31
CA LEU B 361 -29.10 14.60 -39.28
C LEU B 361 -29.59 15.92 -39.84
N ASN B 362 -28.83 17.00 -39.66
CA ASN B 362 -29.27 18.30 -40.16
C ASN B 362 -29.44 18.39 -41.66
N PRO B 363 -28.54 17.76 -42.44
CA PRO B 363 -28.76 17.73 -43.90
C PRO B 363 -30.05 17.02 -44.30
N VAL B 364 -30.45 15.99 -43.57
CA VAL B 364 -31.65 15.24 -43.89
C VAL B 364 -32.90 16.02 -43.48
N PHE B 365 -32.85 16.64 -42.30
CA PHE B 365 -33.88 17.54 -41.85
C PHE B 365 -34.05 18.77 -42.75
N MET B 366 -32.93 19.31 -43.26
CA MET B 366 -33.01 20.48 -44.16
C MET B 366 -33.59 20.06 -45.50
N ALA B 367 -33.10 18.95 -46.04
CA ALA B 367 -33.51 18.55 -47.37
C ALA B 367 -35.03 18.19 -47.41
N SER B 368 -35.58 17.80 -46.26
CA SER B 368 -36.95 17.33 -46.23
C SER B 368 -37.86 18.40 -45.67
N GLY B 369 -37.30 19.60 -45.43
CA GLY B 369 -38.01 20.66 -44.74
C GLY B 369 -38.75 20.24 -43.48
N THR B 370 -38.11 19.42 -42.66
CA THR B 370 -38.64 18.97 -41.36
C THR B 370 -39.09 20.18 -40.52
N LYS B 371 -40.22 20.05 -39.84
CA LYS B 371 -40.84 21.19 -39.15
C LYS B 371 -40.32 21.33 -37.71
N LEU B 372 -39.82 22.53 -37.38
CA LEU B 372 -39.29 22.80 -36.05
C LEU B 372 -40.24 23.69 -35.26
N THR B 373 -40.58 23.29 -34.04
CA THR B 373 -41.46 24.10 -33.20
C THR B 373 -40.67 24.71 -32.06
N ILE B 374 -40.64 26.05 -32.04
CA ILE B 374 -39.77 26.83 -31.21
C ILE B 374 -40.58 27.76 -30.28
N VAL B 375 -40.29 27.68 -28.98
CA VAL B 375 -41.01 28.45 -27.98
C VAL B 375 -40.09 29.26 -27.07
N SER B 376 -40.56 30.43 -26.65
CA SER B 376 -39.99 31.10 -25.47
C SER B 376 -41.18 31.45 -24.59
N ARG B 377 -40.96 32.12 -23.47
CA ARG B 377 -42.10 32.54 -22.67
C ARG B 377 -42.97 33.48 -23.51
N GLY B 378 -44.25 33.15 -23.61
CA GLY B 378 -45.18 33.94 -24.41
C GLY B 378 -45.00 33.90 -25.93
N THR B 379 -44.05 33.12 -26.46
CA THR B 379 -43.96 32.96 -27.92
C THR B 379 -43.93 31.50 -28.39
N ARG B 380 -44.34 31.29 -29.64
CA ARG B 380 -44.42 29.97 -30.24
C ARG B 380 -44.49 30.10 -31.77
N ARG B 381 -43.71 29.28 -32.48
CA ARG B 381 -43.66 29.34 -33.94
C ARG B 381 -43.18 28.00 -34.49
N THR B 382 -43.61 27.71 -35.71
CA THR B 382 -43.24 26.50 -36.41
C THR B 382 -42.73 26.87 -37.80
N VAL B 383 -41.46 26.59 -38.04
CA VAL B 383 -40.81 26.82 -39.32
C VAL B 383 -40.28 25.49 -39.89
N PRO B 384 -40.29 25.35 -41.22
CA PRO B 384 -39.55 24.23 -41.79
C PRO B 384 -38.04 24.53 -41.75
N MET B 385 -37.22 23.53 -41.44
CA MET B 385 -35.79 23.76 -41.49
C MET B 385 -35.39 24.02 -42.93
N ASP B 386 -34.68 25.11 -43.16
CA ASP B 386 -34.12 25.36 -44.49
C ASP B 386 -32.74 26.00 -44.37
N HIS B 387 -32.23 26.48 -45.49
CA HIS B 387 -30.84 26.92 -45.55
C HIS B 387 -30.53 28.09 -44.61
N THR B 388 -31.54 28.91 -44.32
CA THR B 388 -31.34 30.11 -43.50
C THR B 388 -31.25 29.83 -42.00
N PHE B 389 -31.66 28.62 -41.61
CA PHE B 389 -31.66 28.22 -40.21
C PHE B 389 -30.26 28.09 -39.55
N PHE B 390 -29.21 27.92 -40.37
CA PHE B 390 -27.84 27.89 -39.86
C PHE B 390 -27.04 29.04 -40.45
N PRO B 391 -27.15 30.25 -39.85
CA PRO B 391 -26.52 31.39 -40.50
C PRO B 391 -24.99 31.37 -40.46
N SER B 392 -24.41 30.70 -39.44
CA SER B 392 -22.93 30.69 -39.26
C SER B 392 -22.44 29.53 -38.36
N TYR B 393 -21.11 29.38 -38.24
CA TYR B 393 -20.51 28.30 -37.47
C TYR B 393 -21.16 28.10 -36.11
N ARG B 394 -21.67 26.89 -35.87
CA ARG B 394 -22.24 26.52 -34.56
C ARG B 394 -23.41 27.41 -34.08
N LYS B 395 -24.02 28.17 -34.99
CA LYS B 395 -25.19 28.98 -34.63
C LYS B 395 -26.42 28.53 -35.39
N THR B 396 -27.56 28.62 -34.73
CA THR B 396 -28.83 28.38 -35.38
C THR B 396 -29.68 29.65 -35.30
N LEU B 397 -30.88 29.59 -35.87
CA LEU B 397 -31.76 30.76 -35.91
C LEU B 397 -32.55 31.06 -34.62
N LEU B 398 -32.38 30.27 -33.56
CA LEU B 398 -33.03 30.55 -32.28
C LEU B 398 -32.50 31.80 -31.61
N GLY B 399 -33.39 32.48 -30.88
CA GLY B 399 -33.04 33.65 -30.07
C GLY B 399 -32.69 33.25 -28.63
N PRO B 400 -31.96 34.14 -27.90
CA PRO B 400 -31.48 33.97 -26.54
C PRO B 400 -32.42 33.21 -25.60
N GLU B 401 -33.72 33.41 -25.79
CA GLU B 401 -34.71 32.88 -24.86
C GLU B 401 -35.49 31.68 -25.39
N GLU B 402 -35.25 31.34 -26.66
CA GLU B 402 -35.96 30.26 -27.31
C GLU B 402 -35.34 28.88 -27.07
N ILE B 403 -36.21 27.87 -27.01
CA ILE B 403 -35.79 26.48 -26.99
C ILE B 403 -36.58 25.74 -28.07
N LEU B 404 -35.98 24.70 -28.62
CA LEU B 404 -36.62 23.80 -29.54
C LEU B 404 -37.54 22.86 -28.73
N LEU B 405 -38.83 22.84 -29.08
CA LEU B 405 -39.79 22.04 -28.36
C LEU B 405 -39.97 20.67 -29.03
N SER B 406 -40.15 20.69 -30.35
CA SER B 406 -40.53 19.46 -31.08
C SER B 406 -40.14 19.51 -32.55
N ILE B 407 -39.99 18.33 -33.12
CA ILE B 407 -39.53 18.18 -34.50
C ILE B 407 -40.51 17.25 -35.19
N GLU B 408 -41.05 17.69 -36.34
CA GLU B 408 -41.97 16.87 -37.13
C GLU B 408 -41.30 16.39 -38.43
N ILE B 409 -40.98 15.11 -38.44
CA ILE B 409 -40.39 14.48 -39.61
C ILE B 409 -41.51 14.04 -40.55
N PRO B 410 -41.55 14.60 -41.77
CA PRO B 410 -42.66 14.47 -42.71
C PRO B 410 -42.79 13.10 -43.35
N TYR B 411 -44.05 12.73 -43.63
CA TYR B 411 -44.36 11.63 -44.55
C TYR B 411 -43.93 12.03 -45.97
N SER B 412 -43.43 11.10 -46.77
CA SER B 412 -43.17 11.44 -48.16
C SER B 412 -44.43 11.30 -49.01
N ARG B 413 -44.55 12.11 -50.06
CA ARG B 413 -45.72 12.08 -50.93
C ARG B 413 -45.54 11.11 -52.12
N GLU B 414 -46.59 10.97 -52.94
CA GLU B 414 -46.45 10.23 -54.21
C GLU B 414 -45.52 11.02 -55.14
N ASP B 415 -44.76 10.31 -55.97
CA ASP B 415 -43.77 10.98 -56.83
C ASP B 415 -42.67 11.72 -56.01
N GLU B 416 -42.48 11.33 -54.75
CA GLU B 416 -41.48 11.98 -53.88
C GLU B 416 -40.48 10.95 -53.41
N PHE B 417 -39.20 11.25 -53.64
CA PHE B 417 -38.13 10.32 -53.35
C PHE B 417 -37.01 10.90 -52.48
N PHE B 418 -36.36 10.03 -51.70
CA PHE B 418 -35.38 10.50 -50.71
C PHE B 418 -34.21 9.55 -50.51
N SER B 419 -33.03 10.14 -50.40
CA SER B 419 -31.85 9.35 -50.04
C SER B 419 -30.98 10.13 -49.07
N ALA B 420 -30.20 9.38 -48.31
CA ALA B 420 -29.18 9.94 -47.44
C ALA B 420 -27.88 9.16 -47.59
N PHE B 421 -26.75 9.84 -47.39
CA PHE B 421 -25.42 9.24 -47.52
C PHE B 421 -24.41 9.90 -46.59
N LYS B 422 -23.41 9.14 -46.16
CA LYS B 422 -22.35 9.73 -45.36
C LYS B 422 -20.98 9.16 -45.67
N GLN B 423 -19.97 10.01 -45.53
CA GLN B 423 -18.57 9.63 -45.73
C GLN B 423 -18.23 8.52 -44.77
N ALA B 424 -17.45 7.55 -45.27
CA ALA B 424 -17.07 6.37 -44.48
C ALA B 424 -15.85 6.62 -43.57
N SER B 425 -15.24 7.81 -43.65
CA SER B 425 -14.19 8.20 -42.71
C SER B 425 -14.43 9.56 -42.05
N ARG B 426 -13.63 9.85 -41.03
CA ARG B 426 -13.71 11.09 -40.26
C ARG B 426 -12.39 11.33 -39.52
N ARG B 427 -11.82 12.51 -39.73
CA ARG B 427 -10.43 12.80 -39.50
C ARG B 427 -10.25 14.06 -38.65
N GLU B 428 -11.30 14.88 -38.61
CA GLU B 428 -11.26 16.17 -37.92
C GLU B 428 -12.43 16.18 -36.93
N ASP B 429 -12.32 17.02 -35.89
CA ASP B 429 -13.35 17.09 -34.81
C ASP B 429 -14.77 17.50 -35.25
N ASP B 430 -14.90 18.53 -36.07
CA ASP B 430 -16.23 18.88 -36.60
C ASP B 430 -16.28 19.46 -38.01
N ILE B 431 -15.31 19.13 -38.85
CA ILE B 431 -15.31 19.53 -40.24
C ILE B 431 -14.92 18.37 -41.14
N ALA B 432 -15.23 18.52 -42.44
CA ALA B 432 -14.61 17.73 -43.49
C ALA B 432 -15.05 16.26 -43.58
N LYS B 433 -16.30 15.98 -43.23
CA LYS B 433 -16.90 14.67 -43.39
C LYS B 433 -18.21 14.85 -44.16
N VAL B 434 -18.21 14.47 -45.44
CA VAL B 434 -19.35 14.71 -46.30
C VAL B 434 -20.56 13.92 -45.82
N THR B 435 -21.66 14.61 -45.61
CA THR B 435 -22.90 13.93 -45.27
C THR B 435 -24.06 14.69 -45.92
N CYS B 436 -25.04 13.97 -46.45
CA CYS B 436 -26.07 14.64 -47.27
C CYS B 436 -27.48 14.06 -47.16
N GLY B 437 -28.47 14.93 -47.37
CA GLY B 437 -29.88 14.54 -47.58
C GLY B 437 -30.35 14.99 -48.96
N MET B 438 -31.09 14.14 -49.65
CA MET B 438 -31.50 14.40 -51.04
C MET B 438 -32.96 14.05 -51.33
N ARG B 439 -33.66 15.02 -51.91
CA ARG B 439 -35.08 14.92 -52.09
C ARG B 439 -35.45 15.46 -53.48
N VAL B 440 -36.19 14.64 -54.23
CA VAL B 440 -36.83 15.10 -55.44
C VAL B 440 -38.37 14.94 -55.38
N LEU B 441 -39.07 16.00 -55.77
CA LEU B 441 -40.50 15.91 -56.09
C LEU B 441 -40.74 16.09 -57.61
N PHE B 442 -41.41 15.10 -58.21
CA PHE B 442 -41.80 15.15 -59.62
C PHE B 442 -43.27 15.55 -59.73
N GLN B 443 -43.61 16.29 -60.78
CA GLN B 443 -45.00 16.57 -61.16
C GLN B 443 -45.76 15.22 -61.28
N PRO B 444 -47.07 15.19 -60.93
CA PRO B 444 -47.73 13.90 -60.69
C PRO B 444 -47.50 12.88 -61.80
N GLY B 445 -47.20 11.65 -61.41
CA GLY B 445 -47.01 10.53 -62.35
C GLY B 445 -46.03 10.77 -63.49
N SER B 446 -45.23 11.84 -63.38
CA SER B 446 -44.25 12.20 -64.42
C SER B 446 -42.80 12.00 -63.99
N MET B 447 -41.88 12.34 -64.89
CA MET B 447 -40.42 12.28 -64.64
C MET B 447 -39.84 13.69 -64.58
N GLN B 448 -40.71 14.67 -64.36
CA GLN B 448 -40.37 16.08 -64.48
C GLN B 448 -40.29 16.77 -63.09
N VAL B 449 -39.17 17.43 -62.84
CA VAL B 449 -38.82 17.88 -61.49
C VAL B 449 -39.63 19.09 -61.08
N LYS B 450 -40.41 18.94 -60.01
CA LYS B 450 -41.10 20.06 -59.37
C LYS B 450 -40.21 20.72 -58.27
N GLU B 451 -39.61 19.90 -57.41
CA GLU B 451 -38.70 20.40 -56.34
C GLU B 451 -37.43 19.54 -56.27
N LEU B 452 -36.31 20.16 -55.92
CA LEU B 452 -35.06 19.42 -55.73
C LEU B 452 -34.23 20.01 -54.61
N ALA B 453 -33.87 19.14 -53.66
CA ALA B 453 -33.10 19.54 -52.51
C ALA B 453 -31.85 18.65 -52.37
N LEU B 454 -30.69 19.28 -52.33
CA LEU B 454 -29.41 18.59 -52.13
C LEU B 454 -28.70 19.34 -51.03
N CYS B 455 -28.63 18.72 -49.86
CA CYS B 455 -28.16 19.35 -48.64
C CYS B 455 -26.97 18.58 -48.09
N TYR B 456 -25.89 19.32 -47.79
CA TYR B 456 -24.59 18.73 -47.46
C TYR B 456 -24.01 19.19 -46.15
N GLY B 457 -23.52 18.24 -45.37
CA GLY B 457 -22.61 18.56 -44.27
C GLY B 457 -21.16 18.32 -44.69
N GLY B 458 -20.22 18.93 -43.97
CA GLY B 458 -18.78 18.72 -44.20
C GLY B 458 -18.22 19.34 -45.46
N MET B 459 -18.91 20.37 -45.96
CA MET B 459 -18.52 21.08 -47.18
C MET B 459 -18.27 22.56 -46.90
N ALA B 460 -18.53 22.98 -45.66
CA ALA B 460 -18.37 24.36 -45.21
C ALA B 460 -18.44 24.35 -43.68
N ASP B 461 -18.39 25.51 -43.04
CA ASP B 461 -18.48 25.57 -41.58
C ASP B 461 -19.94 25.38 -41.09
N ARG B 462 -20.81 24.87 -41.96
CA ARG B 462 -22.23 24.74 -41.61
C ARG B 462 -22.95 23.87 -42.62
N THR B 463 -24.11 23.35 -42.24
CA THR B 463 -24.96 22.61 -43.19
C THR B 463 -25.48 23.58 -44.26
N ILE B 464 -25.29 23.21 -45.52
CA ILE B 464 -25.68 24.06 -46.65
C ILE B 464 -26.50 23.31 -47.71
N SER B 465 -27.27 24.08 -48.49
CA SER B 465 -28.03 23.55 -49.62
C SER B 465 -27.40 23.99 -50.95
N ALA B 466 -27.38 23.09 -51.92
CA ALA B 466 -26.90 23.44 -53.25
C ALA B 466 -28.00 24.18 -54.03
N LEU B 467 -28.33 25.39 -53.55
CA LEU B 467 -29.49 26.18 -54.00
C LEU B 467 -29.47 26.55 -55.47
N LYS B 468 -28.35 27.14 -55.86
CA LYS B 468 -28.13 27.60 -57.21
C LYS B 468 -28.26 26.40 -58.16
N THR B 469 -27.58 25.31 -57.85
CA THR B 469 -27.60 24.10 -58.67
C THR B 469 -29.02 23.50 -58.83
N THR B 470 -29.78 23.46 -57.74
CA THR B 470 -31.07 22.77 -57.78
C THR B 470 -32.12 23.59 -58.51
N GLN B 471 -32.09 24.92 -58.28
CA GLN B 471 -32.98 25.86 -58.93
C GLN B 471 -32.93 25.63 -60.44
N LYS B 472 -31.73 25.34 -60.94
CA LYS B 472 -31.51 25.21 -62.38
C LYS B 472 -32.15 23.96 -63.00
N GLN B 473 -32.66 23.06 -62.17
CA GLN B 473 -33.29 21.84 -62.69
C GLN B 473 -34.80 21.83 -62.56
N LEU B 474 -35.38 22.93 -62.08
CA LEU B 474 -36.84 22.96 -61.93
C LEU B 474 -37.50 22.79 -63.30
N SER B 475 -38.41 21.83 -63.36
CA SER B 475 -39.08 21.41 -64.60
C SER B 475 -38.22 20.70 -65.67
N LYS B 476 -36.95 20.40 -65.37
CA LYS B 476 -36.16 19.53 -66.27
C LYS B 476 -36.57 18.06 -66.11
N PHE B 477 -36.14 17.19 -67.04
CA PHE B 477 -36.45 15.75 -66.94
C PHE B 477 -35.30 14.91 -66.34
N TRP B 478 -35.65 13.84 -65.61
CA TRP B 478 -34.66 13.01 -64.88
C TRP B 478 -33.85 12.06 -65.77
N ASN B 479 -32.88 12.61 -66.51
CA ASN B 479 -32.12 11.83 -67.50
C ASN B 479 -30.62 12.14 -67.49
N GLU B 480 -29.89 11.61 -68.46
CA GLU B 480 -28.44 11.74 -68.52
C GLU B 480 -27.99 13.22 -68.54
N LYS B 481 -28.80 14.10 -69.14
CA LYS B 481 -28.43 15.51 -69.21
C LYS B 481 -28.55 16.20 -67.83
N LEU B 482 -29.62 15.91 -67.10
CA LEU B 482 -29.79 16.42 -65.75
C LEU B 482 -28.61 16.01 -64.88
N LEU B 483 -28.16 14.75 -65.05
CA LEU B 483 -27.03 14.25 -64.28
C LEU B 483 -25.82 15.13 -64.56
N GLN B 484 -25.55 15.37 -65.84
CA GLN B 484 -24.40 16.17 -66.26
C GLN B 484 -24.48 17.59 -65.67
N ASP B 485 -25.67 18.19 -65.71
CA ASP B 485 -25.87 19.56 -65.24
C ASP B 485 -25.69 19.72 -63.74
N VAL B 486 -26.16 18.75 -62.97
CA VAL B 486 -26.06 18.78 -61.52
C VAL B 486 -24.60 18.62 -61.09
N CYS B 487 -23.92 17.63 -61.66
CA CYS B 487 -22.52 17.39 -61.33
C CYS B 487 -21.71 18.67 -61.54
N ALA B 488 -21.87 19.23 -62.74
CA ALA B 488 -21.29 20.51 -63.11
C ALA B 488 -21.57 21.59 -62.06
N GLY B 489 -22.86 21.78 -61.74
CA GLY B 489 -23.28 22.73 -60.72
C GLY B 489 -22.64 22.49 -59.37
N LEU B 490 -22.73 21.24 -58.91
CA LEU B 490 -22.17 20.82 -57.63
C LEU B 490 -20.68 21.12 -57.55
N ALA B 491 -19.98 20.94 -58.66
CA ALA B 491 -18.54 21.16 -58.68
C ALA B 491 -18.20 22.64 -58.56
N GLU B 492 -19.06 23.50 -59.09
CA GLU B 492 -18.79 24.93 -59.09
C GLU B 492 -19.34 25.58 -57.81
N GLU B 493 -20.60 25.28 -57.49
CA GLU B 493 -21.25 25.84 -56.31
C GLU B 493 -20.57 25.47 -55.00
N LEU B 494 -20.17 24.20 -54.85
CA LEU B 494 -19.54 23.71 -53.61
C LEU B 494 -18.01 23.67 -53.62
N SER B 495 -17.41 24.51 -54.45
CA SER B 495 -15.96 24.52 -54.65
C SER B 495 -15.17 24.65 -53.34
N LEU B 496 -14.04 23.95 -53.27
CA LEU B 496 -13.14 24.10 -52.12
C LEU B 496 -11.81 24.60 -52.61
N SER B 497 -11.32 25.64 -51.97
CA SER B 497 -10.00 26.15 -52.32
C SER B 497 -8.96 25.13 -51.86
N PRO B 498 -7.76 25.16 -52.49
CA PRO B 498 -6.69 24.24 -52.07
C PRO B 498 -6.35 24.30 -50.58
N ASP B 499 -6.63 25.40 -49.89
CA ASP B 499 -6.28 25.47 -48.46
C ASP B 499 -7.45 25.20 -47.49
N ALA B 500 -8.65 24.97 -48.04
CA ALA B 500 -9.87 24.70 -47.27
C ALA B 500 -9.63 23.81 -46.04
N PRO B 501 -10.17 24.22 -44.88
CA PRO B 501 -10.03 23.50 -43.64
C PRO B 501 -10.45 22.04 -43.77
N GLY B 502 -9.56 21.15 -43.33
CA GLY B 502 -9.83 19.71 -43.33
C GLY B 502 -9.13 18.93 -44.44
N GLY B 503 -8.69 19.63 -45.50
CA GLY B 503 -8.06 18.96 -46.62
C GLY B 503 -9.00 18.00 -47.31
N MET B 504 -8.45 16.89 -47.82
CA MET B 504 -9.21 15.90 -48.59
C MET B 504 -10.11 16.54 -49.66
N ILE B 505 -9.56 17.53 -50.36
CA ILE B 505 -10.27 18.33 -51.38
C ILE B 505 -10.84 17.51 -52.56
N GLU B 506 -9.99 16.70 -53.19
CA GLU B 506 -10.44 15.82 -54.26
C GLU B 506 -11.54 14.88 -53.79
N PHE B 507 -11.27 14.14 -52.71
CA PHE B 507 -12.16 13.14 -52.14
C PHE B 507 -13.54 13.74 -51.83
N ARG B 508 -13.55 14.92 -51.23
CA ARG B 508 -14.81 15.55 -50.84
C ARG B 508 -15.62 15.96 -52.08
N ARG B 509 -14.98 16.69 -53.00
CA ARG B 509 -15.62 17.04 -54.26
C ARG B 509 -16.19 15.80 -54.94
N THR B 510 -15.37 14.76 -55.08
CA THR B 510 -15.81 13.51 -55.67
C THR B 510 -17.04 12.90 -54.96
N LEU B 511 -17.04 12.96 -53.63
CA LEU B 511 -18.12 12.32 -52.89
C LEU B 511 -19.43 13.06 -53.13
N THR B 512 -19.40 14.39 -53.24
CA THR B 512 -20.61 15.17 -53.48
C THR B 512 -21.27 14.75 -54.79
N LEU B 513 -20.47 14.49 -55.82
CA LEU B 513 -20.98 14.07 -57.12
C LEU B 513 -21.39 12.60 -57.10
N SER B 514 -20.64 11.78 -56.37
CA SER B 514 -20.88 10.34 -56.36
C SER B 514 -22.13 10.02 -55.57
N PHE B 515 -22.31 10.72 -54.45
CA PHE B 515 -23.54 10.62 -53.68
C PHE B 515 -24.73 11.00 -54.58
N PHE B 516 -24.60 12.13 -55.28
CA PHE B 516 -25.64 12.48 -56.22
C PHE B 516 -25.88 11.37 -57.23
N PHE B 517 -24.80 10.75 -57.73
CA PHE B 517 -24.94 9.73 -58.75
C PHE B 517 -25.80 8.59 -58.23
N LYS B 518 -25.53 8.16 -57.00
CA LYS B 518 -26.28 7.09 -56.37
C LYS B 518 -27.73 7.52 -56.25
N PHE B 519 -27.99 8.76 -55.85
CA PHE B 519 -29.37 9.25 -55.69
C PHE B 519 -30.11 9.10 -57.02
N TYR B 520 -29.52 9.72 -58.03
CA TYR B 520 -29.95 9.65 -59.42
C TYR B 520 -30.32 8.22 -59.84
N LEU B 521 -29.39 7.27 -59.68
CA LEU B 521 -29.63 5.86 -60.00
C LEU B 521 -30.80 5.25 -59.23
N THR B 522 -30.79 5.46 -57.92
CA THR B 522 -31.81 4.96 -57.01
C THR B 522 -33.17 5.50 -57.43
N VAL B 523 -33.21 6.79 -57.73
CA VAL B 523 -34.44 7.45 -58.20
C VAL B 523 -34.95 6.83 -59.50
N LEU B 524 -34.05 6.51 -60.42
CA LEU B 524 -34.44 5.76 -61.61
C LEU B 524 -35.02 4.36 -61.31
N LYS B 525 -34.47 3.65 -60.32
CA LYS B 525 -35.00 2.34 -59.91
C LYS B 525 -36.41 2.49 -59.34
N LYS B 526 -36.64 3.57 -58.62
CA LYS B 526 -37.93 3.80 -57.99
C LYS B 526 -38.96 4.31 -59.00
N LEU B 527 -38.60 4.31 -60.28
CA LEU B 527 -39.54 4.53 -61.39
C LEU B 527 -39.42 3.30 -62.34
N GLY B 528 -38.86 3.50 -63.54
CA GLY B 528 -38.47 2.38 -64.42
C GLY B 528 -37.19 2.74 -65.16
N ASP B 571 -0.92 -32.40 -16.46
CA ASP B 571 -0.23 -31.80 -17.63
C ASP B 571 -1.23 -31.13 -18.56
N THR B 572 -1.20 -29.79 -18.59
CA THR B 572 -2.09 -29.00 -19.45
C THR B 572 -1.39 -28.39 -20.66
N VAL B 573 -0.10 -28.62 -20.79
CA VAL B 573 0.63 -28.06 -21.92
C VAL B 573 0.04 -28.62 -23.21
N GLY B 574 -0.46 -27.72 -24.06
CA GLY B 574 -1.07 -28.11 -25.33
C GLY B 574 -2.58 -28.08 -25.25
N ARG B 575 -3.12 -27.72 -24.09
CA ARG B 575 -4.58 -27.67 -23.92
C ARG B 575 -5.06 -26.23 -24.04
N PRO B 576 -6.29 -26.02 -24.56
CA PRO B 576 -6.90 -24.69 -24.75
C PRO B 576 -7.41 -24.09 -23.44
N LEU B 577 -6.53 -23.96 -22.47
CA LEU B 577 -6.84 -23.45 -21.14
C LEU B 577 -7.11 -21.96 -21.24
N PRO B 578 -8.29 -21.51 -20.76
CA PRO B 578 -8.59 -20.09 -20.76
C PRO B 578 -7.59 -19.30 -19.91
N HIS B 579 -7.37 -18.04 -20.31
CA HIS B 579 -6.60 -17.07 -19.54
C HIS B 579 -7.05 -17.13 -18.06
N LEU B 580 -6.10 -17.44 -17.19
CA LEU B 580 -6.34 -17.58 -15.74
C LEU B 580 -7.06 -16.42 -15.06
N ALA B 581 -6.97 -15.22 -15.62
CA ALA B 581 -7.56 -14.05 -15.00
C ALA B 581 -8.85 -13.60 -15.67
N ALA B 582 -9.31 -14.35 -16.68
CA ALA B 582 -10.46 -13.93 -17.49
C ALA B 582 -11.79 -13.74 -16.74
N ALA B 583 -12.10 -14.65 -15.81
CA ALA B 583 -13.34 -14.58 -15.04
C ALA B 583 -13.38 -13.29 -14.20
N MET B 584 -12.25 -12.95 -13.60
CA MET B 584 -12.10 -11.72 -12.82
C MET B 584 -12.17 -10.49 -13.72
N GLN B 585 -11.68 -10.63 -14.94
CA GLN B 585 -11.72 -9.54 -15.91
C GLN B 585 -13.17 -9.33 -16.32
N ALA B 586 -13.91 -10.43 -16.49
CA ALA B 586 -15.37 -10.38 -16.77
C ALA B 586 -16.21 -9.80 -15.64
N SER B 587 -15.77 -9.98 -14.41
CA SER B 587 -16.52 -9.46 -13.25
C SER B 587 -16.06 -8.05 -12.77
N GLY B 588 -15.03 -7.49 -13.42
CA GLY B 588 -14.45 -6.23 -12.96
C GLY B 588 -13.74 -6.33 -11.60
N GLU B 589 -13.41 -7.55 -11.19
CA GLU B 589 -12.60 -7.79 -9.99
C GLU B 589 -11.09 -7.69 -10.22
N ALA B 590 -10.65 -7.89 -11.47
CA ALA B 590 -9.24 -7.77 -11.85
C ALA B 590 -8.76 -6.33 -11.66
N VAL B 591 -7.66 -6.17 -10.94
CA VAL B 591 -7.18 -4.86 -10.57
C VAL B 591 -6.13 -4.39 -11.55
N TYR B 592 -6.37 -3.21 -12.14
CA TYR B 592 -5.39 -2.49 -12.94
C TYR B 592 -4.84 -1.32 -12.12
N CYS B 593 -3.68 -0.79 -12.49
CA CYS B 593 -3.10 0.36 -11.80
C CYS B 593 -4.08 1.36 -11.16
N ASP B 594 -4.95 2.01 -11.95
CA ASP B 594 -5.81 3.03 -11.34
C ASP B 594 -6.90 2.48 -10.42
N ASP B 595 -7.15 1.17 -10.50
CA ASP B 595 -8.14 0.50 -9.63
C ASP B 595 -7.64 0.32 -8.21
N ILE B 596 -6.32 0.40 -8.03
CA ILE B 596 -5.74 0.36 -6.69
C ILE B 596 -6.31 1.53 -5.86
N PRO B 597 -6.75 1.26 -4.62
CA PRO B 597 -7.37 2.32 -3.79
C PRO B 597 -6.37 3.42 -3.50
N ARG B 598 -6.84 4.66 -3.36
CA ARG B 598 -5.93 5.77 -3.06
C ARG B 598 -5.69 5.89 -1.55
N TYR B 599 -4.48 6.31 -1.17
CA TYR B 599 -4.22 6.66 0.21
C TYR B 599 -4.97 7.91 0.58
N GLU B 600 -5.32 8.04 1.86
CA GLU B 600 -6.08 9.19 2.32
C GLU B 600 -5.36 10.50 1.99
N ASN B 601 -4.02 10.47 2.00
CA ASN B 601 -3.24 11.67 1.66
C ASN B 601 -2.76 11.70 0.20
N GLU B 602 -3.28 10.81 -0.64
CA GLU B 602 -2.82 10.68 -2.03
C GLU B 602 -3.13 11.86 -2.97
N LEU B 603 -2.08 12.42 -3.59
CA LEU B 603 -2.29 13.54 -4.53
C LEU B 603 -2.38 13.12 -6.02
N PHE B 604 -2.71 14.07 -6.90
CA PHE B 604 -2.93 13.80 -8.33
C PHE B 604 -2.05 14.71 -9.16
N LEU B 605 -1.46 14.13 -10.20
CA LEU B 605 -0.58 14.87 -11.08
C LEU B 605 -1.26 15.03 -12.44
N ARG B 606 -1.07 16.21 -13.01
CA ARG B 606 -1.41 16.46 -14.39
C ARG B 606 -0.21 17.07 -15.13
N LEU B 607 0.09 16.56 -16.30
CA LEU B 607 1.21 17.02 -17.10
C LEU B 607 0.95 18.36 -17.79
N VAL B 608 1.94 19.25 -17.77
CA VAL B 608 1.94 20.50 -18.53
C VAL B 608 2.88 20.37 -19.72
N THR B 609 2.34 20.68 -20.89
CA THR B 609 2.84 20.13 -22.13
C THR B 609 3.00 21.24 -23.17
N SER B 610 3.99 21.11 -24.06
CA SER B 610 4.23 22.11 -25.11
C SER B 610 3.07 22.25 -26.08
N THR B 611 2.81 23.48 -26.53
CA THR B 611 1.83 23.68 -27.60
C THR B 611 2.52 24.11 -28.90
N ARG B 612 3.85 23.97 -28.96
CA ARG B 612 4.62 24.36 -30.14
C ARG B 612 5.55 23.21 -30.45
N ALA B 613 5.86 23.04 -31.73
CA ALA B 613 6.75 21.98 -32.18
C ALA B 613 8.22 22.24 -31.90
N HIS B 614 8.65 23.50 -31.94
CA HIS B 614 10.07 23.86 -31.67
C HIS B 614 10.14 25.35 -31.29
N ALA B 615 10.56 25.65 -30.08
CA ALA B 615 10.50 27.00 -29.58
C ALA B 615 11.32 27.13 -28.30
N LYS B 616 11.86 28.33 -28.03
CA LYS B 616 12.45 28.65 -26.73
C LYS B 616 11.32 28.85 -25.71
N ILE B 617 11.54 28.42 -24.48
CA ILE B 617 10.64 28.75 -23.38
C ILE B 617 11.11 30.10 -22.82
N LYS B 618 10.26 31.11 -22.93
CA LYS B 618 10.63 32.47 -22.55
C LYS B 618 10.29 32.79 -21.08
N SER B 619 9.18 32.24 -20.58
CA SER B 619 8.77 32.34 -19.17
C SER B 619 7.58 31.41 -18.89
N ILE B 620 7.36 31.11 -17.61
CA ILE B 620 6.28 30.25 -17.18
C ILE B 620 5.57 30.91 -16.01
N ASP B 621 4.28 31.20 -16.21
CA ASP B 621 3.50 31.96 -15.25
C ASP B 621 2.48 31.01 -14.63
N VAL B 622 2.57 30.84 -13.32
CA VAL B 622 1.70 29.90 -12.63
C VAL B 622 0.59 30.58 -11.84
N SER B 623 0.52 31.90 -11.92
CA SER B 623 -0.29 32.70 -10.98
C SER B 623 -1.80 32.42 -11.04
N GLU B 624 -2.30 32.00 -12.19
CA GLU B 624 -3.71 31.59 -12.30
C GLU B 624 -3.92 30.17 -11.78
N ALA B 625 -2.91 29.31 -11.97
CA ALA B 625 -2.97 27.92 -11.51
C ALA B 625 -3.08 27.88 -10.00
N GLN B 626 -2.29 28.72 -9.35
CA GLN B 626 -2.27 28.87 -7.90
C GLN B 626 -3.61 29.31 -7.30
N LYS B 627 -4.51 29.85 -8.11
CA LYS B 627 -5.85 30.24 -7.63
C LYS B 627 -6.79 29.05 -7.58
N VAL B 628 -6.46 27.97 -8.29
CA VAL B 628 -7.38 26.82 -8.40
C VAL B 628 -7.50 26.15 -7.04
N PRO B 629 -8.73 25.95 -6.54
CA PRO B 629 -8.92 25.26 -5.26
C PRO B 629 -8.13 23.95 -5.25
N GLY B 630 -7.46 23.66 -4.14
CA GLY B 630 -6.71 22.41 -3.94
C GLY B 630 -5.40 22.27 -4.71
N PHE B 631 -4.95 23.36 -5.30
CA PHE B 631 -3.64 23.40 -5.96
C PHE B 631 -2.60 23.13 -4.91
N VAL B 632 -1.62 22.30 -5.26
CA VAL B 632 -0.53 22.01 -4.34
C VAL B 632 0.79 22.63 -4.81
N CYS B 633 1.24 22.26 -6.01
CA CYS B 633 2.41 22.89 -6.57
C CYS B 633 2.54 22.67 -8.08
N PHE B 634 3.48 23.41 -8.68
CA PHE B 634 3.88 23.23 -10.03
C PHE B 634 5.33 22.78 -10.01
N LEU B 635 5.61 21.65 -10.65
CA LEU B 635 6.97 21.13 -10.71
C LEU B 635 7.53 21.38 -12.09
N SER B 636 8.83 21.64 -12.14
CA SER B 636 9.54 21.83 -13.38
C SER B 636 11.00 21.36 -13.20
N ALA B 637 11.83 21.59 -14.23
CA ALA B 637 13.22 21.12 -14.26
C ALA B 637 14.02 21.51 -13.05
N ASP B 638 13.74 22.70 -12.51
CA ASP B 638 14.46 23.20 -11.33
C ASP B 638 14.23 22.35 -10.07
N ASP B 639 13.08 21.67 -10.00
CA ASP B 639 12.70 20.87 -8.84
C ASP B 639 13.38 19.50 -8.73
N ILE B 640 14.00 19.03 -9.82
CA ILE B 640 14.60 17.71 -9.86
C ILE B 640 15.89 17.65 -9.01
N PRO B 641 15.96 16.69 -8.08
CA PRO B 641 17.13 16.64 -7.18
C PRO B 641 18.37 15.91 -7.75
N GLY B 642 18.19 15.04 -8.73
CA GLY B 642 19.30 14.26 -9.33
C GLY B 642 19.60 14.66 -10.78
N SER B 643 19.00 13.99 -11.76
CA SER B 643 19.36 14.33 -13.15
C SER B 643 18.13 14.63 -14.03
N ASN B 644 18.24 15.69 -14.82
CA ASN B 644 17.25 15.99 -15.83
C ASN B 644 17.50 15.25 -17.14
N GLU B 645 18.54 14.40 -17.15
CA GLU B 645 18.88 13.64 -18.36
C GLU B 645 18.35 12.19 -18.29
N THR B 646 17.61 11.80 -19.32
CA THR B 646 16.94 10.53 -19.31
C THR B 646 16.76 10.04 -20.73
N GLY B 647 15.95 8.99 -20.90
CA GLY B 647 15.83 8.28 -22.16
C GLY B 647 16.84 7.14 -22.28
N LEU B 648 16.63 6.30 -23.29
CA LEU B 648 17.43 5.12 -23.51
C LEU B 648 18.85 5.52 -23.92
N PHE B 649 18.96 6.60 -24.66
CA PHE B 649 20.25 7.09 -25.11
C PHE B 649 20.60 8.44 -24.48
N ASN B 650 19.97 8.74 -23.34
CA ASN B 650 20.33 9.90 -22.51
C ASN B 650 20.23 11.22 -23.27
N ASP B 651 19.31 11.24 -24.23
CA ASP B 651 19.12 12.36 -25.14
C ASP B 651 17.75 13.04 -24.90
N GLU B 652 17.20 12.89 -23.69
CA GLU B 652 15.90 13.49 -23.33
C GLU B 652 15.98 14.17 -21.98
N THR B 653 15.09 15.15 -21.80
CA THR B 653 14.83 15.74 -20.48
C THR B 653 13.66 15.04 -19.80
N VAL B 654 13.65 15.09 -18.46
CA VAL B 654 12.48 14.69 -17.68
C VAL B 654 11.49 15.83 -17.83
N PHE B 655 11.95 17.06 -17.58
CA PHE B 655 11.22 18.28 -17.92
C PHE B 655 12.04 19.17 -18.88
N ALA B 656 11.35 19.73 -19.89
CA ALA B 656 11.94 20.67 -20.84
C ALA B 656 12.66 21.79 -20.10
N LYS B 657 13.82 22.19 -20.61
CA LYS B 657 14.68 23.16 -19.93
C LYS B 657 14.59 24.57 -20.56
N ASP B 658 15.19 24.77 -21.72
CA ASP B 658 15.17 26.10 -22.31
C ASP B 658 14.38 26.08 -23.60
N THR B 659 14.25 24.89 -24.19
CA THR B 659 13.57 24.73 -25.47
C THR B 659 12.62 23.53 -25.42
N VAL B 660 11.56 23.58 -26.20
CA VAL B 660 10.64 22.45 -26.38
C VAL B 660 10.85 21.95 -27.79
N THR B 661 10.74 20.64 -28.01
CA THR B 661 11.09 20.07 -29.32
C THR B 661 9.98 19.26 -30.01
N CYS B 662 8.77 19.29 -29.47
CA CYS B 662 7.58 18.77 -30.15
C CYS B 662 6.33 19.26 -29.47
N VAL B 663 5.20 19.14 -30.15
CA VAL B 663 3.94 19.49 -29.50
C VAL B 663 3.69 18.77 -28.15
N GLY B 664 3.78 17.47 -28.04
CA GLY B 664 3.59 16.95 -26.63
C GLY B 664 4.68 17.14 -25.55
N HIS B 665 5.67 17.99 -25.79
CA HIS B 665 6.89 18.00 -24.95
C HIS B 665 6.58 18.39 -23.50
N ILE B 666 6.96 17.53 -22.56
CA ILE B 666 6.65 17.77 -21.14
C ILE B 666 7.55 18.85 -20.50
N ILE B 667 6.90 19.92 -20.03
CA ILE B 667 7.55 21.11 -19.48
C ILE B 667 7.58 21.09 -17.96
N GLY B 668 6.49 20.56 -17.37
CA GLY B 668 6.35 20.46 -15.93
C GLY B 668 5.10 19.66 -15.60
N ALA B 669 4.69 19.76 -14.34
CA ALA B 669 3.46 19.12 -13.94
C ALA B 669 2.75 19.88 -12.80
N VAL B 670 1.42 19.77 -12.76
CA VAL B 670 0.66 20.30 -11.62
C VAL B 670 0.30 19.15 -10.68
N VAL B 671 0.47 19.36 -9.39
CA VAL B 671 0.02 18.44 -8.35
C VAL B 671 -1.15 19.11 -7.63
N ALA B 672 -2.24 18.36 -7.42
CA ALA B 672 -3.45 18.89 -6.77
C ALA B 672 -4.27 17.82 -6.04
N ASP B 673 -5.22 18.27 -5.21
CA ASP B 673 -5.90 17.35 -4.32
C ASP B 673 -6.89 16.43 -5.04
N THR B 674 -7.29 16.79 -6.27
CA THR B 674 -8.14 15.91 -7.09
C THR B 674 -7.65 15.93 -8.55
N PRO B 675 -8.06 14.93 -9.37
CA PRO B 675 -7.60 14.95 -10.75
C PRO B 675 -8.19 16.11 -11.55
N GLU B 676 -9.44 16.48 -11.27
CA GLU B 676 -10.11 17.61 -11.93
C GLU B 676 -9.43 18.94 -11.63
N HIS B 677 -9.07 19.12 -10.38
CA HIS B 677 -8.34 20.32 -9.99
C HIS B 677 -6.97 20.38 -10.67
N ALA B 678 -6.28 19.24 -10.71
CA ALA B 678 -4.98 19.18 -11.35
C ALA B 678 -5.13 19.52 -12.83
N GLU B 679 -6.19 18.98 -13.45
CA GLU B 679 -6.49 19.26 -14.86
C GLU B 679 -6.80 20.76 -15.10
N ARG B 680 -7.69 21.35 -14.29
CA ARG B 680 -8.05 22.75 -14.48
C ARG B 680 -6.84 23.65 -14.32
N ALA B 681 -6.06 23.42 -13.26
CA ALA B 681 -4.88 24.24 -12.99
C ALA B 681 -3.85 24.13 -14.12
N ALA B 682 -3.55 22.92 -14.58
CA ALA B 682 -2.62 22.72 -15.71
C ALA B 682 -3.01 23.51 -16.94
N HIS B 683 -4.31 23.55 -17.25
CA HIS B 683 -4.78 24.24 -18.47
C HIS B 683 -4.47 25.75 -18.41
N VAL B 684 -4.20 26.24 -17.20
CA VAL B 684 -4.20 27.67 -16.93
C VAL B 684 -2.77 28.17 -16.60
N VAL B 685 -1.82 27.25 -16.65
CA VAL B 685 -0.41 27.60 -16.68
C VAL B 685 -0.07 28.30 -17.99
N LYS B 686 0.48 29.51 -17.91
CA LYS B 686 0.82 30.23 -19.13
C LYS B 686 2.31 30.12 -19.50
N VAL B 687 2.56 29.62 -20.70
CA VAL B 687 3.93 29.48 -21.20
C VAL B 687 4.11 30.47 -22.35
N THR B 688 5.19 31.26 -22.29
CA THR B 688 5.51 32.17 -23.39
C THR B 688 6.66 31.60 -24.20
N TYR B 689 6.45 31.52 -25.52
CA TYR B 689 7.38 30.86 -26.40
C TYR B 689 7.94 31.85 -27.40
N GLU B 690 9.06 31.44 -27.99
CA GLU B 690 9.58 32.11 -29.14
C GLU B 690 9.87 31.01 -30.17
N ASP B 691 9.07 30.95 -31.23
CA ASP B 691 9.24 29.89 -32.26
C ASP B 691 10.64 29.83 -32.86
N LEU B 692 11.08 28.59 -33.08
CA LEU B 692 12.29 28.27 -33.84
C LEU B 692 11.86 27.42 -35.05
N PRO B 693 12.63 27.49 -36.16
CA PRO B 693 12.29 26.70 -37.36
C PRO B 693 12.10 25.23 -36.99
N ALA B 694 11.08 24.62 -37.57
CA ALA B 694 10.76 23.26 -37.16
C ALA B 694 10.97 22.30 -38.30
N ILE B 695 11.28 21.05 -37.97
CA ILE B 695 11.43 19.99 -38.95
C ILE B 695 10.40 18.90 -38.61
N ILE B 696 9.44 18.68 -39.52
CA ILE B 696 8.30 17.80 -39.25
C ILE B 696 8.31 16.49 -40.05
N THR B 697 8.46 16.60 -41.36
CA THR B 697 8.30 15.44 -42.23
C THR B 697 9.63 14.74 -42.45
N ILE B 698 9.53 13.52 -42.97
CA ILE B 698 10.68 12.79 -43.49
C ILE B 698 11.44 13.62 -44.54
N GLU B 699 10.71 14.22 -45.48
CA GLU B 699 11.32 15.07 -46.51
C GLU B 699 12.10 16.24 -45.91
N ASP B 700 11.51 16.92 -44.91
CA ASP B 700 12.15 18.05 -44.21
C ASP B 700 13.48 17.60 -43.64
N ALA B 701 13.47 16.42 -43.03
CA ALA B 701 14.66 15.89 -42.38
C ALA B 701 15.72 15.58 -43.40
N ILE B 702 15.31 14.98 -44.52
CA ILE B 702 16.23 14.69 -45.62
C ILE B 702 16.87 15.97 -46.20
N LYS B 703 16.05 16.95 -46.59
CA LYS B 703 16.52 18.24 -47.07
C LYS B 703 17.57 18.89 -46.13
N ASN B 704 17.31 18.82 -44.82
CA ASN B 704 18.11 19.51 -43.82
C ASN B 704 19.15 18.60 -43.16
N ASN B 705 19.32 17.38 -43.65
CA ASN B 705 20.32 16.44 -43.13
C ASN B 705 20.15 16.26 -41.61
N SER B 706 18.92 15.96 -41.19
CA SER B 706 18.60 15.93 -39.79
C SER B 706 18.32 14.48 -39.38
N PHE B 707 19.39 13.78 -39.02
CA PHE B 707 19.33 12.37 -38.67
C PHE B 707 19.89 12.03 -37.27
N TYR B 708 19.49 10.87 -36.73
CA TYR B 708 20.15 10.30 -35.56
C TYR B 708 21.19 9.32 -36.05
N GLY B 709 22.45 9.63 -35.77
CA GLY B 709 23.56 8.78 -36.17
C GLY B 709 23.63 8.61 -37.67
N SER B 710 24.38 7.60 -38.11
CA SER B 710 24.64 7.44 -39.55
C SER B 710 23.88 6.26 -40.17
N GLU B 711 24.08 6.07 -41.46
CA GLU B 711 23.37 5.09 -42.27
C GLU B 711 23.51 3.65 -41.80
N LEU B 712 22.39 2.94 -41.74
CA LEU B 712 22.44 1.48 -41.59
C LEU B 712 22.41 0.83 -42.95
N LYS B 713 23.13 -0.29 -43.10
CA LYS B 713 23.22 -0.98 -44.39
C LYS B 713 23.42 -2.51 -44.27
N ILE B 714 22.65 -3.25 -45.06
CA ILE B 714 22.94 -4.66 -45.32
C ILE B 714 23.11 -4.82 -46.83
N GLU B 715 24.27 -5.34 -47.23
CA GLU B 715 24.56 -5.57 -48.64
C GLU B 715 25.06 -6.98 -48.88
N LYS B 716 24.50 -7.63 -49.89
CA LYS B 716 24.95 -8.95 -50.32
C LYS B 716 24.91 -9.08 -51.83
N GLY B 717 25.88 -9.82 -52.36
CA GLY B 717 25.98 -10.11 -53.78
C GLY B 717 26.53 -8.90 -54.48
N ASP B 718 26.17 -8.75 -55.75
CA ASP B 718 26.76 -7.73 -56.60
C ASP B 718 25.64 -7.01 -57.33
N LEU B 719 25.29 -5.81 -56.85
CA LEU B 719 24.14 -5.05 -57.36
C LEU B 719 24.28 -4.58 -58.83
N LYS B 720 25.43 -3.98 -59.14
CA LYS B 720 25.78 -3.71 -60.51
C LYS B 720 26.18 -5.05 -61.09
N LYS B 721 25.37 -5.60 -61.98
CA LYS B 721 25.59 -6.97 -62.47
C LYS B 721 24.31 -7.77 -62.38
N GLY B 722 23.70 -7.74 -61.21
CA GLY B 722 22.32 -8.16 -61.07
C GLY B 722 21.51 -7.31 -62.03
N PHE B 723 21.68 -6.00 -61.95
CA PHE B 723 20.96 -5.09 -62.84
C PHE B 723 21.39 -5.23 -64.31
N SER B 724 22.66 -5.62 -64.55
CA SER B 724 23.17 -5.98 -65.88
C SER B 724 22.37 -7.07 -66.53
N GLU B 725 21.92 -8.04 -65.73
CA GLU B 725 21.23 -9.21 -66.24
C GLU B 725 19.70 -9.01 -66.29
N ALA B 726 19.20 -7.96 -65.64
CA ALA B 726 17.75 -7.80 -65.49
C ALA B 726 17.00 -7.51 -66.79
N ASP B 727 16.01 -8.35 -67.12
CA ASP B 727 15.05 -8.02 -68.18
C ASP B 727 14.39 -6.68 -67.92
N ASN B 728 13.87 -6.51 -66.71
CA ASN B 728 13.04 -5.36 -66.32
C ASN B 728 13.47 -4.79 -64.98
N VAL B 729 13.07 -3.56 -64.70
CA VAL B 729 13.51 -2.89 -63.50
C VAL B 729 12.38 -1.93 -63.07
N VAL B 730 11.53 -2.35 -62.14
CA VAL B 730 10.57 -1.40 -61.52
C VAL B 730 11.21 -0.49 -60.47
N SER B 731 10.98 0.81 -60.63
CA SER B 731 11.46 1.82 -59.72
C SER B 731 10.27 2.64 -59.13
N GLY B 732 10.42 3.12 -57.91
CA GLY B 732 9.38 3.92 -57.30
C GLY B 732 9.58 4.36 -55.86
N GLU B 733 8.47 4.81 -55.26
CA GLU B 733 8.48 5.36 -53.90
C GLU B 733 7.22 4.94 -53.14
N LEU B 734 7.37 4.63 -51.85
CA LEU B 734 6.23 4.16 -51.04
C LEU B 734 6.28 4.77 -49.66
N TYR B 735 5.12 5.06 -49.09
CA TYR B 735 5.03 5.59 -47.73
C TYR B 735 4.08 4.75 -46.86
N ILE B 736 4.41 4.59 -45.58
CA ILE B 736 3.49 3.93 -44.67
C ILE B 736 3.32 4.73 -43.38
N GLY B 737 2.06 5.06 -43.08
CA GLY B 737 1.72 5.97 -41.98
C GLY B 737 1.95 5.27 -40.67
N GLY B 738 2.19 6.03 -39.61
CA GLY B 738 2.42 5.45 -38.31
C GLY B 738 1.15 4.91 -37.67
N GLN B 739 1.17 4.68 -36.37
CA GLN B 739 0.05 4.00 -35.71
C GLN B 739 0.06 4.30 -34.23
N ASP B 740 -1.14 4.54 -33.68
CA ASP B 740 -1.31 4.69 -32.23
C ASP B 740 -1.59 3.35 -31.59
N HIS B 741 -0.98 3.09 -30.44
CA HIS B 741 -1.17 1.82 -29.77
C HIS B 741 -2.65 1.52 -29.42
N PHE B 742 -3.33 2.53 -28.87
CA PHE B 742 -4.70 2.39 -28.43
C PHE B 742 -4.94 1.18 -27.51
N TYR B 743 -3.99 0.90 -26.60
CA TYR B 743 -4.26 0.00 -25.47
C TYR B 743 -5.46 0.60 -24.75
N LEU B 744 -6.43 -0.23 -24.36
CA LEU B 744 -7.63 0.32 -23.72
C LEU B 744 -7.33 1.03 -22.38
N GLU B 745 -6.37 0.50 -21.65
CA GLU B 745 -5.81 1.21 -20.51
C GLU B 745 -4.58 2.03 -20.92
N THR B 746 -4.70 3.34 -20.74
CA THR B 746 -3.61 4.26 -20.99
C THR B 746 -2.50 4.17 -19.92
N HIS B 747 -1.48 4.98 -20.09
CA HIS B 747 -0.37 5.07 -19.13
C HIS B 747 -0.81 5.49 -17.75
N CYS B 748 -0.19 4.87 -16.75
CA CYS B 748 -0.57 5.10 -15.36
C CYS B 748 0.51 4.65 -14.41
N THR B 749 0.76 5.48 -13.40
CA THR B 749 1.72 5.19 -12.32
C THR B 749 1.22 5.73 -10.99
N ILE B 750 1.37 4.93 -9.95
CA ILE B 750 1.29 5.40 -8.58
C ILE B 750 2.70 5.33 -7.96
N ALA B 751 3.13 6.39 -7.27
CA ALA B 751 4.40 6.41 -6.54
C ALA B 751 4.17 6.65 -5.06
N ILE B 752 4.66 5.72 -4.24
CA ILE B 752 4.59 5.87 -2.78
C ILE B 752 5.98 6.21 -2.19
N PRO B 753 6.17 7.44 -1.66
CA PRO B 753 7.48 7.70 -1.04
C PRO B 753 7.47 7.21 0.42
N LYS B 754 8.47 6.44 0.80
CA LYS B 754 8.46 5.83 2.13
C LYS B 754 9.08 6.70 3.23
N GLY B 755 9.58 7.90 2.90
CA GLY B 755 10.18 8.81 3.88
C GLY B 755 11.52 8.38 4.48
N GLU B 756 11.96 7.15 4.22
CA GLU B 756 13.23 6.66 4.74
C GLU B 756 14.20 6.42 3.60
N GLU B 757 15.33 7.11 3.62
CA GLU B 757 16.47 6.83 2.73
C GLU B 757 16.18 6.91 1.24
N GLY B 758 15.25 7.77 0.84
CA GLY B 758 14.90 7.86 -0.56
C GLY B 758 14.07 6.71 -1.12
N GLU B 759 13.67 5.75 -0.26
CA GLU B 759 12.86 4.63 -0.72
C GLU B 759 11.60 5.07 -1.40
N MET B 760 11.26 4.38 -2.47
CA MET B 760 10.03 4.64 -3.17
C MET B 760 9.55 3.34 -3.76
N GLU B 761 8.23 3.14 -3.68
CA GLU B 761 7.51 1.98 -4.21
C GLU B 761 6.49 2.45 -5.27
N LEU B 762 6.59 1.87 -6.46
CA LEU B 762 5.75 2.32 -7.59
C LEU B 762 4.91 1.18 -8.17
N PHE B 763 3.65 1.50 -8.49
CA PHE B 763 2.75 0.60 -9.21
C PHE B 763 2.56 1.18 -10.59
N VAL B 764 2.89 0.43 -11.62
CA VAL B 764 2.91 1.03 -12.94
C VAL B 764 2.50 0.08 -14.04
N SER B 765 1.82 0.67 -15.01
CA SER B 765 1.35 -0.04 -16.17
C SER B 765 2.53 -0.01 -17.16
N THR B 766 3.47 -0.93 -16.99
CA THR B 766 4.62 -0.96 -17.89
C THR B 766 5.06 -2.37 -18.25
N GLN B 767 5.65 -2.47 -19.42
CA GLN B 767 6.29 -3.67 -19.89
C GLN B 767 7.75 -3.75 -19.42
N ASN B 768 8.25 -2.69 -18.77
CA ASN B 768 9.68 -2.54 -18.48
C ASN B 768 9.92 -2.00 -17.08
N ALA B 769 9.67 -2.84 -16.09
CA ALA B 769 9.90 -2.44 -14.70
C ALA B 769 11.38 -2.09 -14.42
N MET B 770 12.32 -2.71 -15.13
CA MET B 770 13.74 -2.40 -14.93
C MET B 770 14.08 -0.95 -15.31
N LYS B 771 13.80 -0.56 -16.54
CA LYS B 771 14.04 0.82 -16.96
C LYS B 771 13.19 1.79 -16.17
N THR B 772 11.96 1.40 -15.80
CA THR B 772 11.20 2.24 -14.87
C THR B 772 12.00 2.50 -13.59
N GLN B 773 12.46 1.44 -12.96
CA GLN B 773 13.26 1.54 -11.71
C GLN B 773 14.54 2.42 -11.87
N SER B 774 15.28 2.24 -12.96
CA SER B 774 16.52 3.01 -13.23
C SER B 774 16.29 4.48 -13.49
N PHE B 775 15.29 4.76 -14.32
CA PHE B 775 15.03 6.13 -14.72
C PHE B 775 14.61 6.90 -13.50
N VAL B 776 13.77 6.29 -12.66
CA VAL B 776 13.34 6.95 -11.41
C VAL B 776 14.52 7.16 -10.44
N ALA B 777 15.35 6.16 -10.29
CA ALA B 777 16.58 6.29 -9.48
C ALA B 777 17.50 7.43 -9.96
N LYS B 778 17.75 7.48 -11.27
CA LYS B 778 18.57 8.51 -11.86
C LYS B 778 18.00 9.90 -11.68
N MET B 779 16.68 10.06 -11.84
CA MET B 779 16.08 11.36 -11.64
C MET B 779 16.19 11.82 -10.19
N LEU B 780 15.96 10.91 -9.25
CA LEU B 780 16.04 11.24 -7.83
C LEU B 780 17.48 11.42 -7.32
N GLY B 781 18.45 10.84 -8.03
CA GLY B 781 19.85 10.88 -7.59
C GLY B 781 20.04 9.96 -6.39
N VAL B 782 19.54 8.74 -6.55
CA VAL B 782 19.45 7.76 -5.47
C VAL B 782 19.86 6.37 -6.04
N PRO B 783 20.46 5.48 -5.22
CA PRO B 783 20.79 4.18 -5.84
C PRO B 783 19.55 3.36 -6.24
N VAL B 784 19.72 2.52 -7.24
CA VAL B 784 18.63 1.70 -7.76
C VAL B 784 17.96 0.81 -6.66
N ASN B 785 18.77 0.29 -5.74
CA ASN B 785 18.28 -0.57 -4.64
C ASN B 785 17.22 0.07 -3.74
N ARG B 786 17.00 1.37 -3.94
CA ARG B 786 16.01 2.14 -3.19
C ARG B 786 14.61 2.09 -3.80
N ILE B 787 14.54 1.76 -5.09
CA ILE B 787 13.33 1.92 -5.87
C ILE B 787 12.72 0.56 -6.17
N LEU B 788 11.45 0.41 -5.82
CA LEU B 788 10.76 -0.85 -6.05
C LEU B 788 9.59 -0.63 -7.03
N VAL B 789 9.56 -1.40 -8.13
CA VAL B 789 8.48 -1.30 -9.14
C VAL B 789 7.66 -2.59 -9.18
N ARG B 790 6.34 -2.42 -9.08
CA ARG B 790 5.41 -3.57 -9.05
C ARG B 790 4.47 -3.46 -10.22
N VAL B 791 4.34 -4.56 -10.96
CA VAL B 791 3.49 -4.62 -12.14
C VAL B 791 2.61 -5.86 -12.06
N LYS B 792 1.32 -5.63 -11.81
CA LYS B 792 0.40 -6.74 -11.76
C LYS B 792 -0.05 -7.08 -13.18
N ARG B 793 -0.71 -6.13 -13.85
CA ARG B 793 -1.19 -6.33 -15.21
C ARG B 793 -1.35 -5.02 -15.96
N MET B 794 -1.37 -5.11 -17.28
CA MET B 794 -1.56 -3.96 -18.11
C MET B 794 -2.81 -4.24 -18.88
N GLY B 795 -3.61 -3.19 -19.09
CA GLY B 795 -4.70 -3.27 -20.05
C GLY B 795 -4.23 -3.02 -21.49
N GLY B 796 -3.39 -3.91 -22.02
CA GLY B 796 -2.69 -3.62 -23.29
C GLY B 796 -1.35 -2.92 -23.06
N GLY B 797 -0.37 -3.25 -23.92
CA GLY B 797 0.97 -2.62 -23.96
C GLY B 797 1.38 -2.45 -25.42
N PHE B 798 1.50 -3.57 -26.14
CA PHE B 798 1.76 -3.59 -27.58
C PHE B 798 3.04 -2.88 -27.99
N GLY B 799 3.98 -2.74 -27.04
CA GLY B 799 5.24 -2.08 -27.33
C GLY B 799 5.21 -0.64 -26.85
N GLY B 800 4.00 -0.09 -26.67
CA GLY B 800 3.87 1.30 -26.26
C GLY B 800 4.24 1.58 -24.81
N LYS B 801 4.31 0.51 -24.00
CA LYS B 801 4.62 0.65 -22.58
C LYS B 801 5.98 -0.01 -22.31
N GLU B 802 6.76 -0.14 -23.38
CA GLU B 802 8.09 -0.72 -23.28
C GLU B 802 9.07 0.32 -22.75
N THR B 803 8.97 1.58 -23.18
CA THR B 803 9.88 2.63 -22.66
C THR B 803 9.18 3.93 -22.33
N ARG B 804 8.22 4.32 -23.17
CA ARG B 804 7.56 5.61 -23.04
C ARG B 804 6.72 5.78 -21.77
N SER B 805 6.45 4.67 -21.07
CA SER B 805 5.77 4.70 -19.77
C SER B 805 6.51 5.53 -18.71
N THR B 806 7.83 5.67 -18.86
CA THR B 806 8.68 6.34 -17.88
C THR B 806 8.46 7.86 -17.89
N LEU B 807 7.94 8.38 -18.99
CA LEU B 807 7.64 9.81 -19.10
C LEU B 807 6.63 10.19 -18.04
N VAL B 808 5.70 9.28 -17.75
CA VAL B 808 4.77 9.51 -16.68
C VAL B 808 5.38 9.04 -15.35
N SER B 809 6.11 7.93 -15.35
CA SER B 809 6.56 7.38 -14.07
C SER B 809 7.52 8.35 -13.38
N VAL B 810 8.38 8.96 -14.15
CA VAL B 810 9.41 9.86 -13.60
C VAL B 810 8.75 11.14 -13.03
N ALA B 811 7.81 11.71 -13.76
CA ALA B 811 7.09 12.89 -13.32
C ALA B 811 6.39 12.62 -11.98
N VAL B 812 5.69 11.48 -11.90
CA VAL B 812 4.91 11.10 -10.72
C VAL B 812 5.85 10.79 -9.53
N ALA B 813 6.96 10.13 -9.79
CA ALA B 813 8.00 9.94 -8.79
C ALA B 813 8.47 11.29 -8.24
N LEU B 814 8.75 12.24 -9.12
CA LEU B 814 9.31 13.48 -8.62
C LEU B 814 8.27 14.15 -7.74
N ALA B 815 7.01 14.16 -8.18
CA ALA B 815 5.93 14.71 -7.36
C ALA B 815 5.87 14.06 -5.99
N ALA B 816 6.09 12.74 -5.92
CA ALA B 816 6.08 12.05 -4.62
C ALA B 816 7.27 12.52 -3.78
N TYR B 817 8.42 12.59 -4.41
CA TYR B 817 9.61 13.12 -3.76
C TYR B 817 9.38 14.52 -3.20
N LYS B 818 8.96 15.47 -4.03
CA LYS B 818 8.74 16.83 -3.54
C LYS B 818 7.71 16.93 -2.41
N THR B 819 6.58 16.24 -2.54
CA THR B 819 5.49 16.48 -1.60
C THR B 819 5.62 15.64 -0.34
N GLY B 820 6.33 14.52 -0.42
CA GLY B 820 6.30 13.49 0.63
C GLY B 820 4.96 12.72 0.69
N HIS B 821 4.07 12.96 -0.28
CA HIS B 821 2.79 12.23 -0.40
C HIS B 821 2.78 11.21 -1.55
N PRO B 822 2.01 10.13 -1.39
CA PRO B 822 1.67 9.30 -2.57
C PRO B 822 1.09 10.14 -3.71
N VAL B 823 1.47 9.86 -4.95
CA VAL B 823 0.89 10.59 -6.06
C VAL B 823 0.56 9.65 -7.17
N ARG B 824 -0.49 9.95 -7.90
CA ARG B 824 -0.81 9.17 -9.08
C ARG B 824 -1.20 10.02 -10.28
N CYS B 825 -1.04 9.43 -11.45
CA CYS B 825 -1.47 10.03 -12.71
C CYS B 825 -1.88 8.94 -13.66
N MET B 826 -3.08 9.02 -14.22
CA MET B 826 -3.44 8.20 -15.37
C MET B 826 -3.77 9.15 -16.52
N LEU B 827 -3.29 8.85 -17.71
CA LEU B 827 -3.48 9.77 -18.81
C LEU B 827 -4.89 9.67 -19.37
N ASP B 828 -5.45 10.81 -19.76
CA ASP B 828 -6.57 10.79 -20.71
C ASP B 828 -6.05 10.36 -22.06
N ARG B 829 -6.99 9.92 -22.89
CA ARG B 829 -6.68 9.40 -24.21
C ARG B 829 -5.96 10.44 -25.05
N ASN B 830 -6.52 11.65 -25.07
CA ASN B 830 -5.95 12.67 -25.91
C ASN B 830 -4.49 12.99 -25.53
N GLU B 831 -4.18 12.99 -24.24
CA GLU B 831 -2.81 13.18 -23.78
C GLU B 831 -1.93 12.02 -24.22
N ASP B 832 -2.47 10.80 -24.14
CA ASP B 832 -1.74 9.59 -24.41
C ASP B 832 -1.34 9.52 -25.88
N MET B 833 -2.29 9.85 -26.76
CA MET B 833 -1.98 9.84 -28.19
C MET B 833 -1.01 10.92 -28.58
N LEU B 834 -1.10 12.07 -27.92
CA LEU B 834 -0.17 13.16 -28.21
C LEU B 834 1.27 12.86 -27.75
N ILE B 835 1.41 12.39 -26.51
CA ILE B 835 2.71 12.43 -25.84
C ILE B 835 3.57 11.17 -26.06
N THR B 836 2.92 10.01 -26.07
CA THR B 836 3.64 8.79 -25.83
C THR B 836 4.28 8.14 -27.05
N GLY B 837 4.12 8.75 -28.22
CA GLY B 837 4.70 8.22 -29.44
C GLY B 837 3.98 6.99 -29.93
N GLY B 838 4.26 6.61 -31.18
CA GLY B 838 3.59 5.48 -31.81
C GLY B 838 4.52 4.68 -32.70
N ARG B 839 3.92 4.03 -33.68
CA ARG B 839 4.72 3.28 -34.66
C ARG B 839 5.40 4.27 -35.60
N HIS B 840 6.57 3.89 -36.11
CA HIS B 840 7.34 4.72 -37.05
C HIS B 840 6.73 4.74 -38.42
N PRO B 841 6.37 5.96 -38.92
CA PRO B 841 6.14 6.10 -40.35
C PRO B 841 7.45 5.80 -41.09
N PHE B 842 7.33 5.13 -42.24
CA PHE B 842 8.47 4.82 -43.10
C PHE B 842 8.26 5.39 -44.51
N LEU B 843 9.35 5.88 -45.10
CA LEU B 843 9.40 6.22 -46.50
C LEU B 843 10.47 5.35 -47.16
N ALA B 844 10.14 4.74 -48.29
CA ALA B 844 11.07 3.88 -48.99
C ALA B 844 11.21 4.27 -50.48
N ARG B 845 12.45 4.23 -50.94
CA ARG B 845 12.81 4.49 -52.34
C ARG B 845 13.48 3.22 -52.80
N TYR B 846 12.96 2.63 -53.87
CA TYR B 846 13.29 1.23 -54.19
C TYR B 846 13.49 1.02 -55.68
N LYS B 847 14.19 -0.06 -56.02
CA LYS B 847 14.49 -0.41 -57.40
C LYS B 847 14.64 -1.94 -57.45
N VAL B 848 13.75 -2.62 -58.16
CA VAL B 848 13.80 -4.07 -58.26
C VAL B 848 14.15 -4.42 -59.67
N GLY B 849 15.13 -5.30 -59.83
CA GLY B 849 15.50 -5.86 -61.12
C GLY B 849 15.05 -7.30 -61.13
N PHE B 850 14.40 -7.68 -62.22
CA PHE B 850 13.79 -9.00 -62.36
C PHE B 850 13.71 -9.51 -63.81
N MET B 851 13.54 -10.83 -63.96
CA MET B 851 13.41 -11.43 -65.30
C MET B 851 11.97 -11.37 -65.81
N LYS B 852 11.79 -11.64 -67.10
CA LYS B 852 10.45 -11.72 -67.75
C LYS B 852 9.61 -12.81 -67.11
N THR B 853 10.32 -13.79 -66.58
CA THR B 853 9.79 -14.87 -65.76
C THR B 853 9.14 -14.38 -64.45
N GLY B 854 9.57 -13.22 -63.97
CA GLY B 854 9.18 -12.77 -62.63
C GLY B 854 10.20 -13.11 -61.54
N THR B 855 11.30 -13.76 -61.92
CA THR B 855 12.38 -14.09 -60.96
C THR B 855 13.15 -12.81 -60.58
N ILE B 856 13.33 -12.58 -59.28
CA ILE B 856 14.04 -11.37 -58.82
C ILE B 856 15.54 -11.60 -58.87
N VAL B 857 16.25 -10.55 -59.26
CA VAL B 857 17.67 -10.63 -59.60
C VAL B 857 18.48 -9.58 -58.85
N ALA B 858 17.88 -8.39 -58.67
CA ALA B 858 18.48 -7.27 -57.94
C ALA B 858 17.43 -6.42 -57.21
N LEU B 859 17.80 -5.96 -56.01
CA LEU B 859 16.94 -5.11 -55.19
C LEU B 859 17.76 -4.12 -54.40
N GLU B 860 17.38 -2.85 -54.54
CA GLU B 860 17.95 -1.76 -53.78
C GLU B 860 16.79 -0.99 -53.10
N VAL B 861 16.79 -0.97 -51.78
CA VAL B 861 15.79 -0.22 -51.02
C VAL B 861 16.48 0.70 -50.01
N ASP B 862 16.10 1.97 -50.05
CA ASP B 862 16.47 2.95 -49.03
C ASP B 862 15.25 3.27 -48.17
N HIS B 863 15.35 2.97 -46.87
CA HIS B 863 14.30 3.29 -45.90
C HIS B 863 14.65 4.54 -45.13
N TYR B 864 13.58 5.26 -44.75
CA TYR B 864 13.67 6.40 -43.84
C TYR B 864 12.55 6.32 -42.83
N SER B 865 12.85 6.37 -41.54
CA SER B 865 11.80 6.35 -40.52
C SER B 865 11.69 7.72 -39.89
N ASN B 866 10.46 8.11 -39.55
CA ASN B 866 10.25 9.32 -38.76
C ASN B 866 10.36 8.99 -37.27
N ALA B 867 11.54 9.27 -36.72
CA ALA B 867 11.88 8.91 -35.36
C ALA B 867 11.41 9.90 -34.30
N GLY B 868 11.23 11.18 -34.66
CA GLY B 868 10.75 12.14 -33.66
C GLY B 868 11.87 12.70 -32.83
N ASN B 869 11.55 13.24 -31.65
CA ASN B 869 12.50 14.11 -30.95
C ASN B 869 13.50 13.41 -30.00
N SER B 870 13.56 12.10 -30.03
CA SER B 870 14.64 11.36 -29.40
C SER B 870 14.87 10.03 -30.10
N ARG B 871 16.00 9.41 -29.82
CA ARG B 871 16.33 8.09 -30.40
C ARG B 871 15.38 6.99 -29.92
N ASP B 872 15.28 6.83 -28.59
CA ASP B 872 14.50 5.74 -28.00
C ASP B 872 14.89 4.45 -28.72
N LEU B 873 13.91 3.72 -29.24
CA LEU B 873 14.25 2.40 -29.81
C LEU B 873 14.39 2.46 -31.31
N SER B 874 14.59 3.65 -31.86
CA SER B 874 14.54 3.83 -33.30
C SER B 874 15.59 3.03 -34.09
N HIS B 875 16.83 2.97 -33.58
CA HIS B 875 17.90 2.27 -34.29
C HIS B 875 17.60 0.76 -34.46
N SER B 876 17.26 0.10 -33.35
CA SER B 876 16.84 -1.31 -33.37
C SER B 876 15.60 -1.56 -34.23
N ILE B 877 14.70 -0.58 -34.31
CA ILE B 877 13.51 -0.77 -35.14
C ILE B 877 13.98 -0.82 -36.61
N MET B 878 14.95 0.03 -36.94
CA MET B 878 15.53 0.10 -38.29
C MET B 878 16.30 -1.18 -38.64
N GLU B 879 17.01 -1.70 -37.65
CA GLU B 879 17.71 -2.96 -37.79
C GLU B 879 16.73 -4.07 -38.10
N ARG B 880 15.66 -4.16 -37.31
CA ARG B 880 14.63 -5.15 -37.58
C ARG B 880 14.03 -4.96 -38.97
N ALA B 881 13.72 -3.72 -39.33
CA ALA B 881 13.20 -3.45 -40.66
C ALA B 881 14.17 -4.07 -41.70
N LEU B 882 15.43 -3.65 -41.68
CA LEU B 882 16.42 -4.23 -42.60
C LEU B 882 16.48 -5.76 -42.59
N PHE B 883 16.32 -6.38 -41.43
CA PHE B 883 16.36 -7.86 -41.35
C PHE B 883 15.14 -8.51 -42.03
N HIS B 884 14.11 -7.73 -42.34
CA HIS B 884 12.87 -8.28 -42.91
C HIS B 884 12.46 -7.72 -44.27
N MET B 885 13.40 -7.07 -44.96
CA MET B 885 13.14 -6.52 -46.31
C MET B 885 13.06 -7.61 -47.40
N ASP B 886 13.48 -8.82 -47.08
CA ASP B 886 13.36 -9.94 -48.01
C ASP B 886 11.98 -10.65 -47.93
N ASN B 887 11.22 -10.37 -46.88
CA ASN B 887 10.11 -11.25 -46.45
C ASN B 887 10.54 -12.71 -46.62
N CYS B 888 9.84 -13.46 -47.46
CA CYS B 888 10.10 -14.88 -47.72
C CYS B 888 10.77 -15.16 -49.09
N TYR B 889 11.44 -14.15 -49.65
CA TYR B 889 11.98 -14.24 -51.00
C TYR B 889 13.51 -14.31 -51.13
N LYS B 890 13.97 -15.21 -51.99
CA LYS B 890 15.39 -15.39 -52.30
C LYS B 890 15.84 -14.35 -53.31
N ILE B 891 16.72 -13.45 -52.89
CA ILE B 891 17.16 -12.34 -53.73
C ILE B 891 18.69 -12.23 -53.78
N PRO B 892 19.35 -12.76 -54.85
CA PRO B 892 20.84 -12.90 -54.89
C PRO B 892 21.66 -11.61 -54.73
N ASN B 893 21.12 -10.49 -55.19
CA ASN B 893 21.84 -9.23 -55.16
C ASN B 893 20.95 -8.17 -54.52
N ILE B 894 21.39 -7.63 -53.39
CA ILE B 894 20.49 -6.89 -52.49
C ILE B 894 21.25 -5.89 -51.63
N ARG B 895 20.71 -4.67 -51.59
CA ARG B 895 21.27 -3.60 -50.77
C ARG B 895 20.12 -2.84 -50.13
N GLY B 896 20.13 -2.80 -48.80
CA GLY B 896 19.11 -2.15 -48.02
C GLY B 896 19.77 -1.14 -47.09
N THR B 897 19.29 0.11 -47.16
CA THR B 897 19.80 1.14 -46.27
C THR B 897 18.71 1.68 -45.34
N GLY B 898 19.16 2.18 -44.20
CA GLY B 898 18.24 2.74 -43.21
C GLY B 898 18.79 4.00 -42.61
N ARG B 899 17.91 4.98 -42.47
CA ARG B 899 18.23 6.27 -41.91
C ARG B 899 17.12 6.69 -40.94
N LEU B 900 17.50 7.21 -39.77
CA LEU B 900 16.51 7.65 -38.78
C LEU B 900 16.34 9.16 -38.83
N CYS B 901 15.15 9.62 -39.19
CA CYS B 901 14.88 11.05 -39.22
C CYS B 901 14.60 11.71 -37.87
N LYS B 902 15.40 12.72 -37.55
CA LYS B 902 15.31 13.51 -36.34
C LYS B 902 14.32 14.66 -36.53
N THR B 903 13.19 14.62 -35.84
CA THR B 903 12.13 15.57 -36.13
C THR B 903 11.46 16.10 -34.88
N ASN B 904 10.80 17.24 -35.06
CA ASN B 904 10.05 17.89 -33.98
C ASN B 904 8.65 17.33 -33.81
N LEU B 905 8.60 16.04 -33.47
CA LEU B 905 7.37 15.30 -33.22
C LEU B 905 7.64 14.40 -32.01
N SER B 906 6.59 14.01 -31.27
CA SER B 906 6.78 13.04 -30.20
C SER B 906 7.67 11.90 -30.67
N SER B 907 8.53 11.43 -29.78
CA SER B 907 9.41 10.33 -30.09
C SER B 907 8.65 9.03 -30.32
N ASN B 908 8.89 8.43 -31.49
CA ASN B 908 8.27 7.18 -31.87
C ASN B 908 9.03 5.99 -31.30
N THR B 909 8.34 4.87 -31.15
CA THR B 909 8.78 3.83 -30.26
C THR B 909 8.41 2.44 -30.77
N ALA B 910 8.47 1.44 -29.89
CA ALA B 910 8.11 0.09 -30.24
C ALA B 910 6.59 -0.01 -30.47
N PHE B 911 6.20 -0.72 -31.51
CA PHE B 911 4.81 -1.10 -31.72
C PHE B 911 4.82 -2.49 -32.34
N ARG B 912 4.13 -3.43 -31.71
CA ARG B 912 3.95 -4.80 -32.18
C ARG B 912 4.40 -5.04 -33.63
N GLY B 913 5.60 -5.58 -33.80
CA GLY B 913 6.15 -5.79 -35.12
C GLY B 913 7.52 -5.15 -35.20
N PHE B 914 7.65 -3.94 -34.61
CA PHE B 914 8.97 -3.33 -34.30
C PHE B 914 9.79 -3.17 -35.57
N GLY B 915 9.24 -2.43 -36.54
CA GLY B 915 9.93 -2.18 -37.83
C GLY B 915 9.70 -3.23 -38.91
N GLY B 916 9.27 -4.41 -38.49
CA GLY B 916 9.11 -5.54 -39.38
C GLY B 916 7.99 -5.38 -40.38
N PRO B 917 6.77 -5.03 -39.88
CA PRO B 917 5.64 -4.85 -40.80
C PRO B 917 5.89 -3.75 -41.86
N GLN B 918 6.66 -2.71 -41.52
CA GLN B 918 6.98 -1.65 -42.48
C GLN B 918 7.85 -2.17 -43.62
N ALA B 919 8.98 -2.80 -43.29
CA ALA B 919 9.86 -3.38 -44.30
C ALA B 919 9.13 -4.48 -45.12
N LEU B 920 8.45 -5.40 -44.44
CA LEU B 920 7.61 -6.42 -45.08
C LEU B 920 6.59 -5.86 -46.08
N PHE B 921 5.87 -4.81 -45.67
CA PHE B 921 4.96 -4.11 -46.56
C PHE B 921 5.67 -3.52 -47.80
N ILE B 922 6.84 -2.92 -47.60
CA ILE B 922 7.63 -2.41 -48.73
C ILE B 922 7.98 -3.56 -49.66
N ALA B 923 8.51 -4.65 -49.10
CA ALA B 923 8.80 -5.84 -49.89
C ALA B 923 7.58 -6.24 -50.72
N GLU B 924 6.42 -6.43 -50.08
CA GLU B 924 5.25 -6.94 -50.79
C GLU B 924 4.66 -5.95 -51.80
N ASN B 925 4.91 -4.68 -51.59
CA ASN B 925 4.56 -3.71 -52.61
C ASN B 925 5.37 -3.94 -53.91
N TRP B 926 6.69 -4.04 -53.82
CA TRP B 926 7.41 -4.24 -55.08
C TRP B 926 7.12 -5.62 -55.67
N MET B 927 6.90 -6.62 -54.83
CA MET B 927 6.52 -7.92 -55.35
C MET B 927 5.24 -7.81 -56.19
N SER B 928 4.26 -7.07 -55.68
CA SER B 928 2.97 -7.01 -56.36
C SER B 928 3.18 -6.29 -57.70
N GLU B 929 4.13 -5.35 -57.72
CA GLU B 929 4.47 -4.63 -58.94
C GLU B 929 5.25 -5.48 -59.96
N VAL B 930 6.02 -6.45 -59.49
CA VAL B 930 6.67 -7.41 -60.37
C VAL B 930 5.66 -8.28 -61.10
N ALA B 931 4.60 -8.68 -60.42
CA ALA B 931 3.59 -9.53 -61.01
C ALA B 931 2.84 -8.80 -62.13
N VAL B 932 2.34 -7.60 -61.84
CA VAL B 932 1.62 -6.80 -62.82
C VAL B 932 2.49 -6.54 -64.05
N THR B 933 3.72 -6.07 -63.85
CA THR B 933 4.63 -5.83 -64.96
C THR B 933 4.85 -7.09 -65.82
N CYS B 934 4.98 -8.26 -65.22
CA CYS B 934 5.18 -9.50 -66.01
C CYS B 934 3.85 -10.06 -66.54
N GLY B 935 2.74 -9.48 -66.12
CA GLY B 935 1.42 -10.01 -66.48
C GLY B 935 1.25 -11.46 -66.06
N LEU B 936 1.74 -11.80 -64.86
CA LEU B 936 1.62 -13.17 -64.34
C LEU B 936 0.73 -13.21 -63.10
N PRO B 937 0.13 -14.38 -62.82
CA PRO B 937 -0.62 -14.46 -61.58
C PRO B 937 0.31 -14.18 -60.38
N ALA B 938 -0.14 -13.34 -59.46
CA ALA B 938 0.67 -12.99 -58.29
C ALA B 938 1.16 -14.21 -57.48
N GLU B 939 0.27 -15.19 -57.24
CA GLU B 939 0.65 -16.40 -56.48
C GLU B 939 1.84 -17.13 -57.08
N GLU B 940 2.00 -17.03 -58.40
CA GLU B 940 3.09 -17.74 -59.08
C GLU B 940 4.41 -17.03 -58.84
N VAL B 941 4.40 -15.71 -59.00
CA VAL B 941 5.62 -14.91 -58.86
C VAL B 941 6.18 -15.02 -57.46
N ARG B 942 5.28 -14.96 -56.48
CA ARG B 942 5.62 -15.11 -55.09
C ARG B 942 6.14 -16.52 -54.86
N TRP B 943 5.37 -17.55 -55.25
CA TRP B 943 5.84 -18.94 -55.09
C TRP B 943 7.24 -19.18 -55.66
N LYS B 944 7.49 -18.71 -56.89
CA LYS B 944 8.74 -19.05 -57.58
C LYS B 944 9.95 -18.32 -57.00
N ASN B 945 9.73 -17.17 -56.35
CA ASN B 945 10.80 -16.44 -55.69
C ASN B 945 11.06 -16.84 -54.24
N MET B 946 10.21 -17.71 -53.71
CA MET B 946 10.26 -18.13 -52.31
C MET B 946 11.53 -18.90 -51.98
N TYR B 947 12.05 -18.67 -50.76
CA TYR B 947 13.21 -19.40 -50.26
C TYR B 947 12.91 -20.89 -50.28
N LYS B 948 13.94 -21.71 -50.34
CA LYS B 948 13.83 -23.16 -50.17
C LYS B 948 14.48 -23.50 -48.82
N GLU B 949 14.00 -24.57 -48.17
CA GLU B 949 14.70 -25.21 -47.04
C GLU B 949 16.23 -25.21 -47.22
N GLY B 950 16.95 -24.67 -46.23
CA GLY B 950 18.40 -24.68 -46.28
C GLY B 950 19.00 -23.43 -46.89
N ASP B 951 18.17 -22.57 -47.50
CA ASP B 951 18.66 -21.31 -48.06
C ASP B 951 19.20 -20.34 -47.01
N LEU B 952 20.07 -19.44 -47.44
CA LEU B 952 20.60 -18.37 -46.60
C LEU B 952 19.88 -17.07 -46.95
N THR B 953 19.59 -16.27 -45.92
CA THR B 953 18.95 -14.95 -46.06
C THR B 953 19.96 -13.91 -46.53
N HIS B 954 19.46 -12.70 -46.78
CA HIS B 954 20.35 -11.58 -47.13
C HIS B 954 21.39 -11.23 -46.05
N PHE B 955 21.15 -11.68 -44.83
CA PHE B 955 22.10 -11.47 -43.75
C PHE B 955 22.76 -12.81 -43.38
N ASN B 956 22.77 -13.73 -44.36
CA ASN B 956 23.56 -14.95 -44.29
C ASN B 956 23.18 -15.99 -43.23
N GLN B 957 21.97 -15.89 -42.68
CA GLN B 957 21.50 -16.88 -41.71
C GLN B 957 20.71 -17.99 -42.41
N ARG B 958 21.01 -19.23 -42.06
CA ARG B 958 20.42 -20.40 -42.73
C ARG B 958 19.00 -20.63 -42.24
N LEU B 959 18.09 -20.87 -43.19
CA LEU B 959 16.69 -21.11 -42.83
C LEU B 959 16.40 -22.59 -42.68
N GLU B 960 16.29 -23.02 -41.43
CA GLU B 960 15.96 -24.41 -41.12
C GLU B 960 14.55 -24.56 -40.58
N GLY B 961 13.88 -25.63 -40.98
CA GLY B 961 12.47 -25.84 -40.64
C GLY B 961 11.63 -24.77 -41.30
N PHE B 962 11.90 -24.50 -42.58
CA PHE B 962 11.23 -23.43 -43.32
C PHE B 962 9.85 -23.89 -43.81
N SER B 963 8.78 -23.47 -43.13
CA SER B 963 7.47 -24.11 -43.34
C SER B 963 6.48 -23.31 -44.18
N VAL B 964 6.95 -22.19 -44.72
CA VAL B 964 6.12 -21.31 -45.56
C VAL B 964 5.44 -22.08 -46.67
N PRO B 965 6.15 -23.02 -47.35
CA PRO B 965 5.55 -23.91 -48.37
C PRO B 965 4.33 -24.70 -47.89
N ARG B 966 4.42 -25.36 -46.74
CA ARG B 966 3.25 -26.06 -46.13
C ARG B 966 2.12 -25.09 -45.76
N CYS B 967 2.47 -23.96 -45.13
CA CYS B 967 1.45 -22.98 -44.77
C CYS B 967 0.77 -22.51 -46.06
N TRP B 968 1.58 -22.20 -47.07
CA TRP B 968 1.11 -21.72 -48.36
C TRP B 968 0.19 -22.73 -49.05
N ASP B 969 0.64 -23.98 -49.18
CA ASP B 969 -0.17 -24.99 -49.84
C ASP B 969 -1.40 -25.34 -49.04
N GLU B 970 -1.27 -25.36 -47.71
CA GLU B 970 -2.43 -25.67 -46.88
C GLU B 970 -3.41 -24.51 -46.93
N CYS B 971 -2.91 -23.28 -46.97
CA CYS B 971 -3.79 -22.10 -47.02
C CYS B 971 -4.52 -22.00 -48.35
N LEU B 972 -3.82 -22.39 -49.43
CA LEU B 972 -4.42 -22.45 -50.76
C LEU B 972 -5.64 -23.36 -50.79
N LYS B 973 -5.44 -24.59 -50.32
CA LYS B 973 -6.48 -25.63 -50.29
C LYS B 973 -7.66 -25.22 -49.41
N SER B 974 -7.38 -24.88 -48.15
CA SER B 974 -8.43 -24.68 -47.15
C SER B 974 -9.23 -23.42 -47.45
N SER B 975 -8.59 -22.45 -48.10
CA SER B 975 -9.25 -21.20 -48.48
C SER B 975 -9.97 -21.31 -49.83
N GLN B 976 -9.74 -22.42 -50.53
CA GLN B 976 -10.30 -22.63 -51.88
C GLN B 976 -9.94 -21.47 -52.79
N TYR B 977 -8.66 -21.12 -52.80
CA TYR B 977 -8.16 -19.93 -53.46
C TYR B 977 -8.48 -19.84 -54.95
N TYR B 978 -8.23 -20.93 -55.67
CA TYR B 978 -8.36 -20.92 -57.10
C TYR B 978 -9.85 -20.85 -57.51
N ALA B 979 -10.72 -21.60 -56.83
CA ALA B 979 -12.15 -21.55 -57.11
C ALA B 979 -12.68 -20.14 -56.94
N ARG B 980 -12.21 -19.44 -55.91
CA ARG B 980 -12.73 -18.13 -55.51
C ARG B 980 -12.16 -17.02 -56.38
N LYS B 981 -10.93 -17.22 -56.88
CA LYS B 981 -10.32 -16.33 -57.86
C LYS B 981 -11.21 -16.21 -59.11
N SER B 982 -11.81 -17.32 -59.55
CA SER B 982 -12.74 -17.32 -60.68
C SER B 982 -14.00 -16.52 -60.36
N GLU B 983 -14.55 -16.76 -59.18
CA GLU B 983 -15.75 -16.06 -58.74
C GLU B 983 -15.45 -14.57 -58.62
N VAL B 984 -14.21 -14.26 -58.25
CA VAL B 984 -13.82 -12.85 -58.12
C VAL B 984 -13.85 -12.19 -59.50
N ASP B 985 -13.12 -12.77 -60.47
CA ASP B 985 -13.14 -12.33 -61.88
C ASP B 985 -14.56 -12.21 -62.45
N LYS B 986 -15.38 -13.24 -62.22
CA LYS B 986 -16.77 -13.23 -62.67
C LYS B 986 -17.58 -12.09 -62.05
N PHE B 987 -17.37 -11.84 -60.75
CA PHE B 987 -18.08 -10.75 -60.07
C PHE B 987 -17.68 -9.40 -60.68
N ASN B 988 -16.41 -9.27 -61.06
CA ASN B 988 -15.90 -8.05 -61.66
C ASN B 988 -16.39 -7.81 -63.08
N LYS B 989 -16.57 -8.90 -63.85
CA LYS B 989 -17.11 -8.83 -65.21
C LYS B 989 -18.57 -8.36 -65.21
N GLU B 990 -19.32 -8.71 -64.16
CA GLU B 990 -20.75 -8.47 -64.06
C GLU B 990 -21.15 -7.26 -63.17
N ASN B 991 -20.17 -6.57 -62.59
CA ASN B 991 -20.46 -5.45 -61.69
C ASN B 991 -19.66 -4.22 -62.03
N CYS B 992 -20.33 -3.08 -62.08
CA CYS B 992 -19.70 -1.91 -62.62
C CYS B 992 -19.11 -1.01 -61.55
N TRP B 993 -19.85 -0.82 -60.46
CA TRP B 993 -19.48 0.18 -59.46
C TRP B 993 -19.10 -0.42 -58.10
N LYS B 994 -18.99 -1.76 -58.09
CA LYS B 994 -18.44 -2.54 -56.97
C LYS B 994 -17.43 -3.51 -57.59
N LYS B 995 -16.34 -3.78 -56.88
CA LYS B 995 -15.28 -4.72 -57.33
C LYS B 995 -14.75 -5.51 -56.14
N ARG B 996 -14.40 -6.76 -56.40
CA ARG B 996 -13.75 -7.61 -55.43
C ARG B 996 -12.26 -7.77 -55.74
N GLY B 997 -11.51 -8.20 -54.74
CA GLY B 997 -10.09 -8.50 -54.88
C GLY B 997 -9.75 -9.68 -54.00
N LEU B 998 -8.66 -10.35 -54.34
CA LEU B 998 -8.21 -11.50 -53.56
C LEU B 998 -6.70 -11.45 -53.55
N CYS B 999 -6.09 -11.72 -52.41
CA CYS B 999 -4.65 -11.79 -52.35
C CYS B 999 -4.18 -12.75 -51.27
N ILE B 1000 -3.13 -13.50 -51.60
CA ILE B 1000 -2.54 -14.41 -50.64
C ILE B 1000 -1.10 -14.02 -50.40
N ILE B 1001 -0.72 -13.96 -49.13
CA ILE B 1001 0.53 -13.35 -48.74
C ILE B 1001 1.21 -14.17 -47.66
N PRO B 1002 2.54 -14.36 -47.77
CA PRO B 1002 3.32 -15.11 -46.78
C PRO B 1002 4.01 -14.18 -45.79
N THR B 1003 4.52 -14.74 -44.70
CA THR B 1003 5.37 -14.00 -43.78
C THR B 1003 6.40 -14.86 -43.05
N LYS B 1004 7.56 -14.26 -42.78
CA LYS B 1004 8.51 -14.88 -41.88
C LYS B 1004 8.92 -13.80 -40.90
N PHE B 1005 9.06 -14.16 -39.63
CA PHE B 1005 9.40 -13.15 -38.62
C PHE B 1005 10.50 -13.70 -37.70
N GLY B 1006 11.58 -12.94 -37.60
CA GLY B 1006 12.79 -13.35 -36.85
C GLY B 1006 12.65 -13.21 -35.35
N ILE B 1007 13.03 -14.27 -34.64
CA ILE B 1007 12.75 -14.36 -33.21
C ILE B 1007 13.98 -14.25 -32.28
N SER B 1008 13.99 -13.16 -31.51
CA SER B 1008 15.01 -12.81 -30.52
C SER B 1008 15.19 -11.34 -30.57
N PHE B 1009 15.47 -10.70 -29.43
CA PHE B 1009 15.92 -9.31 -29.42
C PHE B 1009 17.12 -9.19 -30.34
N THR B 1010 17.15 -8.17 -31.19
CA THR B 1010 18.32 -7.93 -32.02
C THR B 1010 19.49 -7.34 -31.27
N VAL B 1011 19.27 -6.97 -30.00
CA VAL B 1011 20.38 -6.66 -29.06
C VAL B 1011 20.63 -7.96 -28.26
N PRO B 1012 21.82 -8.55 -28.44
CA PRO B 1012 22.05 -9.90 -27.89
C PRO B 1012 21.85 -9.98 -26.38
N PHE B 1013 22.31 -8.96 -25.63
CA PHE B 1013 22.23 -9.01 -24.18
C PHE B 1013 20.82 -9.05 -23.52
N LEU B 1014 19.76 -8.70 -24.27
CA LEU B 1014 18.39 -8.68 -23.74
C LEU B 1014 17.73 -10.06 -23.71
N ASN B 1015 18.35 -11.02 -24.41
CA ASN B 1015 17.82 -12.39 -24.44
C ASN B 1015 18.26 -13.16 -23.21
N GLN B 1016 17.93 -12.61 -22.03
CA GLN B 1016 18.10 -13.27 -20.74
C GLN B 1016 16.79 -13.20 -19.93
N ALA B 1017 16.60 -14.17 -19.05
CA ALA B 1017 15.39 -14.31 -18.30
C ALA B 1017 15.69 -14.95 -16.95
N GLY B 1018 15.15 -14.35 -15.89
CA GLY B 1018 15.16 -14.92 -14.55
C GLY B 1018 13.78 -15.29 -14.01
N ALA B 1019 13.78 -16.18 -13.03
CA ALA B 1019 12.55 -16.61 -12.36
C ALA B 1019 12.92 -16.95 -10.92
N LEU B 1020 11.91 -16.95 -10.04
CA LEU B 1020 12.11 -17.19 -8.63
C LEU B 1020 10.89 -17.94 -8.17
N ILE B 1021 11.14 -19.11 -7.58
CA ILE B 1021 10.09 -20.01 -7.19
C ILE B 1021 10.24 -20.28 -5.71
N HIS B 1022 9.10 -20.20 -5.01
CA HIS B 1022 8.99 -20.63 -3.63
C HIS B 1022 7.93 -21.71 -3.57
N VAL B 1023 8.24 -22.78 -2.86
CA VAL B 1023 7.25 -23.80 -2.47
C VAL B 1023 7.01 -23.60 -0.97
N TYR B 1024 5.80 -23.23 -0.56
CA TYR B 1024 5.49 -23.09 0.88
C TYR B 1024 5.19 -24.44 1.57
N THR B 1025 5.10 -24.43 2.90
CA THR B 1025 5.00 -25.67 3.65
C THR B 1025 3.69 -26.44 3.50
N ASP B 1026 2.63 -25.79 2.96
CA ASP B 1026 1.39 -26.48 2.55
C ASP B 1026 1.51 -27.09 1.14
N GLY B 1027 2.66 -26.92 0.51
CA GLY B 1027 2.90 -27.48 -0.82
C GLY B 1027 2.45 -26.56 -1.95
N SER B 1028 1.83 -25.44 -1.62
CA SER B 1028 1.48 -24.46 -2.64
C SER B 1028 2.72 -23.67 -3.09
N VAL B 1029 2.75 -23.33 -4.38
CA VAL B 1029 3.93 -22.80 -5.05
C VAL B 1029 3.62 -21.39 -5.59
N LEU B 1030 4.55 -20.46 -5.37
CA LEU B 1030 4.48 -19.10 -5.91
C LEU B 1030 5.63 -18.94 -6.89
N VAL B 1031 5.27 -18.63 -8.13
CA VAL B 1031 6.20 -18.41 -9.20
C VAL B 1031 6.22 -16.93 -9.53
N SER B 1032 7.45 -16.43 -9.69
CA SER B 1032 7.74 -15.07 -10.10
C SER B 1032 8.79 -15.16 -11.22
N HIS B 1033 8.65 -14.30 -12.21
CA HIS B 1033 9.59 -14.21 -13.32
C HIS B 1033 9.66 -12.75 -13.79
N GLY B 1034 10.60 -12.49 -14.70
CA GLY B 1034 10.85 -11.13 -15.20
C GLY B 1034 9.81 -10.58 -16.15
N GLY B 1035 8.93 -11.44 -16.65
CA GLY B 1035 7.89 -11.03 -17.61
C GLY B 1035 6.65 -10.45 -16.95
N THR B 1036 5.96 -9.60 -17.70
CA THR B 1036 4.73 -8.97 -17.23
C THR B 1036 3.57 -9.39 -18.11
N GLU B 1037 2.38 -9.35 -17.54
CA GLU B 1037 1.14 -9.73 -18.21
C GLU B 1037 0.39 -8.50 -18.80
N MET B 1038 0.25 -8.48 -20.12
CA MET B 1038 -0.52 -7.44 -20.80
C MET B 1038 -1.72 -7.96 -21.61
N GLY B 1039 -2.17 -9.18 -21.34
CA GLY B 1039 -3.32 -9.75 -22.06
C GLY B 1039 -2.92 -10.96 -22.88
N GLN B 1040 -1.61 -11.18 -23.00
CA GLN B 1040 -1.10 -12.17 -23.92
C GLN B 1040 -1.08 -13.56 -23.30
N GLY B 1041 -1.41 -13.65 -22.01
CA GLY B 1041 -1.51 -14.92 -21.32
C GLY B 1041 -0.17 -15.57 -21.03
N LEU B 1042 0.82 -14.73 -20.72
CA LEU B 1042 2.15 -15.16 -20.31
C LEU B 1042 2.09 -15.87 -18.98
N HIS B 1043 1.44 -15.26 -17.97
CA HIS B 1043 1.38 -15.95 -16.68
C HIS B 1043 0.62 -17.30 -16.82
N THR B 1044 -0.45 -17.30 -17.61
CA THR B 1044 -1.22 -18.52 -17.82
C THR B 1044 -0.24 -19.52 -18.40
N LYS B 1045 0.54 -19.11 -19.38
CA LYS B 1045 1.47 -20.03 -19.98
C LYS B 1045 2.56 -20.52 -19.00
N MET B 1046 3.00 -19.65 -18.11
CA MET B 1046 4.04 -20.03 -17.17
C MET B 1046 3.46 -20.97 -16.09
N VAL B 1047 2.20 -20.78 -15.73
CA VAL B 1047 1.60 -21.73 -14.79
C VAL B 1047 1.55 -23.13 -15.43
N GLN B 1048 1.15 -23.17 -16.70
CA GLN B 1048 1.12 -24.42 -17.47
C GLN B 1048 2.51 -25.06 -17.52
N VAL B 1049 3.54 -24.25 -17.71
CA VAL B 1049 4.90 -24.78 -17.76
C VAL B 1049 5.34 -25.38 -16.41
N ALA B 1050 5.13 -24.64 -15.33
CA ALA B 1050 5.59 -25.06 -14.02
C ALA B 1050 4.81 -26.30 -13.58
N SER B 1051 3.52 -26.31 -13.86
CA SER B 1051 2.67 -27.45 -13.56
C SER B 1051 3.16 -28.71 -14.23
N LYS B 1052 3.48 -28.59 -15.51
CA LYS B 1052 4.02 -29.73 -16.21
C LYS B 1052 5.37 -30.14 -15.68
N ALA B 1053 6.29 -29.19 -15.52
CA ALA B 1053 7.63 -29.52 -15.04
C ALA B 1053 7.63 -30.10 -13.63
N LEU B 1054 6.78 -29.57 -12.75
CA LEU B 1054 6.71 -30.12 -11.39
C LEU B 1054 5.78 -31.34 -11.25
N LYS B 1055 4.96 -31.60 -12.27
CA LYS B 1055 4.04 -32.74 -12.25
C LYS B 1055 3.03 -32.62 -11.11
N ILE B 1056 2.54 -31.42 -10.89
CA ILE B 1056 1.49 -31.18 -9.93
C ILE B 1056 0.41 -30.41 -10.66
N PRO B 1057 -0.80 -30.34 -10.07
CA PRO B 1057 -1.89 -29.65 -10.80
C PRO B 1057 -1.68 -28.13 -10.84
N ILE B 1058 -2.27 -27.47 -11.83
CA ILE B 1058 -2.15 -26.01 -11.94
C ILE B 1058 -2.66 -25.34 -10.67
N SER B 1059 -3.64 -25.95 -10.01
CA SER B 1059 -4.27 -25.28 -8.87
C SER B 1059 -3.36 -25.11 -7.66
N LYS B 1060 -2.22 -25.77 -7.66
CA LYS B 1060 -1.23 -25.62 -6.60
C LYS B 1060 -0.19 -24.53 -6.88
N ILE B 1061 -0.32 -23.89 -8.04
CA ILE B 1061 0.65 -22.88 -8.51
C ILE B 1061 -0.03 -21.52 -8.73
N TYR B 1062 0.69 -20.45 -8.41
CA TYR B 1062 0.11 -19.13 -8.56
C TYR B 1062 1.19 -18.17 -8.97
N ILE B 1063 0.85 -17.23 -9.87
CA ILE B 1063 1.66 -16.07 -10.14
C ILE B 1063 0.87 -14.80 -9.82
N SER B 1064 1.37 -14.06 -8.83
CA SER B 1064 0.73 -12.87 -8.35
C SER B 1064 1.09 -11.63 -9.16
N GLU B 1065 2.38 -11.43 -9.43
CA GLU B 1065 2.84 -10.21 -10.11
C GLU B 1065 4.31 -10.21 -10.53
N THR B 1066 4.73 -9.12 -11.14
CA THR B 1066 6.13 -8.87 -11.48
C THR B 1066 6.67 -7.73 -10.64
N SER B 1067 7.88 -7.90 -10.09
CA SER B 1067 8.49 -6.87 -9.24
C SER B 1067 10.00 -6.92 -9.26
N THR B 1068 10.62 -5.75 -9.12
CA THR B 1068 12.05 -5.63 -9.22
C THR B 1068 12.80 -6.25 -8.04
N ASN B 1069 12.07 -6.61 -6.98
CA ASN B 1069 12.72 -7.16 -5.78
C ASN B 1069 12.58 -8.66 -5.69
N THR B 1070 12.02 -9.25 -6.73
CA THR B 1070 11.96 -10.71 -6.83
C THR B 1070 12.81 -11.13 -8.00
N VAL B 1071 12.64 -10.44 -9.13
CA VAL B 1071 13.54 -10.68 -10.26
C VAL B 1071 14.18 -9.39 -10.77
N PRO B 1072 15.48 -9.24 -10.50
CA PRO B 1072 16.17 -8.02 -10.86
C PRO B 1072 16.56 -7.99 -12.34
N ASN B 1073 16.82 -6.80 -12.87
CA ASN B 1073 17.54 -6.67 -14.16
C ASN B 1073 16.88 -7.38 -15.36
N SER B 1074 15.55 -7.44 -15.37
CA SER B 1074 14.84 -8.14 -16.41
C SER B 1074 14.75 -7.29 -17.65
N SER B 1075 14.69 -7.93 -18.81
CA SER B 1075 14.50 -7.25 -20.09
C SER B 1075 13.01 -6.91 -20.20
N PRO B 1076 12.64 -5.93 -21.05
CA PRO B 1076 11.21 -5.64 -21.17
C PRO B 1076 10.50 -6.83 -21.76
N THR B 1077 9.22 -6.99 -21.44
CA THR B 1077 8.40 -8.04 -22.01
C THR B 1077 8.16 -7.65 -23.46
N ALA B 1078 9.03 -8.11 -24.32
CA ALA B 1078 9.07 -7.59 -25.69
C ALA B 1078 9.59 -8.65 -26.65
N ALA B 1079 9.52 -8.34 -27.96
CA ALA B 1079 10.11 -9.19 -29.01
C ALA B 1079 9.46 -10.58 -29.16
N SER B 1080 8.27 -10.77 -28.61
CA SER B 1080 7.57 -12.05 -28.66
C SER B 1080 8.24 -13.21 -27.95
N VAL B 1081 9.37 -12.98 -27.27
CA VAL B 1081 10.19 -14.11 -26.75
C VAL B 1081 9.93 -14.49 -25.30
N SER B 1082 8.98 -13.82 -24.65
CA SER B 1082 8.77 -13.99 -23.20
C SER B 1082 8.47 -15.44 -22.83
N THR B 1083 7.60 -16.08 -23.62
CA THR B 1083 7.25 -17.47 -23.41
C THR B 1083 8.51 -18.33 -23.52
N ASP B 1084 9.29 -18.10 -24.56
CA ASP B 1084 10.51 -18.92 -24.79
C ASP B 1084 11.44 -18.82 -23.60
N ILE B 1085 11.74 -17.59 -23.22
CA ILE B 1085 12.81 -17.31 -22.23
C ILE B 1085 12.39 -17.45 -20.76
N TYR B 1086 11.26 -16.84 -20.38
CA TYR B 1086 10.73 -17.03 -19.04
C TYR B 1086 10.28 -18.46 -18.87
N GLY B 1087 9.82 -19.09 -19.94
CA GLY B 1087 9.54 -20.53 -19.93
C GLY B 1087 10.74 -21.38 -19.52
N GLN B 1088 11.91 -21.13 -20.11
CA GLN B 1088 13.14 -21.85 -19.73
C GLN B 1088 13.54 -21.54 -18.31
N ALA B 1089 13.50 -20.27 -17.91
CA ALA B 1089 13.91 -19.93 -16.54
C ALA B 1089 13.01 -20.62 -15.49
N VAL B 1090 11.70 -20.66 -15.74
CA VAL B 1090 10.75 -21.33 -14.84
C VAL B 1090 11.00 -22.85 -14.81
N TYR B 1091 11.18 -23.44 -15.99
CA TYR B 1091 11.59 -24.85 -16.11
C TYR B 1091 12.85 -25.18 -15.31
N GLU B 1092 13.88 -24.31 -15.36
CA GLU B 1092 15.12 -24.61 -14.64
C GLU B 1092 14.96 -24.53 -13.12
N ALA B 1093 14.20 -23.55 -12.63
CA ALA B 1093 13.90 -23.46 -11.21
C ALA B 1093 13.09 -24.69 -10.76
N CYS B 1094 12.19 -25.17 -11.60
CA CYS B 1094 11.44 -26.38 -11.31
C CYS B 1094 12.37 -27.61 -11.16
N GLN B 1095 13.33 -27.77 -12.07
CA GLN B 1095 14.26 -28.88 -12.01
C GLN B 1095 14.99 -28.88 -10.68
N THR B 1096 15.49 -27.71 -10.28
CA THR B 1096 16.25 -27.55 -9.03
C THR B 1096 15.43 -28.03 -7.85
N ILE B 1097 14.18 -27.61 -7.80
CA ILE B 1097 13.26 -28.07 -6.79
C ILE B 1097 13.03 -29.58 -6.85
N LEU B 1098 12.99 -30.12 -8.06
CA LEU B 1098 12.84 -31.56 -8.22
C LEU B 1098 14.07 -32.33 -7.68
N LYS B 1099 15.28 -31.83 -7.92
CA LYS B 1099 16.49 -32.52 -7.39
C LYS B 1099 16.43 -32.49 -5.89
N ARG B 1100 15.98 -31.38 -5.33
CA ARG B 1100 15.93 -31.20 -3.90
C ARG B 1100 14.93 -32.12 -3.22
N LEU B 1101 13.79 -32.33 -3.85
CA LEU B 1101 12.79 -33.21 -3.31
C LEU B 1101 13.07 -34.69 -3.58
N GLU B 1102 13.97 -35.00 -4.52
CA GLU B 1102 14.21 -36.38 -4.93
C GLU B 1102 14.46 -37.36 -3.77
N PRO B 1103 15.46 -37.08 -2.89
CA PRO B 1103 15.72 -38.08 -1.83
C PRO B 1103 14.49 -38.43 -0.99
N PHE B 1104 13.53 -37.50 -0.92
CA PHE B 1104 12.34 -37.61 -0.08
C PHE B 1104 11.29 -38.42 -0.80
N LYS B 1105 11.15 -38.18 -2.12
CA LYS B 1105 10.38 -39.03 -3.04
C LYS B 1105 10.86 -40.51 -2.96
N LYS B 1106 12.17 -40.71 -3.00
CA LYS B 1106 12.72 -42.06 -2.94
C LYS B 1106 12.45 -42.74 -1.60
N LYS B 1107 12.53 -42.00 -0.50
CA LYS B 1107 12.29 -42.58 0.82
C LYS B 1107 10.83 -42.97 1.02
N ASN B 1108 9.92 -42.27 0.35
CA ASN B 1108 8.48 -42.46 0.51
C ASN B 1108 7.73 -42.35 -0.83
N PRO B 1109 7.95 -43.29 -1.77
CA PRO B 1109 7.43 -43.13 -3.12
C PRO B 1109 5.90 -43.14 -3.26
N ASP B 1110 5.18 -43.64 -2.25
CA ASP B 1110 3.71 -43.67 -2.32
C ASP B 1110 3.08 -42.41 -1.71
N GLY B 1111 3.92 -41.49 -1.25
CA GLY B 1111 3.48 -40.25 -0.60
C GLY B 1111 2.95 -39.25 -1.60
N SER B 1112 2.32 -38.20 -1.07
CA SER B 1112 1.86 -37.07 -1.87
C SER B 1112 2.93 -35.95 -2.01
N TRP B 1113 2.70 -35.02 -2.92
CA TRP B 1113 3.49 -33.78 -3.04
C TRP B 1113 3.74 -33.11 -1.69
N GLU B 1114 2.65 -32.93 -0.94
CA GLU B 1114 2.67 -32.26 0.37
C GLU B 1114 3.52 -32.97 1.44
N ASP B 1115 3.58 -34.31 1.39
CA ASP B 1115 4.41 -35.07 2.32
C ASP B 1115 5.88 -34.78 2.03
N TRP B 1116 6.24 -34.77 0.74
CA TRP B 1116 7.61 -34.52 0.30
C TRP B 1116 8.09 -33.14 0.66
N VAL B 1117 7.22 -32.14 0.46
CA VAL B 1117 7.54 -30.76 0.76
C VAL B 1117 7.77 -30.58 2.27
N MET B 1118 6.83 -31.08 3.09
CA MET B 1118 6.96 -30.94 4.53
C MET B 1118 8.24 -31.62 5.02
N ALA B 1119 8.51 -32.81 4.47
CA ALA B 1119 9.61 -33.63 4.93
C ALA B 1119 10.93 -32.97 4.55
N ALA B 1120 10.93 -32.28 3.42
CA ALA B 1120 12.07 -31.50 2.97
C ALA B 1120 12.32 -30.33 3.92
N TYR B 1121 11.23 -29.62 4.24
CA TYR B 1121 11.29 -28.47 5.12
C TYR B 1121 11.82 -28.90 6.48
N GLN B 1122 11.31 -30.02 6.98
CA GLN B 1122 11.69 -30.55 8.31
C GLN B 1122 13.11 -31.08 8.36
N ASP B 1123 13.67 -31.38 7.19
CA ASP B 1123 15.03 -31.85 7.08
C ASP B 1123 15.96 -30.68 6.76
N ARG B 1124 15.40 -29.48 6.81
CA ARG B 1124 16.11 -28.21 6.47
C ARG B 1124 16.70 -28.16 5.06
N VAL B 1125 15.89 -28.57 4.10
CA VAL B 1125 16.19 -28.37 2.69
C VAL B 1125 15.42 -27.14 2.18
N SER B 1126 16.16 -26.24 1.52
CA SER B 1126 15.60 -25.00 0.98
C SER B 1126 14.60 -25.29 -0.11
N LEU B 1127 13.42 -24.70 0.02
CA LEU B 1127 12.36 -24.84 -0.99
C LEU B 1127 12.19 -23.57 -1.85
N SER B 1128 13.30 -22.87 -2.06
CA SER B 1128 13.33 -21.64 -2.81
C SER B 1128 14.56 -21.63 -3.65
N THR B 1129 14.37 -21.29 -4.92
CA THR B 1129 15.45 -21.19 -5.90
C THR B 1129 15.10 -20.23 -7.03
N THR B 1130 16.14 -19.65 -7.62
CA THR B 1130 16.05 -18.91 -8.85
C THR B 1130 16.20 -19.87 -10.03
N GLY B 1131 15.83 -19.41 -11.22
CA GLY B 1131 16.16 -20.08 -12.45
C GLY B 1131 16.52 -19.04 -13.49
N PHE B 1132 17.36 -19.41 -14.44
CA PHE B 1132 17.90 -18.44 -15.38
C PHE B 1132 18.11 -19.06 -16.74
N TYR B 1133 17.93 -18.29 -17.81
CA TYR B 1133 18.17 -18.77 -19.15
C TYR B 1133 18.70 -17.65 -20.02
N ARG B 1134 19.58 -18.01 -20.93
CA ARG B 1134 20.29 -17.09 -21.80
C ARG B 1134 20.28 -17.77 -23.20
N THR B 1135 19.62 -17.14 -24.17
CA THR B 1135 19.47 -17.71 -25.51
C THR B 1135 20.85 -17.91 -26.17
N PRO B 1136 21.15 -19.13 -26.66
CA PRO B 1136 22.52 -19.40 -27.13
C PRO B 1136 22.77 -19.09 -28.60
N ASN B 1137 24.05 -18.91 -28.95
CA ASN B 1137 24.48 -18.77 -30.34
C ASN B 1137 23.90 -17.56 -31.07
N LEU B 1138 23.74 -16.44 -30.38
CA LEU B 1138 23.30 -15.22 -31.01
C LEU B 1138 24.45 -14.22 -31.08
N GLY B 1139 24.51 -13.46 -32.17
CA GLY B 1139 25.43 -12.33 -32.26
C GLY B 1139 25.69 -12.01 -33.72
N TYR B 1140 24.91 -11.08 -34.26
CA TYR B 1140 25.06 -10.64 -35.64
C TYR B 1140 25.95 -9.43 -35.74
N SER B 1141 26.77 -9.40 -36.77
CA SER B 1141 27.57 -8.24 -37.08
C SER B 1141 27.17 -7.63 -38.44
N PHE B 1142 26.96 -6.32 -38.46
CA PHE B 1142 26.70 -5.59 -39.71
C PHE B 1142 28.01 -5.37 -40.50
N GLU B 1143 29.12 -5.26 -39.80
CA GLU B 1143 30.41 -5.44 -40.46
C GLU B 1143 30.45 -6.95 -40.65
N THR B 1144 31.00 -7.45 -41.74
CA THR B 1144 31.09 -8.90 -41.99
C THR B 1144 29.76 -9.51 -42.43
N ASN B 1145 28.63 -8.91 -42.02
CA ASN B 1145 27.32 -9.46 -42.36
C ASN B 1145 27.29 -10.96 -42.11
N SER B 1146 27.53 -11.36 -40.85
CA SER B 1146 27.54 -12.77 -40.43
C SER B 1146 27.19 -12.93 -38.93
N GLY B 1147 26.90 -14.18 -38.52
CA GLY B 1147 26.46 -14.49 -37.16
C GLY B 1147 24.95 -14.42 -37.07
N ASN B 1148 24.34 -15.19 -36.17
CA ASN B 1148 22.89 -15.29 -36.10
C ASN B 1148 22.21 -14.08 -35.46
N ALA B 1149 21.32 -13.45 -36.21
CA ALA B 1149 20.50 -12.40 -35.64
C ALA B 1149 19.38 -13.02 -34.83
N PHE B 1150 18.94 -14.20 -35.23
CA PHE B 1150 17.74 -14.78 -34.61
C PHE B 1150 17.94 -16.22 -34.17
N HIS B 1151 17.18 -16.65 -33.17
CA HIS B 1151 17.21 -18.02 -32.71
C HIS B 1151 16.44 -18.93 -33.69
N TYR B 1152 15.38 -18.40 -34.29
CA TYR B 1152 14.59 -19.11 -35.32
C TYR B 1152 13.57 -18.10 -35.95
N PHE B 1153 12.67 -18.61 -36.80
CA PHE B 1153 11.66 -17.79 -37.45
C PHE B 1153 10.29 -18.44 -37.29
N THR B 1154 9.29 -17.60 -37.00
CA THR B 1154 7.88 -17.97 -37.03
C THR B 1154 7.34 -17.63 -38.41
N TYR B 1155 6.47 -18.49 -38.94
CA TYR B 1155 6.00 -18.38 -40.33
C TYR B 1155 4.47 -18.44 -40.41
N GLY B 1156 3.90 -17.80 -41.43
CA GLY B 1156 2.45 -17.87 -41.66
C GLY B 1156 2.05 -17.41 -43.05
N VAL B 1157 0.77 -17.59 -43.37
CA VAL B 1157 0.23 -17.21 -44.68
C VAL B 1157 -1.24 -16.79 -44.52
N ALA B 1158 -1.59 -15.69 -45.16
CA ALA B 1158 -2.99 -15.23 -45.15
C ALA B 1158 -3.54 -15.04 -46.55
N CYS B 1159 -4.81 -15.35 -46.70
CA CYS B 1159 -5.53 -15.09 -47.93
C CYS B 1159 -6.78 -14.28 -47.57
N SER B 1160 -6.95 -13.12 -48.17
CA SER B 1160 -8.08 -12.25 -47.85
C SER B 1160 -8.84 -11.82 -49.10
N GLU B 1161 -10.15 -11.67 -48.93
CA GLU B 1161 -11.04 -11.19 -49.99
C GLU B 1161 -11.85 -9.98 -49.51
N VAL B 1162 -11.92 -8.96 -50.34
CA VAL B 1162 -12.68 -7.76 -50.03
C VAL B 1162 -13.56 -7.37 -51.19
N GLU B 1163 -14.64 -6.64 -50.90
CA GLU B 1163 -15.41 -5.99 -51.92
C GLU B 1163 -15.29 -4.49 -51.69
N ILE B 1164 -14.89 -3.72 -52.69
CA ILE B 1164 -14.86 -2.25 -52.58
C ILE B 1164 -16.07 -1.59 -53.24
N ASP B 1165 -16.45 -0.42 -52.72
CA ASP B 1165 -17.48 0.39 -53.33
C ASP B 1165 -16.74 1.50 -54.06
N CYS B 1166 -16.65 1.37 -55.39
CA CYS B 1166 -15.87 2.27 -56.24
C CYS B 1166 -16.38 3.70 -56.21
N LEU B 1167 -17.63 3.87 -55.81
CA LEU B 1167 -18.24 5.19 -55.70
C LEU B 1167 -18.00 5.94 -54.38
N THR B 1168 -17.68 5.20 -53.28
CA THR B 1168 -17.53 5.85 -51.96
C THR B 1168 -16.14 5.66 -51.34
N GLY B 1169 -15.45 4.60 -51.70
CA GLY B 1169 -14.18 4.31 -51.07
C GLY B 1169 -14.34 3.32 -49.93
N ASP B 1170 -15.60 3.04 -49.56
CA ASP B 1170 -15.89 2.11 -48.48
C ASP B 1170 -15.55 0.70 -48.97
N HIS B 1171 -15.40 -0.25 -48.05
CA HIS B 1171 -15.11 -1.63 -48.44
C HIS B 1171 -15.54 -2.59 -47.34
N LYS B 1172 -15.73 -3.84 -47.73
CA LYS B 1172 -16.18 -4.87 -46.83
C LYS B 1172 -15.13 -5.99 -46.86
N ASN B 1173 -14.70 -6.44 -45.69
CA ASN B 1173 -13.83 -7.63 -45.57
C ASN B 1173 -14.66 -8.92 -45.63
N LEU B 1174 -14.59 -9.59 -46.77
CA LEU B 1174 -15.49 -10.72 -47.02
C LEU B 1174 -15.05 -11.98 -46.30
N ARG B 1175 -13.75 -12.27 -46.36
CA ARG B 1175 -13.19 -13.53 -45.89
C ARG B 1175 -11.66 -13.53 -45.81
N THR B 1176 -11.15 -14.08 -44.74
CA THR B 1176 -9.72 -14.19 -44.52
C THR B 1176 -9.46 -15.61 -44.03
N ASP B 1177 -8.46 -16.29 -44.60
CA ASP B 1177 -7.94 -17.55 -44.06
C ASP B 1177 -6.46 -17.43 -43.67
N ILE B 1178 -6.14 -17.82 -42.44
CA ILE B 1178 -4.77 -17.81 -41.98
C ILE B 1178 -4.33 -19.22 -41.64
N VAL B 1179 -3.11 -19.58 -42.03
CA VAL B 1179 -2.43 -20.76 -41.52
C VAL B 1179 -1.10 -20.28 -40.94
N MET B 1180 -0.94 -20.52 -39.65
CA MET B 1180 0.21 -20.03 -38.91
C MET B 1180 1.03 -21.20 -38.33
N ASP B 1181 2.34 -21.10 -38.43
CA ASP B 1181 3.22 -22.09 -37.83
C ASP B 1181 3.72 -21.58 -36.48
N VAL B 1182 3.19 -22.17 -35.42
CA VAL B 1182 3.58 -21.81 -34.05
C VAL B 1182 4.21 -23.01 -33.32
N GLY B 1183 4.80 -23.94 -34.09
CA GLY B 1183 5.32 -25.20 -33.55
C GLY B 1183 4.19 -25.94 -32.85
N SER B 1184 4.49 -26.57 -31.73
CA SER B 1184 3.49 -27.26 -30.92
C SER B 1184 3.10 -26.27 -29.82
N SER B 1185 1.85 -25.86 -29.87
CA SER B 1185 1.41 -24.77 -29.05
C SER B 1185 1.38 -25.20 -27.58
N LEU B 1186 1.74 -24.30 -26.67
CA LEU B 1186 1.52 -24.56 -25.25
C LEU B 1186 0.03 -24.42 -24.92
N ASN B 1187 -0.66 -23.62 -25.74
CA ASN B 1187 -2.04 -23.29 -25.49
C ASN B 1187 -2.67 -22.82 -26.79
N PRO B 1188 -3.38 -23.73 -27.49
CA PRO B 1188 -3.92 -23.36 -28.82
C PRO B 1188 -4.86 -22.15 -28.78
N ALA B 1189 -5.60 -22.01 -27.69
CA ALA B 1189 -6.58 -20.93 -27.56
C ALA B 1189 -5.86 -19.57 -27.41
N ILE B 1190 -4.84 -19.52 -26.55
CA ILE B 1190 -4.05 -18.30 -26.39
C ILE B 1190 -3.44 -17.88 -27.74
N ASP B 1191 -2.80 -18.85 -28.41
CA ASP B 1191 -2.07 -18.63 -29.66
C ASP B 1191 -2.97 -18.27 -30.84
N ILE B 1192 -4.08 -18.97 -31.01
CA ILE B 1192 -5.08 -18.53 -31.97
C ILE B 1192 -5.51 -17.09 -31.65
N GLY B 1193 -5.76 -16.80 -30.36
CA GLY B 1193 -6.17 -15.45 -29.95
C GLY B 1193 -5.11 -14.40 -30.24
N GLN B 1194 -3.84 -14.78 -30.12
CA GLN B 1194 -2.73 -13.92 -30.51
C GLN B 1194 -2.68 -13.71 -32.03
N VAL B 1195 -2.99 -14.76 -32.81
CA VAL B 1195 -3.00 -14.62 -34.27
C VAL B 1195 -4.10 -13.69 -34.74
N GLU B 1196 -5.28 -13.88 -34.19
CA GLU B 1196 -6.46 -13.09 -34.55
C GLU B 1196 -6.31 -11.64 -34.17
N GLY B 1197 -5.84 -11.40 -32.95
CA GLY B 1197 -5.66 -10.04 -32.44
C GLY B 1197 -4.60 -9.26 -33.20
N ALA B 1198 -3.45 -9.92 -33.42
CA ALA B 1198 -2.35 -9.34 -34.18
C ALA B 1198 -2.80 -9.02 -35.58
N PHE B 1199 -3.42 -9.99 -36.25
CA PHE B 1199 -3.93 -9.78 -37.60
C PHE B 1199 -4.91 -8.60 -37.68
N VAL B 1200 -5.79 -8.45 -36.70
CA VAL B 1200 -6.76 -7.34 -36.75
C VAL B 1200 -6.05 -6.01 -36.52
N GLN B 1201 -5.03 -6.02 -35.66
CA GLN B 1201 -4.27 -4.80 -35.43
C GLN B 1201 -3.55 -4.36 -36.72
N GLY B 1202 -3.10 -5.34 -37.51
CA GLY B 1202 -2.46 -5.08 -38.80
C GLY B 1202 -3.42 -4.54 -39.85
N LEU B 1203 -4.55 -5.22 -39.96
CA LEU B 1203 -5.69 -4.73 -40.71
C LEU B 1203 -5.98 -3.23 -40.40
N GLY B 1204 -5.95 -2.85 -39.12
CA GLY B 1204 -6.04 -1.43 -38.74
C GLY B 1204 -4.96 -0.53 -39.34
N LEU B 1205 -3.73 -1.02 -39.32
CA LEU B 1205 -2.56 -0.28 -39.78
C LEU B 1205 -2.61 0.04 -41.28
N PHE B 1206 -2.93 -0.97 -42.07
CA PHE B 1206 -2.92 -0.85 -43.52
C PHE B 1206 -4.23 -0.35 -44.11
N THR B 1207 -5.31 -0.35 -43.32
CA THR B 1207 -6.60 0.05 -43.89
C THR B 1207 -7.43 1.10 -43.15
N LEU B 1208 -7.33 1.20 -41.83
CA LEU B 1208 -8.26 2.05 -41.09
C LEU B 1208 -7.60 3.21 -40.37
N GLU B 1209 -6.42 2.97 -39.82
CA GLU B 1209 -5.88 3.84 -38.81
C GLU B 1209 -5.04 4.90 -39.45
N GLU B 1210 -5.38 6.15 -39.16
CA GLU B 1210 -4.77 7.31 -39.78
C GLU B 1210 -4.55 8.44 -38.78
N LEU B 1211 -3.29 8.67 -38.45
CA LEU B 1211 -2.93 9.82 -37.64
C LEU B 1211 -2.77 11.03 -38.55
N HIS B 1212 -3.21 12.20 -38.11
CA HIS B 1212 -3.13 13.38 -38.96
C HIS B 1212 -2.73 14.63 -38.16
N TYR B 1213 -1.82 15.40 -38.75
CA TYR B 1213 -1.14 16.54 -38.10
C TYR B 1213 -1.33 17.83 -38.89
N SER B 1214 -1.44 18.97 -38.20
CA SER B 1214 -1.37 20.27 -38.87
C SER B 1214 0.00 20.40 -39.55
N PRO B 1215 0.10 21.30 -40.56
CA PRO B 1215 1.45 21.43 -41.17
C PRO B 1215 2.51 21.90 -40.15
N GLU B 1216 2.07 22.60 -39.09
CA GLU B 1216 2.94 23.01 -37.97
C GLU B 1216 3.27 21.85 -37.01
N GLY B 1217 2.72 20.66 -37.26
CA GLY B 1217 3.08 19.48 -36.48
C GLY B 1217 2.25 19.16 -35.25
N SER B 1218 1.05 19.72 -35.17
CA SER B 1218 0.13 19.46 -34.09
C SER B 1218 -0.85 18.35 -34.47
N LEU B 1219 -0.96 17.34 -33.61
CA LEU B 1219 -1.83 16.18 -33.86
C LEU B 1219 -3.34 16.55 -33.77
N HIS B 1220 -4.08 16.30 -34.84
CA HIS B 1220 -5.54 16.51 -34.88
C HIS B 1220 -6.34 15.31 -34.39
N THR B 1221 -5.83 14.10 -34.67
CA THR B 1221 -6.54 12.87 -34.37
C THR B 1221 -6.17 12.39 -32.96
N ARG B 1222 -6.97 12.74 -31.95
CA ARG B 1222 -6.59 12.46 -30.55
C ARG B 1222 -7.64 11.66 -29.78
N GLY B 1223 -8.54 11.00 -30.51
CA GLY B 1223 -9.51 10.15 -29.84
C GLY B 1223 -10.18 9.18 -30.77
N PRO B 1224 -11.03 8.29 -30.23
CA PRO B 1224 -11.68 7.25 -31.06
C PRO B 1224 -12.66 7.81 -32.06
N SER B 1225 -13.03 9.08 -31.91
CA SER B 1225 -13.91 9.76 -32.86
C SER B 1225 -13.13 10.18 -34.12
N THR B 1226 -11.82 10.39 -34.02
CA THR B 1226 -11.03 10.85 -35.18
C THR B 1226 -9.91 9.86 -35.60
N TYR B 1227 -9.77 8.81 -34.82
CA TYR B 1227 -8.80 7.79 -35.15
C TYR B 1227 -9.52 6.48 -35.05
N LYS B 1228 -9.71 5.79 -36.17
CA LYS B 1228 -10.59 4.64 -36.20
C LYS B 1228 -9.85 3.29 -36.15
N ILE B 1229 -9.75 2.71 -34.97
CA ILE B 1229 -9.26 1.34 -34.86
C ILE B 1229 -10.37 0.36 -35.26
N PRO B 1230 -10.01 -0.87 -35.65
CA PRO B 1230 -11.04 -1.81 -36.04
C PRO B 1230 -12.10 -2.00 -34.96
N ALA B 1231 -13.35 -2.02 -35.40
CA ALA B 1231 -14.53 -2.21 -34.55
C ALA B 1231 -15.07 -3.63 -34.69
N PHE B 1232 -16.03 -4.02 -33.85
CA PHE B 1232 -16.74 -5.29 -34.06
C PHE B 1232 -17.10 -5.57 -35.53
N GLY B 1233 -17.63 -4.57 -36.22
CA GLY B 1233 -18.03 -4.73 -37.61
C GLY B 1233 -16.97 -4.57 -38.67
N SER B 1234 -15.70 -4.46 -38.29
CA SER B 1234 -14.61 -4.29 -39.25
C SER B 1234 -13.99 -5.62 -39.68
N ILE B 1235 -14.24 -6.66 -38.91
CA ILE B 1235 -13.56 -7.93 -39.16
C ILE B 1235 -14.19 -8.70 -40.31
N PRO B 1236 -13.39 -9.60 -40.92
CA PRO B 1236 -13.87 -10.41 -42.06
C PRO B 1236 -15.06 -11.26 -41.66
N THR B 1237 -16.12 -11.23 -42.49
CA THR B 1237 -17.36 -11.99 -42.22
C THR B 1237 -17.04 -13.47 -41.96
N GLU B 1238 -16.17 -14.03 -42.79
CA GLU B 1238 -15.62 -15.33 -42.51
C GLU B 1238 -14.14 -15.22 -42.15
N PHE B 1239 -13.83 -15.63 -40.94
CA PHE B 1239 -12.55 -15.36 -40.35
C PHE B 1239 -12.04 -16.72 -39.83
N ARG B 1240 -11.08 -17.33 -40.54
CA ARG B 1240 -10.55 -18.67 -40.19
C ARG B 1240 -9.09 -18.68 -39.84
N VAL B 1241 -8.77 -19.28 -38.70
CA VAL B 1241 -7.40 -19.49 -38.29
C VAL B 1241 -7.12 -20.98 -38.06
N SER B 1242 -6.00 -21.47 -38.60
CA SER B 1242 -5.48 -22.81 -38.31
C SER B 1242 -4.02 -22.77 -37.90
N LEU B 1243 -3.68 -23.60 -36.93
CA LEU B 1243 -2.30 -23.75 -36.52
C LEU B 1243 -1.76 -24.96 -37.28
N LEU B 1244 -0.63 -24.77 -37.93
CA LEU B 1244 0.03 -25.84 -38.68
C LEU B 1244 0.29 -27.01 -37.73
N ARG B 1245 -0.10 -28.20 -38.16
CA ARG B 1245 0.10 -29.39 -37.34
C ARG B 1245 1.49 -29.98 -37.56
N ASP B 1246 1.90 -30.83 -36.62
CA ASP B 1246 3.09 -31.70 -36.76
C ASP B 1246 4.35 -30.95 -37.16
N CYS B 1247 4.64 -29.86 -36.46
CA CYS B 1247 5.82 -29.02 -36.76
C CYS B 1247 6.50 -28.53 -35.48
N PRO B 1248 6.98 -29.45 -34.63
CA PRO B 1248 7.69 -29.07 -33.40
C PRO B 1248 8.89 -28.13 -33.64
N ASN B 1249 9.19 -27.29 -32.66
CA ASN B 1249 10.37 -26.42 -32.70
C ASN B 1249 11.39 -26.83 -31.62
N LYS B 1250 12.42 -27.55 -32.04
CA LYS B 1250 13.48 -28.02 -31.13
C LYS B 1250 14.10 -26.88 -30.29
N LYS B 1251 14.14 -25.69 -30.89
CA LYS B 1251 14.82 -24.52 -30.33
C LYS B 1251 14.08 -23.75 -29.22
N ALA B 1252 12.88 -24.20 -28.82
CA ALA B 1252 12.09 -23.47 -27.79
C ALA B 1252 11.25 -24.35 -26.88
N ILE B 1253 10.86 -23.81 -25.72
CA ILE B 1253 10.23 -24.55 -24.63
C ILE B 1253 9.10 -25.45 -25.15
N TYR B 1254 9.25 -26.74 -24.88
CA TYR B 1254 8.25 -27.75 -25.23
C TYR B 1254 7.83 -27.66 -26.70
N ALA B 1255 8.80 -27.37 -27.55
CA ALA B 1255 8.62 -27.34 -29.01
C ALA B 1255 7.59 -26.33 -29.53
N SER B 1256 7.28 -25.33 -28.72
CA SER B 1256 6.47 -24.15 -29.12
C SER B 1256 7.28 -23.09 -29.87
N LYS B 1257 6.57 -22.10 -30.41
CA LYS B 1257 7.19 -20.95 -31.09
C LYS B 1257 6.52 -19.65 -30.64
N ALA B 1258 7.31 -18.58 -30.56
CA ALA B 1258 6.80 -17.22 -30.40
C ALA B 1258 5.65 -16.92 -31.36
N VAL B 1259 4.64 -16.20 -30.88
CA VAL B 1259 3.45 -15.92 -31.65
C VAL B 1259 3.00 -14.45 -31.60
N GLY B 1260 3.50 -13.69 -30.63
CA GLY B 1260 3.00 -12.34 -30.37
C GLY B 1260 2.89 -11.39 -31.55
N GLU B 1261 4.01 -11.15 -32.20
CA GLU B 1261 4.10 -10.20 -33.31
C GLU B 1261 4.03 -10.74 -34.73
N PRO B 1262 4.52 -11.99 -34.98
CA PRO B 1262 4.59 -12.46 -36.38
C PRO B 1262 3.29 -12.39 -37.20
N PRO B 1263 2.11 -12.58 -36.57
CA PRO B 1263 0.95 -12.58 -37.46
C PRO B 1263 0.51 -11.18 -37.88
N LEU B 1264 1.03 -10.13 -37.26
CA LEU B 1264 0.48 -8.79 -37.52
C LEU B 1264 0.58 -8.45 -39.01
N PHE B 1265 1.70 -8.75 -39.65
CA PHE B 1265 1.89 -8.37 -41.04
C PHE B 1265 0.89 -8.99 -42.00
N LEU B 1266 0.32 -10.12 -41.62
CA LEU B 1266 -0.65 -10.80 -42.45
C LEU B 1266 -1.95 -9.97 -42.67
N GLY B 1267 -2.22 -8.99 -41.80
CA GLY B 1267 -3.30 -8.05 -42.09
C GLY B 1267 -3.11 -7.38 -43.46
N ALA B 1268 -1.87 -7.35 -43.96
CA ALA B 1268 -1.58 -6.73 -45.25
C ALA B 1268 -2.25 -7.43 -46.42
N SER B 1269 -2.70 -8.67 -46.21
CA SER B 1269 -3.44 -9.36 -47.24
C SER B 1269 -4.74 -8.64 -47.57
N VAL B 1270 -5.28 -7.92 -46.59
CA VAL B 1270 -6.47 -7.08 -46.82
C VAL B 1270 -6.09 -5.95 -47.74
N PHE B 1271 -5.01 -5.23 -47.41
CA PHE B 1271 -4.54 -4.08 -48.19
C PHE B 1271 -4.32 -4.47 -49.66
N PHE B 1272 -3.68 -5.62 -49.86
CA PHE B 1272 -3.38 -6.08 -51.20
C PHE B 1272 -4.60 -6.67 -51.91
N ALA B 1273 -5.55 -7.22 -51.16
CA ALA B 1273 -6.84 -7.57 -51.77
C ALA B 1273 -7.50 -6.29 -52.25
N ILE B 1274 -7.41 -5.23 -51.45
CA ILE B 1274 -7.99 -3.94 -51.83
C ILE B 1274 -7.35 -3.41 -53.13
N LYS B 1275 -6.02 -3.51 -53.21
CA LYS B 1275 -5.29 -3.03 -54.36
C LYS B 1275 -5.69 -3.77 -55.65
N ASP B 1276 -5.80 -5.09 -55.56
CA ASP B 1276 -6.37 -5.93 -56.60
C ASP B 1276 -7.77 -5.39 -57.06
N ALA B 1277 -8.69 -5.12 -56.13
CA ALA B 1277 -10.01 -4.57 -56.49
C ALA B 1277 -9.99 -3.18 -57.14
N ILE B 1278 -9.01 -2.37 -56.74
CA ILE B 1278 -8.85 -1.02 -57.30
C ILE B 1278 -8.36 -1.16 -58.74
N ARG B 1279 -7.51 -2.16 -58.97
CA ARG B 1279 -6.96 -2.43 -60.29
C ARG B 1279 -8.10 -2.84 -61.25
N ALA B 1280 -9.03 -3.65 -60.75
CA ALA B 1280 -10.21 -4.03 -61.53
C ALA B 1280 -11.12 -2.83 -61.86
N ALA B 1281 -11.21 -1.87 -60.94
CA ALA B 1281 -12.05 -0.68 -61.13
C ALA B 1281 -11.40 0.30 -62.11
N ARG B 1282 -10.08 0.32 -62.13
CA ARG B 1282 -9.36 1.15 -63.06
C ARG B 1282 -9.49 0.62 -64.49
N ALA B 1283 -9.44 -0.72 -64.65
CA ALA B 1283 -9.65 -1.37 -65.94
C ALA B 1283 -11.03 -1.00 -66.52
N GLN B 1284 -12.04 -0.96 -65.64
CA GLN B 1284 -13.39 -0.59 -66.03
C GLN B 1284 -13.49 0.88 -66.47
N HIS B 1285 -12.87 1.79 -65.72
CA HIS B 1285 -13.20 3.21 -65.88
C HIS B 1285 -12.16 4.18 -66.47
N THR B 1286 -10.93 3.73 -66.68
CA THR B 1286 -9.84 4.62 -67.16
C THR B 1286 -9.32 4.27 -68.57
N ASN B 1287 -8.20 4.92 -68.96
CA ASN B 1287 -7.47 4.60 -70.21
C ASN B 1287 -6.92 3.15 -70.29
N ASN B 1288 -6.85 2.49 -69.14
CA ASN B 1288 -6.59 1.03 -69.02
C ASN B 1288 -5.37 0.45 -69.78
N ASN B 1289 -4.17 0.62 -69.24
CA ASN B 1289 -3.08 -0.32 -69.56
C ASN B 1289 -3.38 -1.49 -68.64
N THR B 1290 -3.47 -2.70 -69.19
CA THR B 1290 -3.65 -3.90 -68.37
C THR B 1290 -2.43 -4.10 -67.44
N LYS B 1291 -1.28 -3.57 -67.86
CA LYS B 1291 -0.01 -3.72 -67.13
C LYS B 1291 0.39 -2.45 -66.36
N GLU B 1292 -0.63 -1.65 -65.99
CA GLU B 1292 -0.42 -0.33 -65.39
C GLU B 1292 -0.05 -0.39 -63.91
N LEU B 1293 0.75 0.59 -63.49
CA LEU B 1293 1.17 0.67 -62.10
C LEU B 1293 0.73 1.99 -61.52
N PHE B 1294 0.33 1.97 -60.25
CA PHE B 1294 -0.06 3.20 -59.57
C PHE B 1294 0.38 3.13 -58.11
N ARG B 1295 0.71 4.28 -57.54
CA ARG B 1295 1.24 4.29 -56.18
C ARG B 1295 0.06 4.27 -55.19
N LEU B 1296 0.11 3.38 -54.20
CA LEU B 1296 -0.93 3.35 -53.15
C LEU B 1296 -0.24 3.18 -51.81
N ASP B 1297 -0.21 4.27 -51.02
CA ASP B 1297 0.47 4.30 -49.73
C ASP B 1297 -0.38 3.60 -48.69
N SER B 1298 0.25 3.27 -47.55
CA SER B 1298 -0.52 2.79 -46.40
C SER B 1298 -0.77 3.96 -45.42
N PRO B 1299 -2.00 4.07 -44.87
CA PRO B 1299 -3.16 3.17 -44.96
C PRO B 1299 -4.10 3.44 -46.12
N ALA B 1300 -4.74 2.39 -46.64
CA ALA B 1300 -5.71 2.54 -47.71
C ALA B 1300 -7.04 2.97 -47.09
N THR B 1301 -7.12 4.24 -46.68
CA THR B 1301 -8.36 4.81 -46.19
C THR B 1301 -9.40 4.93 -47.31
N PRO B 1302 -10.67 5.13 -46.96
CA PRO B 1302 -11.64 5.44 -47.99
C PRO B 1302 -11.17 6.54 -48.97
N GLU B 1303 -10.56 7.62 -48.48
CA GLU B 1303 -10.08 8.69 -49.35
C GLU B 1303 -9.09 8.18 -50.43
N LYS B 1304 -8.12 7.36 -50.01
CA LYS B 1304 -7.11 6.85 -50.94
C LYS B 1304 -7.73 5.92 -51.95
N ILE B 1305 -8.55 4.99 -51.47
CA ILE B 1305 -9.28 4.05 -52.33
C ILE B 1305 -10.15 4.75 -53.37
N ARG B 1306 -10.96 5.71 -52.92
CA ARG B 1306 -11.89 6.41 -53.82
C ARG B 1306 -11.15 7.23 -54.88
N ASN B 1307 -10.11 7.95 -54.47
CA ASN B 1307 -9.26 8.71 -55.37
C ASN B 1307 -8.55 7.85 -56.41
N ALA B 1308 -8.24 6.61 -56.07
CA ALA B 1308 -7.58 5.71 -57.02
C ALA B 1308 -8.55 5.01 -57.98
N CYS B 1309 -9.83 5.04 -57.66
CA CYS B 1309 -10.88 4.57 -58.57
C CYS B 1309 -11.26 5.69 -59.57
N VAL B 1310 -10.27 6.09 -60.38
CA VAL B 1310 -10.41 7.19 -61.37
C VAL B 1310 -11.59 6.92 -62.33
N ASP B 1311 -12.46 7.92 -62.51
CA ASP B 1311 -13.65 7.76 -63.37
C ASP B 1311 -14.23 9.12 -63.82
N LYS B 1312 -15.44 9.12 -64.42
CA LYS B 1312 -16.03 10.39 -64.90
C LYS B 1312 -16.24 11.42 -63.79
N PHE B 1313 -16.25 10.97 -62.54
CA PHE B 1313 -16.47 11.84 -61.39
C PHE B 1313 -15.19 12.46 -60.88
N THR B 1314 -14.21 11.63 -60.55
CA THR B 1314 -12.90 12.11 -60.05
C THR B 1314 -12.30 13.13 -61.01
N THR B 1315 -12.43 12.88 -62.32
CA THR B 1315 -11.86 13.71 -63.38
C THR B 1315 -12.75 14.88 -63.80
N LEU B 1316 -14.00 14.87 -63.35
CA LEU B 1316 -15.02 15.86 -63.74
C LEU B 1316 -15.47 15.70 -65.20
N CYS B 1317 -15.04 14.63 -65.85
CA CYS B 1317 -15.41 14.39 -67.24
C CYS B 1317 -16.95 14.19 -67.41
N VAL B 1318 -17.66 13.95 -66.31
CA VAL B 1318 -19.12 13.86 -66.32
C VAL B 1318 -19.76 15.26 -66.33
N THR B 1319 -18.92 16.29 -66.21
CA THR B 1319 -19.33 17.70 -65.97
C THR B 1319 -19.75 18.48 -67.24
FE1 FES C . 13.29 0.50 22.01
FE2 FES C . 13.84 2.76 23.53
S1 FES C . 14.87 2.00 21.80
S2 FES C . 12.06 1.44 23.58
FE1 FES D . 1.34 9.21 26.24
FE2 FES D . 2.47 6.73 27.05
S1 FES D . 2.37 8.66 28.07
S2 FES D . 1.42 7.29 25.21
PA FAD E . -8.51 16.81 35.69
O1A FAD E . -8.27 15.40 35.23
O2A FAD E . -8.70 17.75 34.56
O5B FAD E . -9.71 16.82 36.77
C5B FAD E . -9.67 15.94 37.88
C4B FAD E . -10.91 16.08 38.76
O4B FAD E . -10.82 17.27 39.53
C3B FAD E . -12.15 16.19 37.90
O3B FAD E . -13.20 15.48 38.52
C2B FAD E . -12.40 17.68 37.84
O2B FAD E . -13.75 17.94 37.71
C1B FAD E . -11.90 18.13 39.20
N9A FAD E . -11.40 19.50 39.30
C8A FAD E . -10.29 20.06 38.71
N7A FAD E . -10.17 21.34 39.14
C5A FAD E . -11.19 21.59 40.00
C6A FAD E . -11.58 22.72 40.72
N6A FAD E . -10.76 23.75 40.86
N1A FAD E . -12.69 22.64 41.52
C2A FAD E . -13.46 21.50 41.64
N3A FAD E . -13.09 20.38 40.91
C4A FAD E . -11.97 20.43 40.11
N1 FAD E . -0.98 11.70 41.97
C2 FAD E . -0.34 11.52 43.15
O2 FAD E . -0.85 11.96 44.19
N3 FAD E . 0.89 10.89 43.22
C4 FAD E . 1.47 10.41 42.08
O4 FAD E . 2.57 9.84 42.16
C4X FAD E . 0.83 10.59 40.85
N5 FAD E . 1.42 10.12 39.69
C5X FAD E . 0.77 10.27 38.49
C6 FAD E . 1.38 9.75 37.35
C7 FAD E . 0.75 9.90 36.12
C7M FAD E . 1.41 9.33 34.91
C8 FAD E . -0.51 10.54 36.05
C8M FAD E . -1.25 10.72 34.74
C9 FAD E . -1.11 11.03 37.22
C9A FAD E . -0.48 10.90 38.44
N10 FAD E . -1.05 11.40 39.61
C10 FAD E . -0.40 11.23 40.80
C1' FAD E . -2.39 12.09 39.61
C2' FAD E . -2.31 13.55 39.19
O2' FAD E . -1.70 14.37 40.16
C3' FAD E . -3.71 14.05 38.91
O3' FAD E . -4.23 13.27 37.84
C4' FAD E . -3.76 15.52 38.51
O4' FAD E . -3.14 16.36 39.47
C5' FAD E . -5.21 15.95 38.32
O5' FAD E . -5.24 17.29 37.91
P FAD E . -5.82 17.67 36.46
O1P FAD E . -5.63 19.15 36.29
O2P FAD E . -5.21 16.82 35.37
O3P FAD E . -7.37 17.33 36.69
P XAX F . 18.90 -11.86 17.21
MO XAX F . 13.45 -14.31 21.66
N1 XAX F . 16.79 -6.08 21.30
O1 XAX F . 14.17 -16.23 21.78
C2 XAX F . 15.85 -5.12 21.07
N2 XAX F . 16.20 -3.81 21.06
O2 XAX F . 12.03 -14.07 20.21
N3 XAX F . 14.53 -5.41 20.88
S3 XAX F . 12.64 -15.02 23.67
C4 XAX F . 14.06 -6.68 20.93
O4 XAX F . 12.73 -6.89 20.71
N5 XAX F . 14.59 -9.16 21.53
C6 XAX F . 15.60 -10.10 22.05
C7 XAX F . 17.00 -9.82 21.47
N8 XAX F . 17.33 -8.38 21.52
C9 XAX F . 15.00 -7.83 21.03
C1' XAX F . 15.24 -11.56 21.82
S1' XAX F . 13.98 -12.27 22.67
C10 XAX F . 16.41 -7.40 21.33
O1P XAX F . 18.68 -13.33 16.88
C2' XAX F . 15.93 -12.32 20.93
S2' XAX F . 15.68 -13.97 20.89
O2P XAX F . 19.77 -11.58 18.40
C3' XAX F . 16.94 -11.69 19.99
O3' XAX F . 17.05 -10.27 20.11
O3P XAX F . 19.13 -10.98 16.01
C4' XAX F . 16.59 -12.01 18.54
O4' XAX F . 17.42 -11.30 17.65
C1' SAL G . 14.69 -22.21 21.87
O1' SAL G . 15.00 -23.44 21.90
O2' SAL G . 15.28 -21.33 22.54
C1 SAL G . 13.54 -21.78 21.03
C2 SAL G . 12.68 -22.80 20.36
C3 SAL G . 11.59 -22.37 19.59
C4 SAL G . 11.39 -20.99 19.49
C5 SAL G . 12.23 -20.04 20.12
C6 SAL G . 13.30 -20.42 20.90
O2 SAL G . 12.90 -24.15 20.50
C BCT H . 9.64 -17.72 28.98
O1 BCT H . 10.69 -17.49 29.63
O2 BCT H . 8.59 -18.01 29.57
O3 BCT H . 9.66 -17.64 27.64
C1 GOL I . -4.76 2.57 14.40
O1 GOL I . -4.42 3.85 13.89
C2 GOL I . -5.61 2.73 15.66
O2 GOL I . -4.95 3.57 16.54
C3 GOL I . -5.87 1.45 16.43
O3 GOL I . -6.03 0.39 15.56
C1 GOL J . -6.69 -14.66 23.26
O1 GOL J . -7.93 -14.86 22.65
C2 GOL J . -6.21 -15.98 23.84
O2 GOL J . -7.29 -16.65 24.45
C3 GOL J . -5.15 -15.69 24.90
O3 GOL J . -4.49 -16.89 25.23
C1 GOL K . -5.91 0.60 32.55
O1 GOL K . -6.31 -0.21 33.64
C2 GOL K . -5.19 1.82 33.07
O2 GOL K . -3.92 1.44 33.58
C3 GOL K . -6.04 2.41 34.18
O3 GOL K . -5.39 3.58 34.62
CA CA L . 1.29 -21.30 26.67
FE1 FES M . -7.73 -6.05 -24.25
FE2 FES M . -10.41 -6.11 -25.12
S1 FES M . -9.24 -7.64 -24.11
S2 FES M . -8.95 -4.47 -25.05
FE1 FES N . -16.63 6.30 -21.83
FE2 FES N . -14.56 5.57 -23.68
S1 FES N . -16.75 5.75 -23.90
S2 FES N . -14.47 5.93 -21.53
PA FAD O . -26.35 18.10 -25.07
O1A FAD O . -24.86 17.83 -25.16
O2A FAD O . -26.95 17.78 -23.74
O5B FAD O . -26.63 19.60 -25.61
C5B FAD O . -26.19 19.95 -26.92
C4B FAD O . -26.48 21.41 -27.25
O4B FAD O . -27.85 21.56 -27.60
C3B FAD O . -26.28 22.37 -26.09
O3B FAD O . -25.83 23.62 -26.59
C2B FAD O . -27.67 22.49 -25.47
O2B FAD O . -27.82 23.68 -24.75
C1B FAD O . -28.53 22.43 -26.71
N9A FAD O . -29.88 21.91 -26.54
C8A FAD O . -30.26 20.64 -26.18
N7A FAD O . -31.63 20.60 -26.19
C5A FAD O . -32.12 21.79 -26.58
C6A FAD O . -33.43 22.28 -26.77
N6A FAD O . -34.49 21.48 -26.63
N1A FAD O . -33.61 23.59 -27.18
C2A FAD O . -32.51 24.41 -27.41
N3A FAD O . -31.21 23.93 -27.22
C4A FAD O . -31.03 22.63 -26.81
N1 FAD O . -23.71 13.22 -34.42
C2 FAD O . -24.00 13.00 -35.74
O2 FAD O . -24.68 13.84 -36.33
N3 FAD O . -23.50 11.90 -36.40
C4 FAD O . -22.71 11.00 -35.70
O4 FAD O . -22.27 10.00 -36.26
C4X FAD O . -22.45 11.20 -34.35
N5 FAD O . -21.68 10.31 -33.63
C5X FAD O . -21.40 10.54 -32.29
C6 FAD O . -20.60 9.63 -31.59
C7 FAD O . -20.33 9.86 -30.25
C7M FAD O . -19.47 8.87 -29.50
C8 FAD O . -20.84 11.00 -29.61
C8M FAD O . -20.54 11.25 -28.16
C9 FAD O . -21.62 11.91 -30.30
C9A FAD O . -21.91 11.69 -31.65
N10 FAD O . -22.72 12.57 -32.39
C10 FAD O . -22.95 12.33 -33.72
C1' FAD O . -23.32 13.82 -31.83
C2' FAD O . -24.61 13.47 -31.08
O2' FAD O . -25.66 13.04 -31.93
C3' FAD O . -25.02 14.72 -30.32
O3' FAD O . -23.96 15.03 -29.43
C4' FAD O . -26.28 14.54 -29.49
O4' FAD O . -27.38 14.27 -30.33
C5' FAD O . -26.60 15.79 -28.70
O5' FAD O . -27.66 15.49 -27.83
P FAD O . -27.44 15.68 -26.26
O1P FAD O . -28.78 15.47 -25.57
O2P FAD O . -26.36 14.71 -25.80
O3P FAD O . -27.05 17.23 -26.23
P XAX P . 5.08 -12.37 -25.24
MO XAX P . 6.41 -5.72 -28.46
N1 XAX P . -1.41 -9.26 -26.64
O1 XAX P . 8.18 -6.40 -29.31
C2 XAX P . -2.21 -8.51 -25.88
N2 XAX P . -3.45 -8.92 -25.56
O2 XAX P . 6.88 -4.86 -26.69
N3 XAX P . -1.76 -7.34 -25.41
S3 XAX P . 6.58 -4.22 -30.20
C4 XAX P . -0.53 -6.82 -25.69
O4 XAX P . -0.23 -5.62 -25.17
N5 XAX P . 1.38 -6.97 -27.35
C6 XAX P . 2.12 -7.83 -28.27
C7 XAX P . 1.95 -9.34 -28.00
N8 XAX P . 0.58 -9.67 -27.73
C9 XAX P . 0.45 -7.62 -26.45
C1' XAX P . 3.61 -7.51 -28.28
S1' XAX P . 4.09 -6.02 -28.81
C10 XAX P . -0.16 -8.86 -26.97
O1P XAX P . 6.56 -12.10 -25.34
C2' XAX P . 4.55 -8.39 -27.89
S2' XAX P . 6.19 -8.05 -28.21
O2P XAX P . 4.45 -12.87 -26.50
C3' XAX P . 4.14 -9.67 -27.19
O3' XAX P . 2.73 -9.75 -26.89
O3P XAX P . 4.67 -12.99 -23.94
C4' XAX P . 4.87 -9.79 -25.85
O4' XAX P . 4.39 -10.92 -25.13
C1' SAL Q . 13.94 -6.55 -31.36
O1' SAL Q . 15.07 -6.82 -31.83
O2' SAL Q . 12.88 -6.94 -31.91
C1 SAL Q . 13.77 -5.73 -30.11
C2 SAL Q . 14.91 -4.97 -29.50
C3 SAL Q . 14.69 -4.23 -28.35
C4 SAL Q . 13.41 -4.25 -27.81
C5 SAL Q . 12.35 -4.95 -28.37
C6 SAL Q . 12.50 -5.69 -29.52
O2 SAL Q . 16.14 -4.97 -30.05
C BCT R . 7.63 0.41 -35.05
O1 BCT R . 7.24 -0.40 -35.94
O2 BCT R . 7.81 1.63 -35.31
O3 BCT R . 7.83 -0.02 -33.81
C1 GOL S . -6.04 10.61 -13.33
O1 GOL S . -4.77 10.68 -12.74
C2 GOL S . -6.89 9.47 -12.78
O2 GOL S . -8.24 9.82 -12.93
C3 GOL S . -6.57 9.26 -11.31
O3 GOL S . -7.37 8.27 -10.70
C1 GOL T . 7.81 13.12 -26.17
O1 GOL T . 8.79 12.67 -27.12
C2 GOL T . 8.54 13.78 -25.01
O2 GOL T . 9.04 14.99 -25.53
C3 GOL T . 7.58 14.08 -23.86
O3 GOL T . 8.05 15.15 -23.07
CA CA U . 12.39 7.70 -31.40
#